data_6QEK
# 
_entry.id   6QEK 
# 
_audit_conform.dict_name       mmcif_pdbx.dic 
_audit_conform.dict_version    5.391 
_audit_conform.dict_location   http://mmcif.pdb.org/dictionaries/ascii/mmcif_pdbx.dic 
# 
loop_
_database_2.database_id 
_database_2.database_code 
_database_2.pdbx_database_accession 
_database_2.pdbx_DOI 
PDB   6QEK         pdb_00006qek 10.2210/pdb6qek/pdb 
WWPDB D_1292100034 ?            ?                   
# 
loop_
_pdbx_audit_revision_history.ordinal 
_pdbx_audit_revision_history.data_content_type 
_pdbx_audit_revision_history.major_revision 
_pdbx_audit_revision_history.minor_revision 
_pdbx_audit_revision_history.revision_date 
1 'Structure model' 1 0 2019-01-23 
2 'Structure model' 1 1 2024-05-01 
# 
_pdbx_audit_revision_details.ordinal             1 
_pdbx_audit_revision_details.revision_ordinal    1 
_pdbx_audit_revision_details.data_content_type   'Structure model' 
_pdbx_audit_revision_details.provider            repository 
_pdbx_audit_revision_details.type                'Initial release' 
_pdbx_audit_revision_details.description         ? 
_pdbx_audit_revision_details.details             ? 
# 
loop_
_pdbx_audit_revision_group.ordinal 
_pdbx_audit_revision_group.revision_ordinal 
_pdbx_audit_revision_group.data_content_type 
_pdbx_audit_revision_group.group 
1 2 'Structure model' 'Data collection'        
2 2 'Structure model' 'Database references'    
3 2 'Structure model' 'Refinement description' 
# 
loop_
_pdbx_audit_revision_category.ordinal 
_pdbx_audit_revision_category.revision_ordinal 
_pdbx_audit_revision_category.data_content_type 
_pdbx_audit_revision_category.category 
1 2 'Structure model' chem_comp_atom                
2 2 'Structure model' chem_comp_bond                
3 2 'Structure model' database_2                    
4 2 'Structure model' pdbx_initial_refinement_model 
# 
loop_
_pdbx_audit_revision_item.ordinal 
_pdbx_audit_revision_item.revision_ordinal 
_pdbx_audit_revision_item.data_content_type 
_pdbx_audit_revision_item.item 
1 2 'Structure model' '_database_2.pdbx_DOI'                
2 2 'Structure model' '_database_2.pdbx_database_accession' 
# 
_pdbx_database_status.status_code                     REL 
_pdbx_database_status.status_code_sf                  REL 
_pdbx_database_status.status_code_mr                  ? 
_pdbx_database_status.entry_id                        6QEK 
_pdbx_database_status.recvd_initial_deposition_date   2019-01-08 
_pdbx_database_status.SG_entry                        N 
_pdbx_database_status.deposit_site                    PDBE 
_pdbx_database_status.process_site                    PDBE 
_pdbx_database_status.status_code_cs                  ? 
_pdbx_database_status.methods_development_category    ? 
_pdbx_database_status.pdb_format_compatible           Y 
_pdbx_database_status.status_code_nmr_data            ? 
# 
loop_
_audit_author.name 
_audit_author.pdbx_ordinal 
_audit_author.identifier_ORCID 
'Keren, N.K.'    1 0000-0001-9886-9713 
'Zarivach, R.Z.' 2 0000-0001-6543-0296 
# 
_citation.abstract                  ? 
_citation.abstract_id_CAS           ? 
_citation.book_id_ISBN              ? 
_citation.book_publisher            ? 
_citation.book_publisher_city       ? 
_citation.book_title                ? 
_citation.coordinate_linkage        ? 
_citation.country                   ? 
_citation.database_id_Medline       ? 
_citation.details                   ? 
_citation.id                        primary 
_citation.journal_abbrev            'To Be Published' 
_citation.journal_id_ASTM           ? 
_citation.journal_id_CSD            0353 
_citation.journal_id_ISSN           ? 
_citation.journal_full              ? 
_citation.journal_issue             ? 
_citation.journal_volume            ? 
_citation.language                  ? 
_citation.page_first                ? 
_citation.page_last                 ? 
_citation.title                     
;Putative membrane tansporter, magnetosome protein MamM CTD
[Desulfamplus magnetovallimortis BW-1]
;
_citation.year                      ? 
_citation.database_id_CSD           ? 
_citation.pdbx_database_id_DOI      ? 
_citation.pdbx_database_id_PubMed   ? 
_citation.unpublished_flag          ? 
# 
loop_
_citation_author.citation_id 
_citation_author.name 
_citation_author.ordinal 
_citation_author.identifier_ORCID 
primary 'Keren, N.K.'    1 0000-0001-9886-9713 
primary 'Zarivach, R.Z.' 2 0000-0001-6543-0296 
# 
loop_
_entity.id 
_entity.type 
_entity.src_method 
_entity.pdbx_description 
_entity.formula_weight 
_entity.pdbx_number_of_molecules 
_entity.pdbx_ec 
_entity.pdbx_mutation 
_entity.pdbx_fragment 
_entity.details 
1 polymer man 'Magnetosome protein' 8922.250 2  ? ? ? ? 
2 water   nat water                 18.015   48 ? ? ? ? 
# 
_entity_poly.entity_id                      1 
_entity_poly.type                           'polypeptide(L)' 
_entity_poly.nstd_linkage                   no 
_entity_poly.nstd_monomer                   no 
_entity_poly.pdbx_seq_one_letter_code       DIYGDEITAVVSKIENVKGISQLKTRHIGQKIWAELNILVDPDSTIVQGETIASRVKKALTEQIRDIERVVVHFEPARK 
_entity_poly.pdbx_seq_one_letter_code_can   DIYGDEITAVVSKIENVKGISQLKTRHIGQKIWAELNILVDPDSTIVQGETIASRVKKALTEQIRDIERVVVHFEPARK 
_entity_poly.pdbx_strand_id                 A,B 
_entity_poly.pdbx_target_identifier         ? 
# 
_pdbx_entity_nonpoly.entity_id   2 
_pdbx_entity_nonpoly.name        water 
_pdbx_entity_nonpoly.comp_id     HOH 
# 
loop_
_entity_poly_seq.entity_id 
_entity_poly_seq.num 
_entity_poly_seq.mon_id 
_entity_poly_seq.hetero 
1 1  ASP n 
1 2  ILE n 
1 3  TYR n 
1 4  GLY n 
1 5  ASP n 
1 6  GLU n 
1 7  ILE n 
1 8  THR n 
1 9  ALA n 
1 10 VAL n 
1 11 VAL n 
1 12 SER n 
1 13 LYS n 
1 14 ILE n 
1 15 GLU n 
1 16 ASN n 
1 17 VAL n 
1 18 LYS n 
1 19 GLY n 
1 20 ILE n 
1 21 SER n 
1 22 GLN n 
1 23 LEU n 
1 24 LYS n 
1 25 THR n 
1 26 ARG n 
1 27 HIS n 
1 28 ILE n 
1 29 GLY n 
1 30 GLN n 
1 31 LYS n 
1 32 ILE n 
1 33 TRP n 
1 34 ALA n 
1 35 GLU n 
1 36 LEU n 
1 37 ASN n 
1 38 ILE n 
1 39 LEU n 
1 40 VAL n 
1 41 ASP n 
1 42 PRO n 
1 43 ASP n 
1 44 SER n 
1 45 THR n 
1 46 ILE n 
1 47 VAL n 
1 48 GLN n 
1 49 GLY n 
1 50 GLU n 
1 51 THR n 
1 52 ILE n 
1 53 ALA n 
1 54 SER n 
1 55 ARG n 
1 56 VAL n 
1 57 LYS n 
1 58 LYS n 
1 59 ALA n 
1 60 LEU n 
1 61 THR n 
1 62 GLU n 
1 63 GLN n 
1 64 ILE n 
1 65 ARG n 
1 66 ASP n 
1 67 ILE n 
1 68 GLU n 
1 69 ARG n 
1 70 VAL n 
1 71 VAL n 
1 72 VAL n 
1 73 HIS n 
1 74 PHE n 
1 75 GLU n 
1 76 PRO n 
1 77 ALA n 
1 78 ARG n 
1 79 LYS n 
# 
_entity_src_gen.entity_id                          1 
_entity_src_gen.pdbx_src_id                        1 
_entity_src_gen.pdbx_alt_source_flag               sample 
_entity_src_gen.pdbx_seq_type                      'Biological sequence' 
_entity_src_gen.pdbx_beg_seq_num                   1 
_entity_src_gen.pdbx_end_seq_num                   79 
_entity_src_gen.gene_src_common_name               ? 
_entity_src_gen.gene_src_genus                     ? 
_entity_src_gen.pdbx_gene_src_gene                 mamM 
_entity_src_gen.gene_src_species                   ? 
_entity_src_gen.gene_src_strain                    ? 
_entity_src_gen.gene_src_tissue                    ? 
_entity_src_gen.gene_src_tissue_fraction           ? 
_entity_src_gen.gene_src_details                   ? 
_entity_src_gen.pdbx_gene_src_fragment             ? 
_entity_src_gen.pdbx_gene_src_scientific_name      'Desulfamplus magnetovallimortis BW-1' 
_entity_src_gen.pdbx_gene_src_ncbi_taxonomy_id     1073250 
_entity_src_gen.pdbx_gene_src_variant              ? 
_entity_src_gen.pdbx_gene_src_cell_line            ? 
_entity_src_gen.pdbx_gene_src_atcc                 ? 
_entity_src_gen.pdbx_gene_src_organ                ? 
_entity_src_gen.pdbx_gene_src_organelle            ? 
_entity_src_gen.pdbx_gene_src_cell                 ? 
_entity_src_gen.pdbx_gene_src_cellular_location    ? 
_entity_src_gen.host_org_common_name               ? 
_entity_src_gen.pdbx_host_org_scientific_name      
;Escherichia coli 'BL21-Gold(DE3)pLysS AG'
;
_entity_src_gen.pdbx_host_org_ncbi_taxonomy_id     866768 
_entity_src_gen.host_org_genus                     ? 
_entity_src_gen.pdbx_host_org_gene                 ? 
_entity_src_gen.pdbx_host_org_organ                ? 
_entity_src_gen.host_org_species                   ? 
_entity_src_gen.pdbx_host_org_tissue               ? 
_entity_src_gen.pdbx_host_org_tissue_fraction      ? 
_entity_src_gen.pdbx_host_org_strain               ? 
_entity_src_gen.pdbx_host_org_variant              ? 
_entity_src_gen.pdbx_host_org_cell_line            ? 
_entity_src_gen.pdbx_host_org_atcc                 ? 
_entity_src_gen.pdbx_host_org_culture_collection   ? 
_entity_src_gen.pdbx_host_org_cell                 ? 
_entity_src_gen.pdbx_host_org_organelle            ? 
_entity_src_gen.pdbx_host_org_cellular_location    ? 
_entity_src_gen.pdbx_host_org_vector_type          ? 
_entity_src_gen.pdbx_host_org_vector               ? 
_entity_src_gen.host_org_details                   ? 
_entity_src_gen.expression_system_id               ? 
_entity_src_gen.plasmid_name                       ? 
_entity_src_gen.plasmid_details                    ? 
_entity_src_gen.pdbx_description                   ? 
# 
loop_
_chem_comp.id 
_chem_comp.type 
_chem_comp.mon_nstd_flag 
_chem_comp.name 
_chem_comp.pdbx_synonyms 
_chem_comp.formula 
_chem_comp.formula_weight 
ALA 'L-peptide linking' y ALANINE         ? 'C3 H7 N O2'     89.093  
ARG 'L-peptide linking' y ARGININE        ? 'C6 H15 N4 O2 1' 175.209 
ASN 'L-peptide linking' y ASPARAGINE      ? 'C4 H8 N2 O3'    132.118 
ASP 'L-peptide linking' y 'ASPARTIC ACID' ? 'C4 H7 N O4'     133.103 
GLN 'L-peptide linking' y GLUTAMINE       ? 'C5 H10 N2 O3'   146.144 
GLU 'L-peptide linking' y 'GLUTAMIC ACID' ? 'C5 H9 N O4'     147.129 
GLY 'peptide linking'   y GLYCINE         ? 'C2 H5 N O2'     75.067  
HIS 'L-peptide linking' y HISTIDINE       ? 'C6 H10 N3 O2 1' 156.162 
HOH non-polymer         . WATER           ? 'H2 O'           18.015  
ILE 'L-peptide linking' y ISOLEUCINE      ? 'C6 H13 N O2'    131.173 
LEU 'L-peptide linking' y LEUCINE         ? 'C6 H13 N O2'    131.173 
LYS 'L-peptide linking' y LYSINE          ? 'C6 H15 N2 O2 1' 147.195 
PHE 'L-peptide linking' y PHENYLALANINE   ? 'C9 H11 N O2'    165.189 
PRO 'L-peptide linking' y PROLINE         ? 'C5 H9 N O2'     115.130 
SER 'L-peptide linking' y SERINE          ? 'C3 H7 N O3'     105.093 
THR 'L-peptide linking' y THREONINE       ? 'C4 H9 N O3'     119.119 
TRP 'L-peptide linking' y TRYPTOPHAN      ? 'C11 H12 N2 O2'  204.225 
TYR 'L-peptide linking' y TYROSINE        ? 'C9 H11 N O3'    181.189 
VAL 'L-peptide linking' y VALINE          ? 'C5 H11 N O2'    117.146 
# 
loop_
_pdbx_poly_seq_scheme.asym_id 
_pdbx_poly_seq_scheme.entity_id 
_pdbx_poly_seq_scheme.seq_id 
_pdbx_poly_seq_scheme.mon_id 
_pdbx_poly_seq_scheme.ndb_seq_num 
_pdbx_poly_seq_scheme.pdb_seq_num 
_pdbx_poly_seq_scheme.auth_seq_num 
_pdbx_poly_seq_scheme.pdb_mon_id 
_pdbx_poly_seq_scheme.auth_mon_id 
_pdbx_poly_seq_scheme.pdb_strand_id 
_pdbx_poly_seq_scheme.pdb_ins_code 
_pdbx_poly_seq_scheme.hetero 
A 1 1  ASP 1  1  1  ASP ASP A . n 
A 1 2  ILE 2  2  2  ILE ILE A . n 
A 1 3  TYR 3  3  3  TYR TYR A . n 
A 1 4  GLY 4  4  4  GLY GLY A . n 
A 1 5  ASP 5  5  5  ASP ASP A . n 
A 1 6  GLU 6  6  6  GLU GLU A . n 
A 1 7  ILE 7  7  7  ILE ILE A . n 
A 1 8  THR 8  8  8  THR THR A . n 
A 1 9  ALA 9  9  9  ALA ALA A . n 
A 1 10 VAL 10 10 10 VAL VAL A . n 
A 1 11 VAL 11 11 11 VAL VAL A . n 
A 1 12 SER 12 12 12 SER SER A . n 
A 1 13 LYS 13 13 13 LYS LYS A . n 
A 1 14 ILE 14 14 14 ILE ILE A . n 
A 1 15 GLU 15 15 15 GLU GLU A . n 
A 1 16 ASN 16 16 16 ASN ASN A . n 
A 1 17 VAL 17 17 17 VAL VAL A . n 
A 1 18 LYS 18 18 18 LYS LYS A . n 
A 1 19 GLY 19 19 19 GLY GLY A . n 
A 1 20 ILE 20 20 20 ILE ILE A . n 
A 1 21 SER 21 21 21 SER SER A . n 
A 1 22 GLN 22 22 22 GLN GLN A . n 
A 1 23 LEU 23 23 23 LEU LEU A . n 
A 1 24 LYS 24 24 24 LYS LYS A . n 
A 1 25 THR 25 25 25 THR THR A . n 
A 1 26 ARG 26 26 26 ARG ARG A . n 
A 1 27 HIS 27 27 27 HIS HIS A . n 
A 1 28 ILE 28 28 28 ILE ILE A . n 
A 1 29 GLY 29 29 29 GLY GLY A . n 
A 1 30 GLN 30 30 30 GLN GLN A . n 
A 1 31 LYS 31 31 31 LYS LYS A . n 
A 1 32 ILE 32 32 32 ILE ILE A . n 
A 1 33 TRP 33 33 33 TRP TRP A . n 
A 1 34 ALA 34 34 34 ALA ALA A . n 
A 1 35 GLU 35 35 35 GLU GLU A . n 
A 1 36 LEU 36 36 36 LEU LEU A . n 
A 1 37 ASN 37 37 37 ASN ASN A . n 
A 1 38 ILE 38 38 38 ILE ILE A . n 
A 1 39 LEU 39 39 39 LEU LEU A . n 
A 1 40 VAL 40 40 40 VAL VAL A . n 
A 1 41 ASP 41 41 41 ASP ASP A . n 
A 1 42 PRO 42 42 42 PRO PRO A . n 
A 1 43 ASP 43 43 43 ASP ASP A . n 
A 1 44 SER 44 44 44 SER SER A . n 
A 1 45 THR 45 45 45 THR THR A . n 
A 1 46 ILE 46 46 46 ILE ILE A . n 
A 1 47 VAL 47 47 47 VAL VAL A . n 
A 1 48 GLN 48 48 48 GLN GLN A . n 
A 1 49 GLY 49 49 49 GLY GLY A . n 
A 1 50 GLU 50 50 50 GLU GLU A . n 
A 1 51 THR 51 51 51 THR THR A . n 
A 1 52 ILE 52 52 52 ILE ILE A . n 
A 1 53 ALA 53 53 53 ALA ALA A . n 
A 1 54 SER 54 54 54 SER SER A . n 
A 1 55 ARG 55 55 55 ARG ARG A . n 
A 1 56 VAL 56 56 56 VAL VAL A . n 
A 1 57 LYS 57 57 57 LYS LYS A . n 
A 1 58 LYS 58 58 58 LYS LYS A . n 
A 1 59 ALA 59 59 59 ALA ALA A . n 
A 1 60 LEU 60 60 60 LEU LEU A . n 
A 1 61 THR 61 61 61 THR THR A . n 
A 1 62 GLU 62 62 62 GLU GLU A . n 
A 1 63 GLN 63 63 63 GLN GLN A . n 
A 1 64 ILE 64 64 64 ILE ILE A . n 
A 1 65 ARG 65 65 65 ARG ALA A . n 
A 1 66 ASP 66 66 66 ASP ALA A . n 
A 1 67 ILE 67 67 67 ILE ILE A . n 
A 1 68 GLU 68 68 68 GLU GLU A . n 
A 1 69 ARG 69 69 69 ARG ARG A . n 
A 1 70 VAL 70 70 70 VAL VAL A . n 
A 1 71 VAL 71 71 71 VAL VAL A . n 
A 1 72 VAL 72 72 72 VAL VAL A . n 
A 1 73 HIS 73 73 73 HIS HIS A . n 
A 1 74 PHE 74 74 74 PHE PHE A . n 
A 1 75 GLU 75 75 75 GLU GLU A . n 
A 1 76 PRO 76 76 76 PRO PRO A . n 
A 1 77 ALA 77 77 77 ALA ALA A . n 
A 1 78 ARG 78 78 78 ARG ALA A . n 
A 1 79 LYS 79 79 ?  ?   ?   A . n 
B 1 1  ASP 1  1  1  ASP ASP B . n 
B 1 2  ILE 2  2  2  ILE ILE B . n 
B 1 3  TYR 3  3  3  TYR TYR B . n 
B 1 4  GLY 4  4  4  GLY ALA B . n 
B 1 5  ASP 5  5  5  ASP ASP B . n 
B 1 6  GLU 6  6  6  GLU GLU B . n 
B 1 7  ILE 7  7  7  ILE ILE B . n 
B 1 8  THR 8  8  8  THR THR B . n 
B 1 9  ALA 9  9  9  ALA ALA B . n 
B 1 10 VAL 10 10 10 VAL VAL B . n 
B 1 11 VAL 11 11 11 VAL VAL B . n 
B 1 12 SER 12 12 12 SER SER B . n 
B 1 13 LYS 13 13 13 LYS LYS B . n 
B 1 14 ILE 14 14 14 ILE ILE B . n 
B 1 15 GLU 15 15 15 GLU ALA B . n 
B 1 16 ASN 16 16 16 ASN ASN B . n 
B 1 17 VAL 17 17 17 VAL VAL B . n 
B 1 18 LYS 18 18 18 LYS LYS B . n 
B 1 19 GLY 19 19 19 GLY GLY B . n 
B 1 20 ILE 20 20 20 ILE ILE B . n 
B 1 21 SER 21 21 21 SER SER B . n 
B 1 22 GLN 22 22 22 GLN GLN B . n 
B 1 23 LEU 23 23 23 LEU LEU B . n 
B 1 24 LYS 24 24 24 LYS LYS B . n 
B 1 25 THR 25 25 25 THR THR B . n 
B 1 26 ARG 26 26 26 ARG ARG B . n 
B 1 27 HIS 27 27 27 HIS HIS B . n 
B 1 28 ILE 28 28 28 ILE ALA B . n 
B 1 29 GLY 29 29 29 GLY ALA B . n 
B 1 30 GLN 30 30 30 GLN ALA B . n 
B 1 31 LYS 31 31 31 LYS ALA B . n 
B 1 32 ILE 32 32 32 ILE ILE B . n 
B 1 33 TRP 33 33 33 TRP TRP B . n 
B 1 34 ALA 34 34 34 ALA ALA B . n 
B 1 35 GLU 35 35 35 GLU GLU B . n 
B 1 36 LEU 36 36 36 LEU LEU B . n 
B 1 37 ASN 37 37 37 ASN ASN B . n 
B 1 38 ILE 38 38 38 ILE ILE B . n 
B 1 39 LEU 39 39 39 LEU LEU B . n 
B 1 40 VAL 40 40 40 VAL VAL B . n 
B 1 41 ASP 41 41 41 ASP ASP B . n 
B 1 42 PRO 42 42 42 PRO PRO B . n 
B 1 43 ASP 43 43 43 ASP ASP B . n 
B 1 44 SER 44 44 44 SER SER B . n 
B 1 45 THR 45 45 45 THR THR B . n 
B 1 46 ILE 46 46 46 ILE ILE B . n 
B 1 47 VAL 47 47 47 VAL VAL B . n 
B 1 48 GLN 48 48 48 GLN GLN B . n 
B 1 49 GLY 49 49 49 GLY GLY B . n 
B 1 50 GLU 50 50 50 GLU GLU B . n 
B 1 51 THR 51 51 51 THR THR B . n 
B 1 52 ILE 52 52 52 ILE ILE B . n 
B 1 53 ALA 53 53 53 ALA ALA B . n 
B 1 54 SER 54 54 54 SER SER B . n 
B 1 55 ARG 55 55 55 ARG ARG B . n 
B 1 56 VAL 56 56 56 VAL VAL B . n 
B 1 57 LYS 57 57 57 LYS LYS B . n 
B 1 58 LYS 58 58 58 LYS LYS B . n 
B 1 59 ALA 59 59 59 ALA ALA B . n 
B 1 60 LEU 60 60 60 LEU LEU B . n 
B 1 61 THR 61 61 61 THR THR B . n 
B 1 62 GLU 62 62 62 GLU GLU B . n 
B 1 63 GLN 63 63 63 GLN GLN B . n 
B 1 64 ILE 64 64 64 ILE ILE B . n 
B 1 65 ARG 65 65 65 ARG ARG B . n 
B 1 66 ASP 66 66 66 ASP ASP B . n 
B 1 67 ILE 67 67 67 ILE ILE B . n 
B 1 68 GLU 68 68 68 GLU GLU B . n 
B 1 69 ARG 69 69 69 ARG ARG B . n 
B 1 70 VAL 70 70 70 VAL VAL B . n 
B 1 71 VAL 71 71 71 VAL VAL B . n 
B 1 72 VAL 72 72 72 VAL VAL B . n 
B 1 73 HIS 73 73 73 HIS HIS B . n 
B 1 74 PHE 74 74 74 PHE PHE B . n 
B 1 75 GLU 75 75 75 GLU GLU B . n 
B 1 76 PRO 76 76 76 PRO PRO B . n 
B 1 77 ALA 77 77 77 ALA ALA B . n 
B 1 78 ARG 78 78 ?  ?   ?   B . n 
B 1 79 LYS 79 79 ?  ?   ?   B . n 
# 
loop_
_pdbx_nonpoly_scheme.asym_id 
_pdbx_nonpoly_scheme.entity_id 
_pdbx_nonpoly_scheme.mon_id 
_pdbx_nonpoly_scheme.ndb_seq_num 
_pdbx_nonpoly_scheme.pdb_seq_num 
_pdbx_nonpoly_scheme.auth_seq_num 
_pdbx_nonpoly_scheme.pdb_mon_id 
_pdbx_nonpoly_scheme.auth_mon_id 
_pdbx_nonpoly_scheme.pdb_strand_id 
_pdbx_nonpoly_scheme.pdb_ins_code 
C 2 HOH 1  101 27 HOH HOH A . 
C 2 HOH 2  102 11 HOH HOH A . 
C 2 HOH 3  103 24 HOH HOH A . 
C 2 HOH 4  104 31 HOH HOH A . 
C 2 HOH 5  105 77 HOH HOH A . 
C 2 HOH 6  106 7  HOH HOH A . 
C 2 HOH 7  107 38 HOH HOH A . 
C 2 HOH 8  108 14 HOH HOH A . 
C 2 HOH 9  109 23 HOH HOH A . 
C 2 HOH 10 110 57 HOH HOH A . 
C 2 HOH 11 111 28 HOH HOH A . 
C 2 HOH 12 112 66 HOH HOH A . 
C 2 HOH 13 113 58 HOH HOH A . 
C 2 HOH 14 114 78 HOH HOH A . 
C 2 HOH 15 115 29 HOH HOH A . 
C 2 HOH 16 116 16 HOH HOH A . 
C 2 HOH 17 117 30 HOH HOH A . 
C 2 HOH 18 118 76 HOH HOH A . 
C 2 HOH 19 119 87 HOH HOH A . 
C 2 HOH 20 120 79 HOH HOH A . 
C 2 HOH 21 121 19 HOH HOH A . 
C 2 HOH 22 122 22 HOH HOH A . 
D 2 HOH 1  101 21 HOH HOH B . 
D 2 HOH 2  102 82 HOH HOH B . 
D 2 HOH 3  103 71 HOH HOH B . 
D 2 HOH 4  104 81 HOH HOH B . 
D 2 HOH 5  105 5  HOH HOH B . 
D 2 HOH 6  106 85 HOH HOH B . 
D 2 HOH 7  107 84 HOH HOH B . 
D 2 HOH 8  108 46 HOH HOH B . 
D 2 HOH 9  109 1  HOH HOH B . 
D 2 HOH 10 110 62 HOH HOH B . 
D 2 HOH 11 111 52 HOH HOH B . 
D 2 HOH 12 112 4  HOH HOH B . 
D 2 HOH 13 113 53 HOH HOH B . 
D 2 HOH 14 114 12 HOH HOH B . 
D 2 HOH 15 115 42 HOH HOH B . 
D 2 HOH 16 116 9  HOH HOH B . 
D 2 HOH 17 117 55 HOH HOH B . 
D 2 HOH 18 118 70 HOH HOH B . 
D 2 HOH 19 119 41 HOH HOH B . 
D 2 HOH 20 120 13 HOH HOH B . 
D 2 HOH 21 121 74 HOH HOH B . 
D 2 HOH 22 122 86 HOH HOH B . 
D 2 HOH 23 123 8  HOH HOH B . 
D 2 HOH 24 124 45 HOH HOH B . 
D 2 HOH 25 125 80 HOH HOH B . 
D 2 HOH 26 126 2  HOH HOH B . 
# 
loop_
_pdbx_unobs_or_zero_occ_atoms.id 
_pdbx_unobs_or_zero_occ_atoms.PDB_model_num 
_pdbx_unobs_or_zero_occ_atoms.polymer_flag 
_pdbx_unobs_or_zero_occ_atoms.occupancy_flag 
_pdbx_unobs_or_zero_occ_atoms.auth_asym_id 
_pdbx_unobs_or_zero_occ_atoms.auth_comp_id 
_pdbx_unobs_or_zero_occ_atoms.auth_seq_id 
_pdbx_unobs_or_zero_occ_atoms.PDB_ins_code 
_pdbx_unobs_or_zero_occ_atoms.auth_atom_id 
_pdbx_unobs_or_zero_occ_atoms.label_alt_id 
_pdbx_unobs_or_zero_occ_atoms.label_asym_id 
_pdbx_unobs_or_zero_occ_atoms.label_comp_id 
_pdbx_unobs_or_zero_occ_atoms.label_seq_id 
_pdbx_unobs_or_zero_occ_atoms.label_atom_id 
1  1 Y 1 A ARG 65 ? CG  ? A ARG 65 CG  
2  1 Y 1 A ARG 65 ? CD  ? A ARG 65 CD  
3  1 Y 1 A ARG 65 ? NE  ? A ARG 65 NE  
4  1 Y 1 A ARG 65 ? CZ  ? A ARG 65 CZ  
5  1 Y 1 A ARG 65 ? NH1 ? A ARG 65 NH1 
6  1 Y 1 A ARG 65 ? NH2 ? A ARG 65 NH2 
7  1 Y 1 A ASP 66 ? CG  ? A ASP 66 CG  
8  1 Y 1 A ASP 66 ? OD1 ? A ASP 66 OD1 
9  1 Y 1 A ASP 66 ? OD2 ? A ASP 66 OD2 
10 1 Y 1 A ARG 78 ? CG  ? A ARG 78 CG  
11 1 Y 1 A ARG 78 ? CD  ? A ARG 78 CD  
12 1 Y 1 A ARG 78 ? NE  ? A ARG 78 NE  
13 1 Y 1 A ARG 78 ? CZ  ? A ARG 78 CZ  
14 1 Y 1 A ARG 78 ? NH1 ? A ARG 78 NH1 
15 1 Y 1 A ARG 78 ? NH2 ? A ARG 78 NH2 
16 1 Y 1 B GLU 15 ? CG  ? B GLU 15 CG  
17 1 Y 1 B GLU 15 ? CD  ? B GLU 15 CD  
18 1 Y 1 B GLU 15 ? OE1 ? B GLU 15 OE1 
19 1 Y 1 B GLU 15 ? OE2 ? B GLU 15 OE2 
20 1 Y 1 B ILE 28 ? CG1 ? B ILE 28 CG1 
21 1 Y 1 B ILE 28 ? CG2 ? B ILE 28 CG2 
22 1 Y 1 B ILE 28 ? CD1 ? B ILE 28 CD1 
23 1 Y 1 B GLN 30 ? CG  ? B GLN 30 CG  
24 1 Y 1 B GLN 30 ? CD  ? B GLN 30 CD  
25 1 Y 1 B GLN 30 ? OE1 ? B GLN 30 OE1 
26 1 Y 1 B GLN 30 ? NE2 ? B GLN 30 NE2 
27 1 Y 1 B LYS 31 ? CG  ? B LYS 31 CG  
28 1 Y 1 B LYS 31 ? CD  ? B LYS 31 CD  
29 1 Y 1 B LYS 31 ? CE  ? B LYS 31 CE  
30 1 Y 1 B LYS 31 ? NZ  ? B LYS 31 NZ  
# 
loop_
_software.citation_id 
_software.classification 
_software.compiler_name 
_software.compiler_version 
_software.contact_author 
_software.contact_author_email 
_software.date 
_software.description 
_software.dependencies 
_software.hardware 
_software.language 
_software.location 
_software.mods 
_software.name 
_software.os 
_software.os_version 
_software.type 
_software.version 
_software.pdbx_ordinal 
? refinement       ? ? ? ? ? ? ? ? ? ? ? REFMAC ? ? ? 5.8.0189 1 
? 'data reduction' ? ? ? ? ? ? ? ? ? ? ? XDS    ? ? ? .        2 
? 'data scaling'   ? ? ? ? ? ? ? ? ? ? ? xia2   ? ? ? .        3 
? phasing          ? ? ? ? ? ? ? ? ? ? ? PHASER ? ? ? .        4 
# 
_cell.angle_alpha                  90.00 
_cell.angle_alpha_esd              ? 
_cell.angle_beta                   90.00 
_cell.angle_beta_esd               ? 
_cell.angle_gamma                  120.00 
_cell.angle_gamma_esd              ? 
_cell.entry_id                     6QEK 
_cell.details                      ? 
_cell.formula_units_Z              ? 
_cell.length_a                     47.019 
_cell.length_a_esd                 ? 
_cell.length_b                     47.019 
_cell.length_b_esd                 ? 
_cell.length_c                     130.463 
_cell.length_c_esd                 ? 
_cell.volume                       ? 
_cell.volume_esd                   ? 
_cell.Z_PDB                        12 
_cell.reciprocal_angle_alpha       ? 
_cell.reciprocal_angle_beta        ? 
_cell.reciprocal_angle_gamma       ? 
_cell.reciprocal_angle_alpha_esd   ? 
_cell.reciprocal_angle_beta_esd    ? 
_cell.reciprocal_angle_gamma_esd   ? 
_cell.reciprocal_length_a          ? 
_cell.reciprocal_length_b          ? 
_cell.reciprocal_length_c          ? 
_cell.reciprocal_length_a_esd      ? 
_cell.reciprocal_length_b_esd      ? 
_cell.reciprocal_length_c_esd      ? 
_cell.pdbx_unique_axis             ? 
# 
_symmetry.entry_id                         6QEK 
_symmetry.cell_setting                     ? 
_symmetry.Int_Tables_number                169 
_symmetry.space_group_name_Hall            ? 
_symmetry.space_group_name_H-M             'P 61' 
_symmetry.pdbx_full_space_group_name_H-M   ? 
# 
_exptl.absorpt_coefficient_mu     ? 
_exptl.absorpt_correction_T_max   ? 
_exptl.absorpt_correction_T_min   ? 
_exptl.absorpt_correction_type    ? 
_exptl.absorpt_process_details    ? 
_exptl.entry_id                   6QEK 
_exptl.crystals_number            1 
_exptl.details                    ? 
_exptl.method                     'X-RAY DIFFRACTION' 
_exptl.method_details             ? 
# 
_exptl_crystal.colour                      ? 
_exptl_crystal.density_diffrn              ? 
_exptl_crystal.density_Matthews            2.33 
_exptl_crystal.density_method              ? 
_exptl_crystal.density_percent_sol         47.28 
_exptl_crystal.description                 ? 
_exptl_crystal.F_000                       ? 
_exptl_crystal.id                          1 
_exptl_crystal.preparation                 ? 
_exptl_crystal.size_max                    ? 
_exptl_crystal.size_mid                    ? 
_exptl_crystal.size_min                    ? 
_exptl_crystal.size_rad                    ? 
_exptl_crystal.colour_lustre               ? 
_exptl_crystal.colour_modifier             ? 
_exptl_crystal.colour_primary              ? 
_exptl_crystal.density_meas                ? 
_exptl_crystal.density_meas_esd            ? 
_exptl_crystal.density_meas_gt             ? 
_exptl_crystal.density_meas_lt             ? 
_exptl_crystal.density_meas_temp           ? 
_exptl_crystal.density_meas_temp_esd       ? 
_exptl_crystal.density_meas_temp_gt        ? 
_exptl_crystal.density_meas_temp_lt        ? 
_exptl_crystal.pdbx_crystal_image_url      ? 
_exptl_crystal.pdbx_crystal_image_format   ? 
_exptl_crystal.pdbx_mosaicity              ? 
_exptl_crystal.pdbx_mosaicity_esd          ? 
# 
_exptl_crystal_grow.apparatus       ? 
_exptl_crystal_grow.atmosphere      ? 
_exptl_crystal_grow.crystal_id      1 
_exptl_crystal_grow.details         ? 
_exptl_crystal_grow.method          'VAPOR DIFFUSION' 
_exptl_crystal_grow.method_ref      ? 
_exptl_crystal_grow.pH              5.5 
_exptl_crystal_grow.pressure        ? 
_exptl_crystal_grow.pressure_esd    ? 
_exptl_crystal_grow.seeding         ? 
_exptl_crystal_grow.seeding_ref     ? 
_exptl_crystal_grow.temp            293 
_exptl_crystal_grow.temp_details    ? 
_exptl_crystal_grow.temp_esd        ? 
_exptl_crystal_grow.time            ? 
_exptl_crystal_grow.pdbx_details    
;25% PEG 3,350 
0.1M BIS-TRIS pH 5.5 
0.2M Sodium chloride
;
_exptl_crystal_grow.pdbx_pH_range   ? 
# 
_diffrn.ambient_environment              ? 
_diffrn.ambient_temp                     100 
_diffrn.ambient_temp_details             ? 
_diffrn.ambient_temp_esd                 ? 
_diffrn.crystal_id                       1 
_diffrn.crystal_support                  ? 
_diffrn.crystal_treatment                ? 
_diffrn.details                          ? 
_diffrn.id                               1 
_diffrn.ambient_pressure                 ? 
_diffrn.ambient_pressure_esd             ? 
_diffrn.ambient_pressure_gt              ? 
_diffrn.ambient_pressure_lt              ? 
_diffrn.ambient_temp_gt                  ? 
_diffrn.ambient_temp_lt                  ? 
_diffrn.pdbx_serial_crystal_experiment   N 
# 
_diffrn_detector.details                      ? 
_diffrn_detector.detector                     PIXEL 
_diffrn_detector.diffrn_id                    1 
_diffrn_detector.type                         'DECTRIS PILATUS 6M' 
_diffrn_detector.area_resol_mean              ? 
_diffrn_detector.dtime                        ? 
_diffrn_detector.pdbx_frames_total            ? 
_diffrn_detector.pdbx_collection_time_total   ? 
_diffrn_detector.pdbx_collection_date         2017-01-19 
_diffrn_detector.pdbx_frequency               ? 
# 
_diffrn_radiation.collimation                      ? 
_diffrn_radiation.diffrn_id                        1 
_diffrn_radiation.filter_edge                      ? 
_diffrn_radiation.inhomogeneity                    ? 
_diffrn_radiation.monochromator                    ? 
_diffrn_radiation.polarisn_norm                    ? 
_diffrn_radiation.polarisn_ratio                   ? 
_diffrn_radiation.probe                            ? 
_diffrn_radiation.type                             ? 
_diffrn_radiation.xray_symbol                      ? 
_diffrn_radiation.wavelength_id                    1 
_diffrn_radiation.pdbx_monochromatic_or_laue_m_l   M 
_diffrn_radiation.pdbx_wavelength_list             ? 
_diffrn_radiation.pdbx_wavelength                  ? 
_diffrn_radiation.pdbx_diffrn_protocol             'SINGLE WAVELENGTH' 
_diffrn_radiation.pdbx_analyzer                    ? 
_diffrn_radiation.pdbx_scattering_type             x-ray 
# 
_diffrn_radiation_wavelength.id           1 
_diffrn_radiation_wavelength.wavelength   0.977 
_diffrn_radiation_wavelength.wt           1.0 
# 
_diffrn_source.current                     ? 
_diffrn_source.details                     ? 
_diffrn_source.diffrn_id                   1 
_diffrn_source.power                       ? 
_diffrn_source.size                        ? 
_diffrn_source.source                      SYNCHROTRON 
_diffrn_source.target                      ? 
_diffrn_source.type                        'ESRF BEAMLINE ID23-1' 
_diffrn_source.voltage                     ? 
_diffrn_source.take-off_angle              ? 
_diffrn_source.pdbx_wavelength_list        0.977 
_diffrn_source.pdbx_wavelength             ? 
_diffrn_source.pdbx_synchrotron_beamline   ID23-1 
_diffrn_source.pdbx_synchrotron_site       ESRF 
# 
_reflns.B_iso_Wilson_estimate            ? 
_reflns.entry_id                         6QEK 
_reflns.data_reduction_details           ? 
_reflns.data_reduction_method            ? 
_reflns.d_resolution_high                1.85 
_reflns.d_resolution_low                 40.72 
_reflns.details                          ? 
_reflns.limit_h_max                      ? 
_reflns.limit_h_min                      ? 
_reflns.limit_k_max                      ? 
_reflns.limit_k_min                      ? 
_reflns.limit_l_max                      ? 
_reflns.limit_l_min                      ? 
_reflns.number_all                       ? 
_reflns.number_obs                       13784 
_reflns.observed_criterion               ? 
_reflns.observed_criterion_F_max         ? 
_reflns.observed_criterion_F_min         ? 
_reflns.observed_criterion_I_max         ? 
_reflns.observed_criterion_I_min         ? 
_reflns.observed_criterion_sigma_F       ? 
_reflns.observed_criterion_sigma_I       ? 
_reflns.percent_possible_obs             99.7 
_reflns.R_free_details                   ? 
_reflns.Rmerge_F_all                     ? 
_reflns.Rmerge_F_obs                     ? 
_reflns.Friedel_coverage                 ? 
_reflns.number_gt                        ? 
_reflns.threshold_expression             ? 
_reflns.pdbx_redundancy                  4.9 
_reflns.pdbx_Rmerge_I_obs                0.057 
_reflns.pdbx_Rmerge_I_all                ? 
_reflns.pdbx_Rsym_value                  ? 
_reflns.pdbx_netI_over_av_sigmaI         ? 
_reflns.pdbx_netI_over_sigmaI            11.4 
_reflns.pdbx_res_netI_over_av_sigmaI_2   ? 
_reflns.pdbx_res_netI_over_sigmaI_2      ? 
_reflns.pdbx_chi_squared                 ? 
_reflns.pdbx_scaling_rejects             ? 
_reflns.pdbx_d_res_high_opt              ? 
_reflns.pdbx_d_res_low_opt               ? 
_reflns.pdbx_d_res_opt_method            ? 
_reflns.phase_calculation_details        ? 
_reflns.pdbx_Rrim_I_all                  ? 
_reflns.pdbx_Rpim_I_all                  ? 
_reflns.pdbx_d_opt                       ? 
_reflns.pdbx_number_measured_all         ? 
_reflns.pdbx_diffrn_id                   1 
_reflns.pdbx_ordinal                     1 
_reflns.pdbx_CC_half                     ? 
_reflns.pdbx_R_split                     ? 
# 
_reflns_shell.d_res_high                  1.85 
_reflns_shell.d_res_low                   1.95 
_reflns_shell.meanI_over_sigI_all         ? 
_reflns_shell.meanI_over_sigI_obs         ? 
_reflns_shell.number_measured_all         ? 
_reflns_shell.number_measured_obs         ? 
_reflns_shell.number_possible             ? 
_reflns_shell.number_unique_all           ? 
_reflns_shell.number_unique_obs           ? 
_reflns_shell.percent_possible_all        ? 
_reflns_shell.percent_possible_obs        ? 
_reflns_shell.Rmerge_F_all                ? 
_reflns_shell.Rmerge_F_obs                ? 
_reflns_shell.Rmerge_I_all                ? 
_reflns_shell.Rmerge_I_obs                ? 
_reflns_shell.meanI_over_sigI_gt          ? 
_reflns_shell.meanI_over_uI_all           ? 
_reflns_shell.meanI_over_uI_gt            ? 
_reflns_shell.number_measured_gt          ? 
_reflns_shell.number_unique_gt            ? 
_reflns_shell.percent_possible_gt         ? 
_reflns_shell.Rmerge_F_gt                 ? 
_reflns_shell.Rmerge_I_gt                 ? 
_reflns_shell.pdbx_redundancy             ? 
_reflns_shell.pdbx_Rsym_value             ? 
_reflns_shell.pdbx_chi_squared            ? 
_reflns_shell.pdbx_netI_over_sigmaI_all   ? 
_reflns_shell.pdbx_netI_over_sigmaI_obs   ? 
_reflns_shell.pdbx_Rrim_I_all             ? 
_reflns_shell.pdbx_Rpim_I_all             ? 
_reflns_shell.pdbx_rejects                ? 
_reflns_shell.pdbx_ordinal                1 
_reflns_shell.pdbx_diffrn_id              1 
_reflns_shell.pdbx_CC_half                ? 
_reflns_shell.pdbx_R_split                ? 
# 
_refine.aniso_B[1][1]                            2.81 
_refine.aniso_B[1][2]                            0.00 
_refine.aniso_B[1][3]                            0.00 
_refine.aniso_B[2][2]                            2.81 
_refine.aniso_B[2][3]                            0.00 
_refine.aniso_B[3][3]                            -5.63 
_refine.B_iso_max                                ? 
_refine.B_iso_mean                               42.845 
_refine.B_iso_min                                ? 
_refine.correlation_coeff_Fo_to_Fc               0.954 
_refine.correlation_coeff_Fo_to_Fc_free          0.926 
_refine.details                                  'HYDROGENS HAVE BEEN ADDED IN THE RIDING POSITIONS' 
_refine.diff_density_max                         ? 
_refine.diff_density_max_esd                     ? 
_refine.diff_density_min                         ? 
_refine.diff_density_min_esd                     ? 
_refine.diff_density_rms                         ? 
_refine.diff_density_rms_esd                     ? 
_refine.entry_id                                 6QEK 
_refine.pdbx_refine_id                           'X-RAY DIFFRACTION' 
_refine.ls_abs_structure_details                 ? 
_refine.ls_abs_structure_Flack                   ? 
_refine.ls_abs_structure_Flack_esd               ? 
_refine.ls_abs_structure_Rogers                  ? 
_refine.ls_abs_structure_Rogers_esd              ? 
_refine.ls_d_res_high                            1.95 
_refine.ls_d_res_low                             40.72 
_refine.ls_extinction_coef                       ? 
_refine.ls_extinction_coef_esd                   ? 
_refine.ls_extinction_expression                 ? 
_refine.ls_extinction_method                     ? 
_refine.ls_goodness_of_fit_all                   ? 
_refine.ls_goodness_of_fit_all_esd               ? 
_refine.ls_goodness_of_fit_obs                   ? 
_refine.ls_goodness_of_fit_obs_esd               ? 
_refine.ls_hydrogen_treatment                    ? 
_refine.ls_matrix_type                           ? 
_refine.ls_number_constraints                    ? 
_refine.ls_number_parameters                     ? 
_refine.ls_number_reflns_all                     ? 
_refine.ls_number_reflns_obs                     11291 
_refine.ls_number_reflns_R_free                  574 
_refine.ls_number_reflns_R_work                  ? 
_refine.ls_number_restraints                     ? 
_refine.ls_percent_reflns_obs                    99.91 
_refine.ls_percent_reflns_R_free                 4.8 
_refine.ls_R_factor_all                          ? 
_refine.ls_R_factor_obs                          0.20958 
_refine.ls_R_factor_R_free                       0.27160 
_refine.ls_R_factor_R_free_error                 ? 
_refine.ls_R_factor_R_free_error_details         ? 
_refine.ls_R_factor_R_work                       0.20668 
_refine.ls_R_Fsqd_factor_obs                     ? 
_refine.ls_R_I_factor_obs                        ? 
_refine.ls_redundancy_reflns_all                 ? 
_refine.ls_redundancy_reflns_obs                 ? 
_refine.ls_restrained_S_all                      ? 
_refine.ls_restrained_S_obs                      ? 
_refine.ls_shift_over_esd_max                    ? 
_refine.ls_shift_over_esd_mean                   ? 
_refine.ls_structure_factor_coef                 ? 
_refine.ls_weighting_details                     ? 
_refine.ls_weighting_scheme                      ? 
_refine.ls_wR_factor_all                         ? 
_refine.ls_wR_factor_obs                         ? 
_refine.ls_wR_factor_R_free                      ? 
_refine.ls_wR_factor_R_work                      ? 
_refine.occupancy_max                            ? 
_refine.occupancy_min                            ? 
_refine.solvent_model_details                    ? 
_refine.solvent_model_param_bsol                 ? 
_refine.solvent_model_param_ksol                 ? 
_refine.ls_R_factor_gt                           ? 
_refine.ls_goodness_of_fit_gt                    ? 
_refine.ls_goodness_of_fit_ref                   ? 
_refine.ls_shift_over_su_max                     ? 
_refine.ls_shift_over_su_max_lt                  ? 
_refine.ls_shift_over_su_mean                    ? 
_refine.ls_shift_over_su_mean_lt                 ? 
_refine.pdbx_ls_sigma_I                          ? 
_refine.pdbx_ls_sigma_F                          ? 
_refine.pdbx_ls_sigma_Fsqd                       ? 
_refine.pdbx_data_cutoff_high_absF               ? 
_refine.pdbx_data_cutoff_high_rms_absF           ? 
_refine.pdbx_data_cutoff_low_absF                ? 
_refine.pdbx_isotropic_thermal_model             ? 
_refine.pdbx_ls_cross_valid_method               THROUGHOUT 
_refine.pdbx_method_to_determine_struct          'MOLECULAR REPLACEMENT' 
_refine.pdbx_starting_model                      'MamM CTD MSR-1' 
_refine.pdbx_stereochemistry_target_values       ? 
_refine.pdbx_R_Free_selection_details            RANDOM 
_refine.pdbx_stereochem_target_val_spec_case     ? 
_refine.pdbx_overall_ESU_R                       0.039 
_refine.pdbx_overall_ESU_R_Free                  0.038 
_refine.pdbx_solvent_vdw_probe_radii             1.20 
_refine.pdbx_solvent_ion_probe_radii             0.80 
_refine.pdbx_solvent_shrinkage_radii             0.80 
_refine.pdbx_real_space_R                        ? 
_refine.pdbx_density_correlation                 ? 
_refine.pdbx_pd_number_of_powder_patterns        ? 
_refine.pdbx_pd_number_of_points                 ? 
_refine.pdbx_pd_meas_number_of_points            ? 
_refine.pdbx_pd_proc_ls_prof_R_factor            ? 
_refine.pdbx_pd_proc_ls_prof_wR_factor           ? 
_refine.pdbx_pd_Marquardt_correlation_coeff      ? 
_refine.pdbx_pd_Fsqrd_R_factor                   ? 
_refine.pdbx_pd_ls_matrix_band_width             ? 
_refine.pdbx_overall_phase_error                 ? 
_refine.pdbx_overall_SU_R_free_Cruickshank_DPI   ? 
_refine.pdbx_overall_SU_R_free_Blow_DPI          ? 
_refine.pdbx_overall_SU_R_Blow_DPI               ? 
_refine.pdbx_TLS_residual_ADP_flag               ? 
_refine.pdbx_diffrn_id                           1 
_refine.overall_SU_B                             4.153 
_refine.overall_SU_ML                            0.126 
_refine.overall_SU_R_Cruickshank_DPI             ? 
_refine.overall_SU_R_free                        ? 
_refine.overall_FOM_free_R_set                   ? 
_refine.overall_FOM_work_R_set                   ? 
_refine.pdbx_average_fsc_overall                 ? 
_refine.pdbx_average_fsc_work                    ? 
_refine.pdbx_average_fsc_free                    ? 
# 
_refine_hist.pdbx_refine_id                   'X-RAY DIFFRACTION' 
_refine_hist.cycle_id                         1 
_refine_hist.pdbx_number_atoms_protein        1197 
_refine_hist.pdbx_number_atoms_nucleic_acid   0 
_refine_hist.pdbx_number_atoms_ligand         0 
_refine_hist.number_atoms_solvent             48 
_refine_hist.number_atoms_total               1245 
_refine_hist.d_res_high                       1.95 
_refine_hist.d_res_low                        40.72 
# 
loop_
_refine_ls_restr.pdbx_refine_id 
_refine_ls_restr.criterion 
_refine_ls_restr.dev_ideal 
_refine_ls_restr.dev_ideal_target 
_refine_ls_restr.number 
_refine_ls_restr.rejects 
_refine_ls_restr.type 
_refine_ls_restr.weight 
_refine_ls_restr.pdbx_restraint_function 
'X-RAY DIFFRACTION' ? 0.019  0.019  1216 ? r_bond_refined_d             ? ? 
'X-RAY DIFFRACTION' ? 0.004  0.020  1210 ? r_bond_other_d               ? ? 
'X-RAY DIFFRACTION' ? 2.061  1.951  1653 ? r_angle_refined_deg          ? ? 
'X-RAY DIFFRACTION' ? 1.122  3.000  2798 ? r_angle_other_deg            ? ? 
'X-RAY DIFFRACTION' ? 7.054  5.000  155  ? r_dihedral_angle_1_deg       ? ? 
'X-RAY DIFFRACTION' ? 40.084 25.200 50   ? r_dihedral_angle_2_deg       ? ? 
'X-RAY DIFFRACTION' ? 17.284 15.000 223  ? r_dihedral_angle_3_deg       ? ? 
'X-RAY DIFFRACTION' ? 27.749 15.000 7    ? r_dihedral_angle_4_deg       ? ? 
'X-RAY DIFFRACTION' ? 0.122  0.200  208  ? r_chiral_restr               ? ? 
'X-RAY DIFFRACTION' ? 0.007  0.020  1323 ? r_gen_planes_refined         ? ? 
'X-RAY DIFFRACTION' ? 0.002  0.020  216  ? r_gen_planes_other           ? ? 
'X-RAY DIFFRACTION' ? ?      ?      ?    ? r_nbd_refined                ? ? 
'X-RAY DIFFRACTION' ? ?      ?      ?    ? r_nbd_other                  ? ? 
'X-RAY DIFFRACTION' ? ?      ?      ?    ? r_nbtor_refined              ? ? 
'X-RAY DIFFRACTION' ? ?      ?      ?    ? r_nbtor_other                ? ? 
'X-RAY DIFFRACTION' ? ?      ?      ?    ? r_xyhbond_nbd_refined        ? ? 
'X-RAY DIFFRACTION' ? ?      ?      ?    ? r_xyhbond_nbd_other          ? ? 
'X-RAY DIFFRACTION' ? ?      ?      ?    ? r_metal_ion_refined          ? ? 
'X-RAY DIFFRACTION' ? ?      ?      ?    ? r_metal_ion_other            ? ? 
'X-RAY DIFFRACTION' ? ?      ?      ?    ? r_symmetry_vdw_refined       ? ? 
'X-RAY DIFFRACTION' ? ?      ?      ?    ? r_symmetry_vdw_other         ? ? 
'X-RAY DIFFRACTION' ? ?      ?      ?    ? r_symmetry_hbond_refined     ? ? 
'X-RAY DIFFRACTION' ? ?      ?      ?    ? r_symmetry_hbond_other       ? ? 
'X-RAY DIFFRACTION' ? ?      ?      ?    ? r_symmetry_metal_ion_refined ? ? 
'X-RAY DIFFRACTION' ? ?      ?      ?    ? r_symmetry_metal_ion_other   ? ? 
'X-RAY DIFFRACTION' ? 4.229  3.989  620  ? r_mcbond_it                  ? ? 
'X-RAY DIFFRACTION' ? 4.223  3.984  619  ? r_mcbond_other               ? ? 
'X-RAY DIFFRACTION' ? 5.386  5.955  772  ? r_mcangle_it                 ? ? 
'X-RAY DIFFRACTION' ? 5.383  5.961  773  ? r_mcangle_other              ? ? 
'X-RAY DIFFRACTION' ? 4.866  4.607  596  ? r_scbond_it                  ? ? 
'X-RAY DIFFRACTION' ? 4.862  4.611  597  ? r_scbond_other               ? ? 
'X-RAY DIFFRACTION' ? ?      ?      ?    ? r_scangle_it                 ? ? 
'X-RAY DIFFRACTION' ? 7.220  6.686  881  ? r_scangle_other              ? ? 
'X-RAY DIFFRACTION' ? 8.831  48.271 1274 ? r_long_range_B_refined       ? ? 
'X-RAY DIFFRACTION' ? 8.824  48.257 1271 ? r_long_range_B_other         ? ? 
'X-RAY DIFFRACTION' ? ?      ?      ?    ? r_rigid_bond_restr           ? ? 
'X-RAY DIFFRACTION' ? ?      ?      ?    ? r_sphericity_free            ? ? 
'X-RAY DIFFRACTION' ? ?      ?      ?    ? r_sphericity_bonded          ? ? 
# 
_refine_ls_shell.pdbx_refine_id                   'X-RAY DIFFRACTION' 
_refine_ls_shell.d_res_high                       1.951 
_refine_ls_shell.d_res_low                        2.001 
_refine_ls_shell.number_reflns_all                ? 
_refine_ls_shell.number_reflns_obs                ? 
_refine_ls_shell.number_reflns_R_free             51 
_refine_ls_shell.number_reflns_R_work             818 
_refine_ls_shell.percent_reflns_obs               99.89 
_refine_ls_shell.percent_reflns_R_free            ? 
_refine_ls_shell.R_factor_all                     ? 
_refine_ls_shell.R_factor_obs                     ? 
_refine_ls_shell.R_factor_R_free                  0.315 
_refine_ls_shell.R_factor_R_free_error            ? 
_refine_ls_shell.R_factor_R_work                  0.235 
_refine_ls_shell.redundancy_reflns_all            ? 
_refine_ls_shell.redundancy_reflns_obs            ? 
_refine_ls_shell.wR_factor_all                    ? 
_refine_ls_shell.wR_factor_obs                    ? 
_refine_ls_shell.wR_factor_R_free                 ? 
_refine_ls_shell.wR_factor_R_work                 ? 
_refine_ls_shell.pdbx_total_number_of_bins_used   20 
_refine_ls_shell.pdbx_phase_error                 ? 
_refine_ls_shell.pdbx_fsc_work                    ? 
_refine_ls_shell.pdbx_fsc_free                    ? 
# 
_struct.entry_id                     6QEK 
_struct.title                        
'Putative membrane tansporter, magnetosome protein MamM CTD [Desulfamplus magnetovallimortis BW-1]' 
_struct.pdbx_model_details           ? 
_struct.pdbx_formula_weight          ? 
_struct.pdbx_formula_weight_method   ? 
_struct.pdbx_model_type_details      ? 
_struct.pdbx_CASP_flag               N 
# 
_struct_keywords.entry_id        6QEK 
_struct_keywords.text            
;Bacterial organelle, cation diffusion facilitators, iron transport, magnetosome biogenesis, structure-function analysis., TRANSPORT PROTEIN
;
_struct_keywords.pdbx_keywords   'TRANSPORT PROTEIN' 
# 
loop_
_struct_asym.id 
_struct_asym.pdbx_blank_PDB_chainid_flag 
_struct_asym.pdbx_modified 
_struct_asym.entity_id 
_struct_asym.details 
A N N 1 ? 
B N N 1 ? 
C N N 2 ? 
D N N 2 ? 
# 
_struct_ref.id                         1 
_struct_ref.db_name                    UNP 
_struct_ref.db_code                    G8IQT5_9DELT 
_struct_ref.pdbx_db_accession          G8IQT5 
_struct_ref.pdbx_db_isoform            ? 
_struct_ref.entity_id                  1 
_struct_ref.pdbx_seq_one_letter_code   DIYGDEITAVVSKIENVKGISQLKTRHIGQKIWAELNILVDPDSTIVQGETIASRVKKALTEQIRDIERVVVHFEPARK 
_struct_ref.pdbx_align_begin           237 
# 
loop_
_struct_ref_seq.align_id 
_struct_ref_seq.ref_id 
_struct_ref_seq.pdbx_PDB_id_code 
_struct_ref_seq.pdbx_strand_id 
_struct_ref_seq.seq_align_beg 
_struct_ref_seq.pdbx_seq_align_beg_ins_code 
_struct_ref_seq.seq_align_end 
_struct_ref_seq.pdbx_seq_align_end_ins_code 
_struct_ref_seq.pdbx_db_accession 
_struct_ref_seq.db_align_beg 
_struct_ref_seq.pdbx_db_align_beg_ins_code 
_struct_ref_seq.db_align_end 
_struct_ref_seq.pdbx_db_align_end_ins_code 
_struct_ref_seq.pdbx_auth_seq_align_beg 
_struct_ref_seq.pdbx_auth_seq_align_end 
1 1 6QEK A 1 ? 79 ? G8IQT5 237 ? 315 ? 1 79 
2 1 6QEK B 1 ? 79 ? G8IQT5 237 ? 315 ? 1 79 
# 
_pdbx_struct_assembly.id                   1 
_pdbx_struct_assembly.details              author_and_software_defined_assembly 
_pdbx_struct_assembly.method_details       PISA 
_pdbx_struct_assembly.oligomeric_details   dimeric 
_pdbx_struct_assembly.oligomeric_count     2 
# 
loop_
_pdbx_struct_assembly_prop.biol_id 
_pdbx_struct_assembly_prop.type 
_pdbx_struct_assembly_prop.value 
_pdbx_struct_assembly_prop.details 
1 'ABSA (A^2)' 1090 ? 
1 MORE         4    ? 
1 'SSA (A^2)'  8970 ? 
# 
_pdbx_struct_assembly_gen.assembly_id       1 
_pdbx_struct_assembly_gen.oper_expression   1 
_pdbx_struct_assembly_gen.asym_id_list      A,B,C,D 
# 
_pdbx_struct_assembly_auth_evidence.id                     1 
_pdbx_struct_assembly_auth_evidence.assembly_id            1 
_pdbx_struct_assembly_auth_evidence.experimental_support   'gel filtration' 
_pdbx_struct_assembly_auth_evidence.details                ? 
# 
_pdbx_struct_oper_list.id                   1 
_pdbx_struct_oper_list.type                 'identity operation' 
_pdbx_struct_oper_list.name                 1_555 
_pdbx_struct_oper_list.symmetry_operation   x,y,z 
_pdbx_struct_oper_list.matrix[1][1]         1.0000000000 
_pdbx_struct_oper_list.matrix[1][2]         0.0000000000 
_pdbx_struct_oper_list.matrix[1][3]         0.0000000000 
_pdbx_struct_oper_list.vector[1]            0.0000000000 
_pdbx_struct_oper_list.matrix[2][1]         0.0000000000 
_pdbx_struct_oper_list.matrix[2][2]         1.0000000000 
_pdbx_struct_oper_list.matrix[2][3]         0.0000000000 
_pdbx_struct_oper_list.vector[2]            0.0000000000 
_pdbx_struct_oper_list.matrix[3][1]         0.0000000000 
_pdbx_struct_oper_list.matrix[3][2]         0.0000000000 
_pdbx_struct_oper_list.matrix[3][3]         1.0000000000 
_pdbx_struct_oper_list.vector[3]            0.0000000000 
# 
loop_
_struct_conf.conf_type_id 
_struct_conf.id 
_struct_conf.pdbx_PDB_helix_id 
_struct_conf.beg_label_comp_id 
_struct_conf.beg_label_asym_id 
_struct_conf.beg_label_seq_id 
_struct_conf.pdbx_beg_PDB_ins_code 
_struct_conf.end_label_comp_id 
_struct_conf.end_label_asym_id 
_struct_conf.end_label_seq_id 
_struct_conf.pdbx_end_PDB_ins_code 
_struct_conf.beg_auth_comp_id 
_struct_conf.beg_auth_asym_id 
_struct_conf.beg_auth_seq_id 
_struct_conf.end_auth_comp_id 
_struct_conf.end_auth_asym_id 
_struct_conf.end_auth_seq_id 
_struct_conf.pdbx_PDB_helix_class 
_struct_conf.details 
_struct_conf.pdbx_PDB_helix_length 
HELX_P HELX_P1 AA1 ASP A 1  ? SER A 12 ? ASP A 1  SER A 12 1 ? 12 
HELX_P HELX_P2 AA2 THR A 45 ? ILE A 64 ? THR A 45 ILE A 64 1 ? 20 
HELX_P HELX_P3 AA3 ASP B 5  ? LYS B 13 ? ASP B 5  LYS B 13 1 ? 9  
HELX_P HELX_P4 AA4 THR B 45 ? ILE B 64 ? THR B 45 ILE B 64 1 ? 20 
# 
_struct_conf_type.id          HELX_P 
_struct_conf_type.criteria    ? 
_struct_conf_type.reference   ? 
# 
_struct_sheet.id               AA1 
_struct_sheet.type             ? 
_struct_sheet.number_strands   6 
_struct_sheet.details          ? 
# 
loop_
_struct_sheet_order.sheet_id 
_struct_sheet_order.range_id_1 
_struct_sheet_order.range_id_2 
_struct_sheet_order.offset 
_struct_sheet_order.sense 
AA1 1 2 ? parallel      
AA1 2 3 ? anti-parallel 
AA1 3 4 ? parallel      
AA1 4 5 ? anti-parallel 
AA1 5 6 ? parallel      
# 
loop_
_struct_sheet_range.sheet_id 
_struct_sheet_range.id 
_struct_sheet_range.beg_label_comp_id 
_struct_sheet_range.beg_label_asym_id 
_struct_sheet_range.beg_label_seq_id 
_struct_sheet_range.pdbx_beg_PDB_ins_code 
_struct_sheet_range.end_label_comp_id 
_struct_sheet_range.end_label_asym_id 
_struct_sheet_range.end_label_seq_id 
_struct_sheet_range.pdbx_end_PDB_ins_code 
_struct_sheet_range.beg_auth_comp_id 
_struct_sheet_range.beg_auth_asym_id 
_struct_sheet_range.beg_auth_seq_id 
_struct_sheet_range.end_auth_comp_id 
_struct_sheet_range.end_auth_asym_id 
_struct_sheet_range.end_auth_seq_id 
AA1 1 ILE A 67 ? PRO A 76 ? ILE A 67 PRO A 76 
AA1 2 LYS A 31 ? VAL A 40 ? LYS A 31 VAL A 40 
AA1 3 GLY A 19 ? ILE A 28 ? GLY A 19 ILE A 28 
AA1 4 GLY B 19 ? ILE B 28 ? GLY B 19 ILE B 28 
AA1 5 LYS B 31 ? VAL B 40 ? LYS B 31 VAL B 40 
AA1 6 ILE B 67 ? PRO B 76 ? ILE B 67 PRO B 76 
# 
loop_
_pdbx_struct_sheet_hbond.sheet_id 
_pdbx_struct_sheet_hbond.range_id_1 
_pdbx_struct_sheet_hbond.range_id_2 
_pdbx_struct_sheet_hbond.range_1_label_atom_id 
_pdbx_struct_sheet_hbond.range_1_label_comp_id 
_pdbx_struct_sheet_hbond.range_1_label_asym_id 
_pdbx_struct_sheet_hbond.range_1_label_seq_id 
_pdbx_struct_sheet_hbond.range_1_PDB_ins_code 
_pdbx_struct_sheet_hbond.range_1_auth_atom_id 
_pdbx_struct_sheet_hbond.range_1_auth_comp_id 
_pdbx_struct_sheet_hbond.range_1_auth_asym_id 
_pdbx_struct_sheet_hbond.range_1_auth_seq_id 
_pdbx_struct_sheet_hbond.range_2_label_atom_id 
_pdbx_struct_sheet_hbond.range_2_label_comp_id 
_pdbx_struct_sheet_hbond.range_2_label_asym_id 
_pdbx_struct_sheet_hbond.range_2_label_seq_id 
_pdbx_struct_sheet_hbond.range_2_PDB_ins_code 
_pdbx_struct_sheet_hbond.range_2_auth_atom_id 
_pdbx_struct_sheet_hbond.range_2_auth_comp_id 
_pdbx_struct_sheet_hbond.range_2_auth_asym_id 
_pdbx_struct_sheet_hbond.range_2_auth_seq_id 
AA1 1 2 O HIS A 73 ? O HIS A 73 N ILE A 38 ? N ILE A 38 
AA1 2 3 O LYS A 31 ? O LYS A 31 N ILE A 28 ? N ILE A 28 
AA1 3 4 N LEU A 23 ? N LEU A 23 O THR B 25 ? O THR B 25 
AA1 4 5 N GLY B 19 ? N GLY B 19 O LEU B 39 ? O LEU B 39 
AA1 5 6 N ALA B 34 ? N ALA B 34 O ARG B 69 ? O ARG B 69 
# 
_pdbx_validate_close_contact.id               1 
_pdbx_validate_close_contact.PDB_model_num    1 
_pdbx_validate_close_contact.auth_atom_id_1   O 
_pdbx_validate_close_contact.auth_asym_id_1   B 
_pdbx_validate_close_contact.auth_comp_id_1   HOH 
_pdbx_validate_close_contact.auth_seq_id_1    102 
_pdbx_validate_close_contact.PDB_ins_code_1   ? 
_pdbx_validate_close_contact.label_alt_id_1   ? 
_pdbx_validate_close_contact.auth_atom_id_2   O 
_pdbx_validate_close_contact.auth_asym_id_2   B 
_pdbx_validate_close_contact.auth_comp_id_2   HOH 
_pdbx_validate_close_contact.auth_seq_id_2    119 
_pdbx_validate_close_contact.PDB_ins_code_2   ? 
_pdbx_validate_close_contact.label_alt_id_2   ? 
_pdbx_validate_close_contact.dist             2.09 
# 
_pdbx_validate_rmsd_angle.id                         1 
_pdbx_validate_rmsd_angle.PDB_model_num              1 
_pdbx_validate_rmsd_angle.auth_atom_id_1             CD 
_pdbx_validate_rmsd_angle.auth_asym_id_1             B 
_pdbx_validate_rmsd_angle.auth_comp_id_1             LYS 
_pdbx_validate_rmsd_angle.auth_seq_id_1              58 
_pdbx_validate_rmsd_angle.PDB_ins_code_1             ? 
_pdbx_validate_rmsd_angle.label_alt_id_1             ? 
_pdbx_validate_rmsd_angle.auth_atom_id_2             CE 
_pdbx_validate_rmsd_angle.auth_asym_id_2             B 
_pdbx_validate_rmsd_angle.auth_comp_id_2             LYS 
_pdbx_validate_rmsd_angle.auth_seq_id_2              58 
_pdbx_validate_rmsd_angle.PDB_ins_code_2             ? 
_pdbx_validate_rmsd_angle.label_alt_id_2             ? 
_pdbx_validate_rmsd_angle.auth_atom_id_3             NZ 
_pdbx_validate_rmsd_angle.auth_asym_id_3             B 
_pdbx_validate_rmsd_angle.auth_comp_id_3             LYS 
_pdbx_validate_rmsd_angle.auth_seq_id_3              58 
_pdbx_validate_rmsd_angle.PDB_ins_code_3             ? 
_pdbx_validate_rmsd_angle.label_alt_id_3             ? 
_pdbx_validate_rmsd_angle.angle_value                125.64 
_pdbx_validate_rmsd_angle.angle_target_value         111.70 
_pdbx_validate_rmsd_angle.angle_deviation            13.94 
_pdbx_validate_rmsd_angle.angle_standard_deviation   2.30 
_pdbx_validate_rmsd_angle.linker_flag                N 
# 
_pdbx_validate_torsion.id              1 
_pdbx_validate_torsion.PDB_model_num   1 
_pdbx_validate_torsion.auth_comp_id    ASP 
_pdbx_validate_torsion.auth_asym_id    A 
_pdbx_validate_torsion.auth_seq_id     41 
_pdbx_validate_torsion.PDB_ins_code    ? 
_pdbx_validate_torsion.label_alt_id    ? 
_pdbx_validate_torsion.phi             -39.96 
_pdbx_validate_torsion.psi             121.17 
# 
loop_
_pdbx_unobs_or_zero_occ_residues.id 
_pdbx_unobs_or_zero_occ_residues.PDB_model_num 
_pdbx_unobs_or_zero_occ_residues.polymer_flag 
_pdbx_unobs_or_zero_occ_residues.occupancy_flag 
_pdbx_unobs_or_zero_occ_residues.auth_asym_id 
_pdbx_unobs_or_zero_occ_residues.auth_comp_id 
_pdbx_unobs_or_zero_occ_residues.auth_seq_id 
_pdbx_unobs_or_zero_occ_residues.PDB_ins_code 
_pdbx_unobs_or_zero_occ_residues.label_asym_id 
_pdbx_unobs_or_zero_occ_residues.label_comp_id 
_pdbx_unobs_or_zero_occ_residues.label_seq_id 
1 1 Y 1 A LYS 79 ? A LYS 79 
2 1 Y 1 B ARG 78 ? B ARG 78 
3 1 Y 1 B LYS 79 ? B LYS 79 
# 
loop_
_chem_comp_atom.comp_id 
_chem_comp_atom.atom_id 
_chem_comp_atom.type_symbol 
_chem_comp_atom.pdbx_aromatic_flag 
_chem_comp_atom.pdbx_stereo_config 
_chem_comp_atom.pdbx_ordinal 
ALA N    N N N 1   
ALA CA   C N S 2   
ALA C    C N N 3   
ALA O    O N N 4   
ALA CB   C N N 5   
ALA OXT  O N N 6   
ALA H    H N N 7   
ALA H2   H N N 8   
ALA HA   H N N 9   
ALA HB1  H N N 10  
ALA HB2  H N N 11  
ALA HB3  H N N 12  
ALA HXT  H N N 13  
ARG N    N N N 14  
ARG CA   C N S 15  
ARG C    C N N 16  
ARG O    O N N 17  
ARG CB   C N N 18  
ARG CG   C N N 19  
ARG CD   C N N 20  
ARG NE   N N N 21  
ARG CZ   C N N 22  
ARG NH1  N N N 23  
ARG NH2  N N N 24  
ARG OXT  O N N 25  
ARG H    H N N 26  
ARG H2   H N N 27  
ARG HA   H N N 28  
ARG HB2  H N N 29  
ARG HB3  H N N 30  
ARG HG2  H N N 31  
ARG HG3  H N N 32  
ARG HD2  H N N 33  
ARG HD3  H N N 34  
ARG HE   H N N 35  
ARG HH11 H N N 36  
ARG HH12 H N N 37  
ARG HH21 H N N 38  
ARG HH22 H N N 39  
ARG HXT  H N N 40  
ASN N    N N N 41  
ASN CA   C N S 42  
ASN C    C N N 43  
ASN O    O N N 44  
ASN CB   C N N 45  
ASN CG   C N N 46  
ASN OD1  O N N 47  
ASN ND2  N N N 48  
ASN OXT  O N N 49  
ASN H    H N N 50  
ASN H2   H N N 51  
ASN HA   H N N 52  
ASN HB2  H N N 53  
ASN HB3  H N N 54  
ASN HD21 H N N 55  
ASN HD22 H N N 56  
ASN HXT  H N N 57  
ASP N    N N N 58  
ASP CA   C N S 59  
ASP C    C N N 60  
ASP O    O N N 61  
ASP CB   C N N 62  
ASP CG   C N N 63  
ASP OD1  O N N 64  
ASP OD2  O N N 65  
ASP OXT  O N N 66  
ASP H    H N N 67  
ASP H2   H N N 68  
ASP HA   H N N 69  
ASP HB2  H N N 70  
ASP HB3  H N N 71  
ASP HD2  H N N 72  
ASP HXT  H N N 73  
GLN N    N N N 74  
GLN CA   C N S 75  
GLN C    C N N 76  
GLN O    O N N 77  
GLN CB   C N N 78  
GLN CG   C N N 79  
GLN CD   C N N 80  
GLN OE1  O N N 81  
GLN NE2  N N N 82  
GLN OXT  O N N 83  
GLN H    H N N 84  
GLN H2   H N N 85  
GLN HA   H N N 86  
GLN HB2  H N N 87  
GLN HB3  H N N 88  
GLN HG2  H N N 89  
GLN HG3  H N N 90  
GLN HE21 H N N 91  
GLN HE22 H N N 92  
GLN HXT  H N N 93  
GLU N    N N N 94  
GLU CA   C N S 95  
GLU C    C N N 96  
GLU O    O N N 97  
GLU CB   C N N 98  
GLU CG   C N N 99  
GLU CD   C N N 100 
GLU OE1  O N N 101 
GLU OE2  O N N 102 
GLU OXT  O N N 103 
GLU H    H N N 104 
GLU H2   H N N 105 
GLU HA   H N N 106 
GLU HB2  H N N 107 
GLU HB3  H N N 108 
GLU HG2  H N N 109 
GLU HG3  H N N 110 
GLU HE2  H N N 111 
GLU HXT  H N N 112 
GLY N    N N N 113 
GLY CA   C N N 114 
GLY C    C N N 115 
GLY O    O N N 116 
GLY OXT  O N N 117 
GLY H    H N N 118 
GLY H2   H N N 119 
GLY HA2  H N N 120 
GLY HA3  H N N 121 
GLY HXT  H N N 122 
HIS N    N N N 123 
HIS CA   C N S 124 
HIS C    C N N 125 
HIS O    O N N 126 
HIS CB   C N N 127 
HIS CG   C Y N 128 
HIS ND1  N Y N 129 
HIS CD2  C Y N 130 
HIS CE1  C Y N 131 
HIS NE2  N Y N 132 
HIS OXT  O N N 133 
HIS H    H N N 134 
HIS H2   H N N 135 
HIS HA   H N N 136 
HIS HB2  H N N 137 
HIS HB3  H N N 138 
HIS HD1  H N N 139 
HIS HD2  H N N 140 
HIS HE1  H N N 141 
HIS HE2  H N N 142 
HIS HXT  H N N 143 
HOH O    O N N 144 
HOH H1   H N N 145 
HOH H2   H N N 146 
ILE N    N N N 147 
ILE CA   C N S 148 
ILE C    C N N 149 
ILE O    O N N 150 
ILE CB   C N S 151 
ILE CG1  C N N 152 
ILE CG2  C N N 153 
ILE CD1  C N N 154 
ILE OXT  O N N 155 
ILE H    H N N 156 
ILE H2   H N N 157 
ILE HA   H N N 158 
ILE HB   H N N 159 
ILE HG12 H N N 160 
ILE HG13 H N N 161 
ILE HG21 H N N 162 
ILE HG22 H N N 163 
ILE HG23 H N N 164 
ILE HD11 H N N 165 
ILE HD12 H N N 166 
ILE HD13 H N N 167 
ILE HXT  H N N 168 
LEU N    N N N 169 
LEU CA   C N S 170 
LEU C    C N N 171 
LEU O    O N N 172 
LEU CB   C N N 173 
LEU CG   C N N 174 
LEU CD1  C N N 175 
LEU CD2  C N N 176 
LEU OXT  O N N 177 
LEU H    H N N 178 
LEU H2   H N N 179 
LEU HA   H N N 180 
LEU HB2  H N N 181 
LEU HB3  H N N 182 
LEU HG   H N N 183 
LEU HD11 H N N 184 
LEU HD12 H N N 185 
LEU HD13 H N N 186 
LEU HD21 H N N 187 
LEU HD22 H N N 188 
LEU HD23 H N N 189 
LEU HXT  H N N 190 
LYS N    N N N 191 
LYS CA   C N S 192 
LYS C    C N N 193 
LYS O    O N N 194 
LYS CB   C N N 195 
LYS CG   C N N 196 
LYS CD   C N N 197 
LYS CE   C N N 198 
LYS NZ   N N N 199 
LYS OXT  O N N 200 
LYS H    H N N 201 
LYS H2   H N N 202 
LYS HA   H N N 203 
LYS HB2  H N N 204 
LYS HB3  H N N 205 
LYS HG2  H N N 206 
LYS HG3  H N N 207 
LYS HD2  H N N 208 
LYS HD3  H N N 209 
LYS HE2  H N N 210 
LYS HE3  H N N 211 
LYS HZ1  H N N 212 
LYS HZ2  H N N 213 
LYS HZ3  H N N 214 
LYS HXT  H N N 215 
PHE N    N N N 216 
PHE CA   C N S 217 
PHE C    C N N 218 
PHE O    O N N 219 
PHE CB   C N N 220 
PHE CG   C Y N 221 
PHE CD1  C Y N 222 
PHE CD2  C Y N 223 
PHE CE1  C Y N 224 
PHE CE2  C Y N 225 
PHE CZ   C Y N 226 
PHE OXT  O N N 227 
PHE H    H N N 228 
PHE H2   H N N 229 
PHE HA   H N N 230 
PHE HB2  H N N 231 
PHE HB3  H N N 232 
PHE HD1  H N N 233 
PHE HD2  H N N 234 
PHE HE1  H N N 235 
PHE HE2  H N N 236 
PHE HZ   H N N 237 
PHE HXT  H N N 238 
PRO N    N N N 239 
PRO CA   C N S 240 
PRO C    C N N 241 
PRO O    O N N 242 
PRO CB   C N N 243 
PRO CG   C N N 244 
PRO CD   C N N 245 
PRO OXT  O N N 246 
PRO H    H N N 247 
PRO HA   H N N 248 
PRO HB2  H N N 249 
PRO HB3  H N N 250 
PRO HG2  H N N 251 
PRO HG3  H N N 252 
PRO HD2  H N N 253 
PRO HD3  H N N 254 
PRO HXT  H N N 255 
SER N    N N N 256 
SER CA   C N S 257 
SER C    C N N 258 
SER O    O N N 259 
SER CB   C N N 260 
SER OG   O N N 261 
SER OXT  O N N 262 
SER H    H N N 263 
SER H2   H N N 264 
SER HA   H N N 265 
SER HB2  H N N 266 
SER HB3  H N N 267 
SER HG   H N N 268 
SER HXT  H N N 269 
THR N    N N N 270 
THR CA   C N S 271 
THR C    C N N 272 
THR O    O N N 273 
THR CB   C N R 274 
THR OG1  O N N 275 
THR CG2  C N N 276 
THR OXT  O N N 277 
THR H    H N N 278 
THR H2   H N N 279 
THR HA   H N N 280 
THR HB   H N N 281 
THR HG1  H N N 282 
THR HG21 H N N 283 
THR HG22 H N N 284 
THR HG23 H N N 285 
THR HXT  H N N 286 
TRP N    N N N 287 
TRP CA   C N S 288 
TRP C    C N N 289 
TRP O    O N N 290 
TRP CB   C N N 291 
TRP CG   C Y N 292 
TRP CD1  C Y N 293 
TRP CD2  C Y N 294 
TRP NE1  N Y N 295 
TRP CE2  C Y N 296 
TRP CE3  C Y N 297 
TRP CZ2  C Y N 298 
TRP CZ3  C Y N 299 
TRP CH2  C Y N 300 
TRP OXT  O N N 301 
TRP H    H N N 302 
TRP H2   H N N 303 
TRP HA   H N N 304 
TRP HB2  H N N 305 
TRP HB3  H N N 306 
TRP HD1  H N N 307 
TRP HE1  H N N 308 
TRP HE3  H N N 309 
TRP HZ2  H N N 310 
TRP HZ3  H N N 311 
TRP HH2  H N N 312 
TRP HXT  H N N 313 
TYR N    N N N 314 
TYR CA   C N S 315 
TYR C    C N N 316 
TYR O    O N N 317 
TYR CB   C N N 318 
TYR CG   C Y N 319 
TYR CD1  C Y N 320 
TYR CD2  C Y N 321 
TYR CE1  C Y N 322 
TYR CE2  C Y N 323 
TYR CZ   C Y N 324 
TYR OH   O N N 325 
TYR OXT  O N N 326 
TYR H    H N N 327 
TYR H2   H N N 328 
TYR HA   H N N 329 
TYR HB2  H N N 330 
TYR HB3  H N N 331 
TYR HD1  H N N 332 
TYR HD2  H N N 333 
TYR HE1  H N N 334 
TYR HE2  H N N 335 
TYR HH   H N N 336 
TYR HXT  H N N 337 
VAL N    N N N 338 
VAL CA   C N S 339 
VAL C    C N N 340 
VAL O    O N N 341 
VAL CB   C N N 342 
VAL CG1  C N N 343 
VAL CG2  C N N 344 
VAL OXT  O N N 345 
VAL H    H N N 346 
VAL H2   H N N 347 
VAL HA   H N N 348 
VAL HB   H N N 349 
VAL HG11 H N N 350 
VAL HG12 H N N 351 
VAL HG13 H N N 352 
VAL HG21 H N N 353 
VAL HG22 H N N 354 
VAL HG23 H N N 355 
VAL HXT  H N N 356 
# 
loop_
_chem_comp_bond.comp_id 
_chem_comp_bond.atom_id_1 
_chem_comp_bond.atom_id_2 
_chem_comp_bond.value_order 
_chem_comp_bond.pdbx_aromatic_flag 
_chem_comp_bond.pdbx_stereo_config 
_chem_comp_bond.pdbx_ordinal 
ALA N   CA   sing N N 1   
ALA N   H    sing N N 2   
ALA N   H2   sing N N 3   
ALA CA  C    sing N N 4   
ALA CA  CB   sing N N 5   
ALA CA  HA   sing N N 6   
ALA C   O    doub N N 7   
ALA C   OXT  sing N N 8   
ALA CB  HB1  sing N N 9   
ALA CB  HB2  sing N N 10  
ALA CB  HB3  sing N N 11  
ALA OXT HXT  sing N N 12  
ARG N   CA   sing N N 13  
ARG N   H    sing N N 14  
ARG N   H2   sing N N 15  
ARG CA  C    sing N N 16  
ARG CA  CB   sing N N 17  
ARG CA  HA   sing N N 18  
ARG C   O    doub N N 19  
ARG C   OXT  sing N N 20  
ARG CB  CG   sing N N 21  
ARG CB  HB2  sing N N 22  
ARG CB  HB3  sing N N 23  
ARG CG  CD   sing N N 24  
ARG CG  HG2  sing N N 25  
ARG CG  HG3  sing N N 26  
ARG CD  NE   sing N N 27  
ARG CD  HD2  sing N N 28  
ARG CD  HD3  sing N N 29  
ARG NE  CZ   sing N N 30  
ARG NE  HE   sing N N 31  
ARG CZ  NH1  sing N N 32  
ARG CZ  NH2  doub N N 33  
ARG NH1 HH11 sing N N 34  
ARG NH1 HH12 sing N N 35  
ARG NH2 HH21 sing N N 36  
ARG NH2 HH22 sing N N 37  
ARG OXT HXT  sing N N 38  
ASN N   CA   sing N N 39  
ASN N   H    sing N N 40  
ASN N   H2   sing N N 41  
ASN CA  C    sing N N 42  
ASN CA  CB   sing N N 43  
ASN CA  HA   sing N N 44  
ASN C   O    doub N N 45  
ASN C   OXT  sing N N 46  
ASN CB  CG   sing N N 47  
ASN CB  HB2  sing N N 48  
ASN CB  HB3  sing N N 49  
ASN CG  OD1  doub N N 50  
ASN CG  ND2  sing N N 51  
ASN ND2 HD21 sing N N 52  
ASN ND2 HD22 sing N N 53  
ASN OXT HXT  sing N N 54  
ASP N   CA   sing N N 55  
ASP N   H    sing N N 56  
ASP N   H2   sing N N 57  
ASP CA  C    sing N N 58  
ASP CA  CB   sing N N 59  
ASP CA  HA   sing N N 60  
ASP C   O    doub N N 61  
ASP C   OXT  sing N N 62  
ASP CB  CG   sing N N 63  
ASP CB  HB2  sing N N 64  
ASP CB  HB3  sing N N 65  
ASP CG  OD1  doub N N 66  
ASP CG  OD2  sing N N 67  
ASP OD2 HD2  sing N N 68  
ASP OXT HXT  sing N N 69  
GLN N   CA   sing N N 70  
GLN N   H    sing N N 71  
GLN N   H2   sing N N 72  
GLN CA  C    sing N N 73  
GLN CA  CB   sing N N 74  
GLN CA  HA   sing N N 75  
GLN C   O    doub N N 76  
GLN C   OXT  sing N N 77  
GLN CB  CG   sing N N 78  
GLN CB  HB2  sing N N 79  
GLN CB  HB3  sing N N 80  
GLN CG  CD   sing N N 81  
GLN CG  HG2  sing N N 82  
GLN CG  HG3  sing N N 83  
GLN CD  OE1  doub N N 84  
GLN CD  NE2  sing N N 85  
GLN NE2 HE21 sing N N 86  
GLN NE2 HE22 sing N N 87  
GLN OXT HXT  sing N N 88  
GLU N   CA   sing N N 89  
GLU N   H    sing N N 90  
GLU N   H2   sing N N 91  
GLU CA  C    sing N N 92  
GLU CA  CB   sing N N 93  
GLU CA  HA   sing N N 94  
GLU C   O    doub N N 95  
GLU C   OXT  sing N N 96  
GLU CB  CG   sing N N 97  
GLU CB  HB2  sing N N 98  
GLU CB  HB3  sing N N 99  
GLU CG  CD   sing N N 100 
GLU CG  HG2  sing N N 101 
GLU CG  HG3  sing N N 102 
GLU CD  OE1  doub N N 103 
GLU CD  OE2  sing N N 104 
GLU OE2 HE2  sing N N 105 
GLU OXT HXT  sing N N 106 
GLY N   CA   sing N N 107 
GLY N   H    sing N N 108 
GLY N   H2   sing N N 109 
GLY CA  C    sing N N 110 
GLY CA  HA2  sing N N 111 
GLY CA  HA3  sing N N 112 
GLY C   O    doub N N 113 
GLY C   OXT  sing N N 114 
GLY OXT HXT  sing N N 115 
HIS N   CA   sing N N 116 
HIS N   H    sing N N 117 
HIS N   H2   sing N N 118 
HIS CA  C    sing N N 119 
HIS CA  CB   sing N N 120 
HIS CA  HA   sing N N 121 
HIS C   O    doub N N 122 
HIS C   OXT  sing N N 123 
HIS CB  CG   sing N N 124 
HIS CB  HB2  sing N N 125 
HIS CB  HB3  sing N N 126 
HIS CG  ND1  sing Y N 127 
HIS CG  CD2  doub Y N 128 
HIS ND1 CE1  doub Y N 129 
HIS ND1 HD1  sing N N 130 
HIS CD2 NE2  sing Y N 131 
HIS CD2 HD2  sing N N 132 
HIS CE1 NE2  sing Y N 133 
HIS CE1 HE1  sing N N 134 
HIS NE2 HE2  sing N N 135 
HIS OXT HXT  sing N N 136 
HOH O   H1   sing N N 137 
HOH O   H2   sing N N 138 
ILE N   CA   sing N N 139 
ILE N   H    sing N N 140 
ILE N   H2   sing N N 141 
ILE CA  C    sing N N 142 
ILE CA  CB   sing N N 143 
ILE CA  HA   sing N N 144 
ILE C   O    doub N N 145 
ILE C   OXT  sing N N 146 
ILE CB  CG1  sing N N 147 
ILE CB  CG2  sing N N 148 
ILE CB  HB   sing N N 149 
ILE CG1 CD1  sing N N 150 
ILE CG1 HG12 sing N N 151 
ILE CG1 HG13 sing N N 152 
ILE CG2 HG21 sing N N 153 
ILE CG2 HG22 sing N N 154 
ILE CG2 HG23 sing N N 155 
ILE CD1 HD11 sing N N 156 
ILE CD1 HD12 sing N N 157 
ILE CD1 HD13 sing N N 158 
ILE OXT HXT  sing N N 159 
LEU N   CA   sing N N 160 
LEU N   H    sing N N 161 
LEU N   H2   sing N N 162 
LEU CA  C    sing N N 163 
LEU CA  CB   sing N N 164 
LEU CA  HA   sing N N 165 
LEU C   O    doub N N 166 
LEU C   OXT  sing N N 167 
LEU CB  CG   sing N N 168 
LEU CB  HB2  sing N N 169 
LEU CB  HB3  sing N N 170 
LEU CG  CD1  sing N N 171 
LEU CG  CD2  sing N N 172 
LEU CG  HG   sing N N 173 
LEU CD1 HD11 sing N N 174 
LEU CD1 HD12 sing N N 175 
LEU CD1 HD13 sing N N 176 
LEU CD2 HD21 sing N N 177 
LEU CD2 HD22 sing N N 178 
LEU CD2 HD23 sing N N 179 
LEU OXT HXT  sing N N 180 
LYS N   CA   sing N N 181 
LYS N   H    sing N N 182 
LYS N   H2   sing N N 183 
LYS CA  C    sing N N 184 
LYS CA  CB   sing N N 185 
LYS CA  HA   sing N N 186 
LYS C   O    doub N N 187 
LYS C   OXT  sing N N 188 
LYS CB  CG   sing N N 189 
LYS CB  HB2  sing N N 190 
LYS CB  HB3  sing N N 191 
LYS CG  CD   sing N N 192 
LYS CG  HG2  sing N N 193 
LYS CG  HG3  sing N N 194 
LYS CD  CE   sing N N 195 
LYS CD  HD2  sing N N 196 
LYS CD  HD3  sing N N 197 
LYS CE  NZ   sing N N 198 
LYS CE  HE2  sing N N 199 
LYS CE  HE3  sing N N 200 
LYS NZ  HZ1  sing N N 201 
LYS NZ  HZ2  sing N N 202 
LYS NZ  HZ3  sing N N 203 
LYS OXT HXT  sing N N 204 
PHE N   CA   sing N N 205 
PHE N   H    sing N N 206 
PHE N   H2   sing N N 207 
PHE CA  C    sing N N 208 
PHE CA  CB   sing N N 209 
PHE CA  HA   sing N N 210 
PHE C   O    doub N N 211 
PHE C   OXT  sing N N 212 
PHE CB  CG   sing N N 213 
PHE CB  HB2  sing N N 214 
PHE CB  HB3  sing N N 215 
PHE CG  CD1  doub Y N 216 
PHE CG  CD2  sing Y N 217 
PHE CD1 CE1  sing Y N 218 
PHE CD1 HD1  sing N N 219 
PHE CD2 CE2  doub Y N 220 
PHE CD2 HD2  sing N N 221 
PHE CE1 CZ   doub Y N 222 
PHE CE1 HE1  sing N N 223 
PHE CE2 CZ   sing Y N 224 
PHE CE2 HE2  sing N N 225 
PHE CZ  HZ   sing N N 226 
PHE OXT HXT  sing N N 227 
PRO N   CA   sing N N 228 
PRO N   CD   sing N N 229 
PRO N   H    sing N N 230 
PRO CA  C    sing N N 231 
PRO CA  CB   sing N N 232 
PRO CA  HA   sing N N 233 
PRO C   O    doub N N 234 
PRO C   OXT  sing N N 235 
PRO CB  CG   sing N N 236 
PRO CB  HB2  sing N N 237 
PRO CB  HB3  sing N N 238 
PRO CG  CD   sing N N 239 
PRO CG  HG2  sing N N 240 
PRO CG  HG3  sing N N 241 
PRO CD  HD2  sing N N 242 
PRO CD  HD3  sing N N 243 
PRO OXT HXT  sing N N 244 
SER N   CA   sing N N 245 
SER N   H    sing N N 246 
SER N   H2   sing N N 247 
SER CA  C    sing N N 248 
SER CA  CB   sing N N 249 
SER CA  HA   sing N N 250 
SER C   O    doub N N 251 
SER C   OXT  sing N N 252 
SER CB  OG   sing N N 253 
SER CB  HB2  sing N N 254 
SER CB  HB3  sing N N 255 
SER OG  HG   sing N N 256 
SER OXT HXT  sing N N 257 
THR N   CA   sing N N 258 
THR N   H    sing N N 259 
THR N   H2   sing N N 260 
THR CA  C    sing N N 261 
THR CA  CB   sing N N 262 
THR CA  HA   sing N N 263 
THR C   O    doub N N 264 
THR C   OXT  sing N N 265 
THR CB  OG1  sing N N 266 
THR CB  CG2  sing N N 267 
THR CB  HB   sing N N 268 
THR OG1 HG1  sing N N 269 
THR CG2 HG21 sing N N 270 
THR CG2 HG22 sing N N 271 
THR CG2 HG23 sing N N 272 
THR OXT HXT  sing N N 273 
TRP N   CA   sing N N 274 
TRP N   H    sing N N 275 
TRP N   H2   sing N N 276 
TRP CA  C    sing N N 277 
TRP CA  CB   sing N N 278 
TRP CA  HA   sing N N 279 
TRP C   O    doub N N 280 
TRP C   OXT  sing N N 281 
TRP CB  CG   sing N N 282 
TRP CB  HB2  sing N N 283 
TRP CB  HB3  sing N N 284 
TRP CG  CD1  doub Y N 285 
TRP CG  CD2  sing Y N 286 
TRP CD1 NE1  sing Y N 287 
TRP CD1 HD1  sing N N 288 
TRP CD2 CE2  doub Y N 289 
TRP CD2 CE3  sing Y N 290 
TRP NE1 CE2  sing Y N 291 
TRP NE1 HE1  sing N N 292 
TRP CE2 CZ2  sing Y N 293 
TRP CE3 CZ3  doub Y N 294 
TRP CE3 HE3  sing N N 295 
TRP CZ2 CH2  doub Y N 296 
TRP CZ2 HZ2  sing N N 297 
TRP CZ3 CH2  sing Y N 298 
TRP CZ3 HZ3  sing N N 299 
TRP CH2 HH2  sing N N 300 
TRP OXT HXT  sing N N 301 
TYR N   CA   sing N N 302 
TYR N   H    sing N N 303 
TYR N   H2   sing N N 304 
TYR CA  C    sing N N 305 
TYR CA  CB   sing N N 306 
TYR CA  HA   sing N N 307 
TYR C   O    doub N N 308 
TYR C   OXT  sing N N 309 
TYR CB  CG   sing N N 310 
TYR CB  HB2  sing N N 311 
TYR CB  HB3  sing N N 312 
TYR CG  CD1  doub Y N 313 
TYR CG  CD2  sing Y N 314 
TYR CD1 CE1  sing Y N 315 
TYR CD1 HD1  sing N N 316 
TYR CD2 CE2  doub Y N 317 
TYR CD2 HD2  sing N N 318 
TYR CE1 CZ   doub Y N 319 
TYR CE1 HE1  sing N N 320 
TYR CE2 CZ   sing Y N 321 
TYR CE2 HE2  sing N N 322 
TYR CZ  OH   sing N N 323 
TYR OH  HH   sing N N 324 
TYR OXT HXT  sing N N 325 
VAL N   CA   sing N N 326 
VAL N   H    sing N N 327 
VAL N   H2   sing N N 328 
VAL CA  C    sing N N 329 
VAL CA  CB   sing N N 330 
VAL CA  HA   sing N N 331 
VAL C   O    doub N N 332 
VAL C   OXT  sing N N 333 
VAL CB  CG1  sing N N 334 
VAL CB  CG2  sing N N 335 
VAL CB  HB   sing N N 336 
VAL CG1 HG11 sing N N 337 
VAL CG1 HG12 sing N N 338 
VAL CG1 HG13 sing N N 339 
VAL CG2 HG21 sing N N 340 
VAL CG2 HG22 sing N N 341 
VAL CG2 HG23 sing N N 342 
VAL OXT HXT  sing N N 343 
# 
_pdbx_audit_support.funding_organization   'Israel Science Foundation' 
_pdbx_audit_support.country                Israel 
_pdbx_audit_support.grant_number           167/16 
_pdbx_audit_support.ordinal                1 
# 
_pdbx_initial_refinement_model.accession_code   ? 
_pdbx_initial_refinement_model.id               1 
_pdbx_initial_refinement_model.entity_id_list   ? 
_pdbx_initial_refinement_model.type             other 
_pdbx_initial_refinement_model.source_name      ? 
_pdbx_initial_refinement_model.details          'MamM CTD MSR-1' 
# 
loop_
_pdbx_reflns_twin.domain_id 
_pdbx_reflns_twin.crystal_id 
_pdbx_reflns_twin.diffrn_id 
_pdbx_reflns_twin.type 
_pdbx_reflns_twin.operator 
_pdbx_reflns_twin.fraction 
1 1 1 ? 'H, K, L'    0.773 
2 1 1 ? '-K, -H, -L' 0.227 
# 
_atom_sites.entry_id                    6QEK 
_atom_sites.fract_transf_matrix[1][1]   -0.00477117 
_atom_sites.fract_transf_matrix[1][2]   -0.01219871 
_atom_sites.fract_transf_matrix[1][3]   0.02077328 
_atom_sites.fract_transf_matrix[2][1]   -0.00362305 
_atom_sites.fract_transf_matrix[2][2]   -0.02428246 
_atom_sites.fract_transf_matrix[2][3]   -0.00057541 
_atom_sites.fract_transf_matrix[3][1]   0.00750571 
_atom_sites.fract_transf_matrix[3][2]   -0.00114481 
_atom_sites.fract_transf_matrix[3][3]   0.00105163 
_atom_sites.fract_transf_vector[1]      0.095242 
_atom_sites.fract_transf_vector[2]      -0.156071 
_atom_sites.fract_transf_vector[3]      -0.003350 
# 
loop_
_atom_type.symbol 
C 
N 
O 
# 
loop_
_atom_site.group_PDB 
_atom_site.id 
_atom_site.type_symbol 
_atom_site.label_atom_id 
_atom_site.label_alt_id 
_atom_site.label_comp_id 
_atom_site.label_asym_id 
_atom_site.label_entity_id 
_atom_site.label_seq_id 
_atom_site.pdbx_PDB_ins_code 
_atom_site.Cartn_x 
_atom_site.Cartn_y 
_atom_site.Cartn_z 
_atom_site.occupancy 
_atom_site.B_iso_or_equiv 
_atom_site.pdbx_formal_charge 
_atom_site.auth_seq_id 
_atom_site.auth_comp_id 
_atom_site.auth_asym_id 
_atom_site.auth_atom_id 
_atom_site.pdbx_PDB_model_num 
ATOM   1    N N   . ASP A 1 1  ? -8.516  -4.578  -9.268  1.00 71.65 ? 1   ASP A N   1 
ATOM   2    C CA  . ASP A 1 1  ? -7.698  -5.415  -8.327  1.00 67.51 ? 1   ASP A CA  1 
ATOM   3    C C   . ASP A 1 1  ? -8.643  -6.121  -7.340  1.00 67.53 ? 1   ASP A C   1 
ATOM   4    O O   . ASP A 1 1  ? -8.912  -5.611  -6.223  1.00 59.95 ? 1   ASP A O   1 
ATOM   5    C CB  . ASP A 1 1  ? -6.593  -4.569  -7.615  1.00 63.90 ? 1   ASP A CB  1 
ATOM   6    C CG  . ASP A 1 1  ? -5.671  -5.412  -6.687  1.00 55.03 ? 1   ASP A CG  1 
ATOM   7    O OD1 . ASP A 1 1  ? -5.965  -6.619  -6.489  1.00 51.17 ? 1   ASP A OD1 1 
ATOM   8    O OD2 . ASP A 1 1  ? -4.674  -4.861  -6.135  1.00 45.76 ? 1   ASP A OD2 1 
ATOM   9    N N   . ILE A 1 2  ? -9.128  -7.286  -7.789  1.00 61.67 ? 2   ILE A N   1 
ATOM   10   C CA  . ILE A 1 2  ? -10.054 -8.161  -7.029  1.00 63.60 ? 2   ILE A CA  1 
ATOM   11   C C   . ILE A 1 2  ? -9.524  -8.585  -5.636  1.00 57.28 ? 2   ILE A C   1 
ATOM   12   O O   . ILE A 1 2  ? -10.207 -8.401  -4.617  1.00 53.68 ? 2   ILE A O   1 
ATOM   13   C CB  . ILE A 1 2  ? -10.474 -9.403  -7.890  1.00 59.25 ? 2   ILE A CB  1 
ATOM   14   C CG1 . ILE A 1 2  ? -11.598 -9.006  -8.863  1.00 65.10 ? 2   ILE A CG1 1 
ATOM   15   C CG2 . ILE A 1 2  ? -10.880 -10.606 -7.035  1.00 59.61 ? 2   ILE A CG2 1 
ATOM   16   C CD1 . ILE A 1 2  ? -11.838 -9.974  -10.008 1.00 68.00 ? 2   ILE A CD1 1 
ATOM   17   N N   . TYR A 1 3  ? -8.327  -9.158  -5.591  1.00 61.01 ? 3   TYR A N   1 
ATOM   18   C CA  . TYR A 1 3  ? -7.738  -9.599  -4.315  1.00 55.94 ? 3   TYR A CA  1 
ATOM   19   C C   . TYR A 1 3  ? -7.364  -8.405  -3.439  1.00 54.29 ? 3   TYR A C   1 
ATOM   20   O O   . TYR A 1 3  ? -7.537  -8.457  -2.221  1.00 45.75 ? 3   TYR A O   1 
ATOM   21   C CB  . TYR A 1 3  ? -6.560  -10.558 -4.523  1.00 61.11 ? 3   TYR A CB  1 
ATOM   22   C CG  . TYR A 1 3  ? -6.964  -11.767 -5.332  1.00 64.39 ? 3   TYR A CG  1 
ATOM   23   C CD1 . TYR A 1 3  ? -7.624  -12.843 -4.724  1.00 67.61 ? 3   TYR A CD1 1 
ATOM   24   C CD2 . TYR A 1 3  ? -6.740  -11.825 -6.711  1.00 64.19 ? 3   TYR A CD2 1 
ATOM   25   C CE1 . TYR A 1 3  ? -8.026  -13.953 -5.462  1.00 70.08 ? 3   TYR A CE1 1 
ATOM   26   C CE2 . TYR A 1 3  ? -7.144  -12.932 -7.465  1.00 67.27 ? 3   TYR A CE2 1 
ATOM   27   C CZ  . TYR A 1 3  ? -7.781  -13.992 -6.835  1.00 69.26 ? 3   TYR A CZ  1 
ATOM   28   O OH  . TYR A 1 3  ? -8.179  -15.091 -7.564  1.00 74.14 ? 3   TYR A OH  1 
ATOM   29   N N   . GLY A 1 4  ? -6.911  -7.317  -4.052  1.00 55.49 ? 4   GLY A N   1 
ATOM   30   C CA  . GLY A 1 4  ? -6.670  -6.054  -3.318  1.00 56.80 ? 4   GLY A CA  1 
ATOM   31   C C   . GLY A 1 4  ? -7.779  -5.712  -2.345  1.00 49.24 ? 4   GLY A C   1 
ATOM   32   O O   . GLY A 1 4  ? -7.582  -5.621  -1.116  1.00 38.77 ? 4   GLY A O   1 
ATOM   33   N N   . ASP A 1 5  ? -8.967  -5.589  -2.914  1.00 52.91 ? 5   ASP A N   1 
ATOM   34   C CA  . ASP A 1 5  ? -10.163 -5.311  -2.153  1.00 49.84 ? 5   ASP A CA  1 
ATOM   35   C C   . ASP A 1 5  ? -10.461 -6.415  -1.150  1.00 51.43 ? 5   ASP A C   1 
ATOM   36   O O   . ASP A 1 5  ? -10.797 -6.126  -0.013  1.00 48.49 ? 5   ASP A O   1 
ATOM   37   C CB  . ASP A 1 5  ? -11.400 -5.131  -3.089  1.00 51.86 ? 5   ASP A CB  1 
ATOM   38   C CG  . ASP A 1 5  ? -11.701 -3.665  -3.417  1.00 56.58 ? 5   ASP A CG  1 
ATOM   39   O OD1 . ASP A 1 5  ? -11.336 -2.765  -2.621  1.00 65.53 ? 5   ASP A OD1 1 
ATOM   40   O OD2 . ASP A 1 5  ? -12.320 -3.411  -4.475  1.00 59.52 ? 5   ASP A OD2 1 
ATOM   41   N N   . GLU A 1 6  ? -10.376 -7.667  -1.592  1.00 42.78 ? 6   GLU A N   1 
ATOM   42   C CA  . GLU A 1 6  ? -10.678 -8.790  -0.724  1.00 47.73 ? 6   GLU A CA  1 
ATOM   43   C C   . GLU A 1 6  ? -9.741  -8.825  0.494   1.00 44.56 ? 6   GLU A C   1 
ATOM   44   O O   . GLU A 1 6  ? -10.196 -9.021  1.610   1.00 42.45 ? 6   GLU A O   1 
ATOM   45   C CB  . GLU A 1 6  ? -10.590 -10.122 -1.466  1.00 49.25 ? 6   GLU A CB  1 
ATOM   46   C CG  . GLU A 1 6  ? -11.753 -10.445 -2.419  1.00 60.96 ? 6   GLU A CG  1 
ATOM   47   C CD  . GLU A 1 6  ? -11.588 -11.818 -3.115  1.00 61.42 ? 6   GLU A CD  1 
ATOM   48   O OE1 . GLU A 1 6  ? -10.905 -12.707 -2.545  1.00 56.91 ? 6   GLU A OE1 1 
ATOM   49   O OE2 . GLU A 1 6  ? -12.120 -12.020 -4.245  1.00 63.77 ? 6   GLU A OE2 1 
ATOM   50   N N   . ILE A 1 7  ? -8.440  -8.617  0.253   1.00 37.07 ? 7   ILE A N   1 
ATOM   51   C CA  . ILE A 1 7  ? -7.460  -8.514  1.309   1.00 37.52 ? 7   ILE A CA  1 
ATOM   52   C C   . ILE A 1 7  ? -7.758  -7.392  2.284   1.00 37.87 ? 7   ILE A C   1 
ATOM   53   O O   . ILE A 1 7  ? -7.795  -7.628  3.482   1.00 37.35 ? 7   ILE A O   1 
ATOM   54   C CB  . ILE A 1 7  ? -6.023  -8.362  0.740   1.00 37.11 ? 7   ILE A CB  1 
ATOM   55   C CG1 . ILE A 1 7  ? -5.621  -9.665  0.069   1.00 41.18 ? 7   ILE A CG1 1 
ATOM   56   C CG2 . ILE A 1 7  ? -5.053  -8.028  1.872   1.00 37.08 ? 7   ILE A CG2 1 
ATOM   57   C CD1 . ILE A 1 7  ? -4.310  -9.651  -0.704  1.00 46.62 ? 7   ILE A CD1 1 
ATOM   58   N N   . THR A 1 8  ? -7.913  -6.176  1.763   1.00 35.01 ? 8   THR A N   1 
ATOM   59   C CA  . THR A 1 8  ? -8.243  -5.005  2.572   1.00 38.12 ? 8   THR A CA  1 
ATOM   60   C C   . THR A 1 8  ? -9.459  -5.264  3.429   1.00 39.73 ? 8   THR A C   1 
ATOM   61   O O   . THR A 1 8  ? -9.515  -4.837  4.595   1.00 39.67 ? 8   THR A O   1 
ATOM   62   C CB  . THR A 1 8  ? -8.554  -3.741  1.707   1.00 41.81 ? 8   THR A CB  1 
ATOM   63   O OG1 . THR A 1 8  ? -7.521  -3.550  0.740   1.00 49.58 ? 8   THR A OG1 1 
ATOM   64   C CG2 . THR A 1 8  ? -8.700  -2.493  2.626   1.00 44.11 ? 8   THR A CG2 1 
ATOM   65   N N   . ALA A 1 9  ? -10.415 -5.979  2.841   1.00 43.56 ? 9   ALA A N   1 
ATOM   66   C CA  . ALA A 1 9  ? -11.714 -6.254  3.473   1.00 41.31 ? 9   ALA A CA  1 
ATOM   67   C C   . ALA A 1 9  ? -11.536 -7.121  4.735   1.00 47.74 ? 9   ALA A C   1 
ATOM   68   O O   . ALA A 1 9  ? -11.989 -6.781  5.845   1.00 41.10 ? 9   ALA A O   1 
ATOM   69   C CB  . ALA A 1 9  ? -12.608 -6.940  2.451   1.00 44.76 ? 9   ALA A CB  1 
ATOM   70   N N   . VAL A 1 10 ? -10.790 -8.205  4.580   1.00 39.73 ? 10  VAL A N   1 
ATOM   71   C CA  . VAL A 1 10 ? -10.481 -9.089  5.716   1.00 42.54 ? 10  VAL A CA  1 
ATOM   72   C C   . VAL A 1 10 ? -9.697  -8.432  6.850   1.00 42.30 ? 10  VAL A C   1 
ATOM   73   O O   . VAL A 1 10 ? -9.932  -8.705  8.024   1.00 37.40 ? 10  VAL A O   1 
ATOM   74   C CB  . VAL A 1 10 ? -9.690  -10.306 5.184   1.00 45.89 ? 10  VAL A CB  1 
ATOM   75   C CG1 . VAL A 1 10 ? -8.917  -11.053 6.263   1.00 40.32 ? 10  VAL A CG1 1 
ATOM   76   C CG2 . VAL A 1 10 ? -10.625 -11.249 4.437   1.00 53.13 ? 10  VAL A CG2 1 
ATOM   77   N N   . VAL A 1 11 ? -8.702  -7.623  6.483   1.00 41.07 ? 11  VAL A N   1 
ATOM   78   C CA  . VAL A 1 11 ? -7.753  -7.004  7.462   1.00 38.66 ? 11  VAL A CA  1 
ATOM   79   C C   . VAL A 1 11 ? -8.559  -5.936  8.210   1.00 41.40 ? 11  VAL A C   1 
ATOM   80   O O   . VAL A 1 11 ? -8.381  -5.746  9.423   1.00 52.14 ? 11  VAL A O   1 
ATOM   81   C CB  . VAL A 1 11 ? -6.515  -6.392  6.737   1.00 34.79 ? 11  VAL A CB  1 
ATOM   82   C CG1 . VAL A 1 11 ? -5.534  -5.702  7.716   1.00 41.10 ? 11  VAL A CG1 1 
ATOM   83   C CG2 . VAL A 1 11 ? -5.745  -7.464  5.961   1.00 33.79 ? 11  VAL A CG2 1 
ATOM   84   N N   . SER A 1 12 ? -9.413  -5.225  7.470   1.00 50.18 ? 12  SER A N   1 
ATOM   85   C CA  . SER A 1 12 ? -10.366 -4.235  8.029   1.00 53.29 ? 12  SER A CA  1 
ATOM   86   C C   . SER A 1 12 ? -11.075 -4.660  9.306   1.00 52.99 ? 12  SER A C   1 
ATOM   87   O O   . SER A 1 12 ? -11.493 -3.810  10.083  1.00 52.75 ? 12  SER A O   1 
ATOM   88   C CB  . SER A 1 12 ? -11.440 -3.830  6.981   1.00 53.07 ? 12  SER A CB  1 
ATOM   89   O OG  . SER A 1 12 ? -12.521 -4.780  6.898   1.00 54.90 ? 12  SER A OG  1 
ATOM   90   N N   . LYS A 1 13 ? -11.281 -5.973  9.479   1.00 62.06 ? 13  LYS A N   1 
ATOM   91   C CA  . LYS A 1 13 ? -12.010 -6.499  10.620  1.00 61.57 ? 13  LYS A CA  1 
ATOM   92   C C   . LYS A 1 13 ? -11.132 -7.120  11.675  1.00 56.90 ? 13  LYS A C   1 
ATOM   93   O O   . LYS A 1 13 ? -11.660 -7.840  12.522  1.00 52.04 ? 13  LYS A O   1 
ATOM   94   C CB  . LYS A 1 13 ? -12.993 -7.585  10.162  1.00 65.10 ? 13  LYS A CB  1 
ATOM   95   C CG  . LYS A 1 13 ? -13.822 -7.224  8.953   1.00 67.52 ? 13  LYS A CG  1 
ATOM   96   C CD  . LYS A 1 13 ? -14.747 -8.368  8.563   1.00 71.57 ? 13  LYS A CD  1 
ATOM   97   C CE  . LYS A 1 13 ? -15.345 -8.153  7.176   1.00 73.15 ? 13  LYS A CE  1 
ATOM   98   N NZ  . LYS A 1 13 ? -15.936 -6.791  7.016   1.00 70.81 ? 13  LYS A NZ  1 
ATOM   99   N N   . ILE A 1 14 ? -9.813  -6.913  11.618  1.00 45.75 ? 14  ILE A N   1 
ATOM   100  C CA  . ILE A 1 14 ? -8.935  -7.555  12.597  1.00 43.02 ? 14  ILE A CA  1 
ATOM   101  C C   . ILE A 1 14 ? -8.650  -6.546  13.649  1.00 48.20 ? 14  ILE A C   1 
ATOM   102  O O   . ILE A 1 14 ? -8.140  -5.459  13.337  1.00 46.13 ? 14  ILE A O   1 
ATOM   103  C CB  . ILE A 1 14 ? -7.620  -8.088  12.012  1.00 46.05 ? 14  ILE A CB  1 
ATOM   104  C CG1 . ILE A 1 14 ? -7.954  -9.181  11.016  1.00 43.51 ? 14  ILE A CG1 1 
ATOM   105  C CG2 . ILE A 1 14 ? -6.715  -8.597  13.145  1.00 46.49 ? 14  ILE A CG2 1 
ATOM   106  C CD1 . ILE A 1 14 ? -6.810  -9.726  10.208  1.00 45.12 ? 14  ILE A CD1 1 
ATOM   107  N N   . GLU A 1 15 ? -8.968  -6.879  14.901  1.00 46.31 ? 15  GLU A N   1 
ATOM   108  C CA  . GLU A 1 15 ? -8.767  -5.918  15.982  1.00 51.23 ? 15  GLU A CA  1 
ATOM   109  C C   . GLU A 1 15 ? -7.270  -5.518  16.052  1.00 46.44 ? 15  GLU A C   1 
ATOM   110  O O   . GLU A 1 15 ? -6.385  -6.330  15.787  1.00 49.10 ? 15  GLU A O   1 
ATOM   111  C CB  . GLU A 1 15 ? -9.291  -6.440  17.342  1.00 57.25 ? 15  GLU A CB  1 
ATOM   112  C CG  . GLU A 1 15 ? -8.415  -7.464  18.063  1.00 62.98 ? 15  GLU A CG  1 
ATOM   113  C CD  . GLU A 1 15 ? -8.595  -8.902  17.568  1.00 72.47 ? 15  GLU A CD  1 
ATOM   114  O OE1 . GLU A 1 15 ? -9.015  -9.128  16.405  1.00 65.24 ? 15  GLU A OE1 1 
ATOM   115  O OE2 . GLU A 1 15 ? -8.318  -9.825  18.375  1.00 76.72 ? 15  GLU A OE2 1 
ATOM   116  N N   . ASN A 1 16 ? -7.035  -4.254  16.365  1.00 45.55 ? 16  ASN A N   1 
ATOM   117  C CA  . ASN A 1 16 ? -5.710  -3.678  16.585  1.00 43.29 ? 16  ASN A CA  1 
ATOM   118  C C   . ASN A 1 16 ? -4.881  -3.412  15.329  1.00 36.87 ? 16  ASN A C   1 
ATOM   119  O O   . ASN A 1 16 ? -3.727  -2.951  15.447  1.00 42.00 ? 16  ASN A O   1 
ATOM   120  C CB  . ASN A 1 16 ? -4.928  -4.488  17.629  1.00 47.91 ? 16  ASN A CB  1 
ATOM   121  C CG  . ASN A 1 16 ? -5.567  -4.403  19.008  1.00 51.48 ? 16  ASN A CG  1 
ATOM   122  O OD1 . ASN A 1 16 ? -5.886  -5.411  19.615  1.00 56.03 ? 16  ASN A OD1 1 
ATOM   123  N ND2 . ASN A 1 16 ? -5.735  -3.190  19.507  1.00 50.23 ? 16  ASN A ND2 1 
ATOM   124  N N   . VAL A 1 17 ? -5.448  -3.674  14.154  1.00 39.52 ? 17  VAL A N   1 
ATOM   125  C CA  . VAL A 1 17 ? -4.833  -3.238  12.860  1.00 41.90 ? 17  VAL A CA  1 
ATOM   126  C C   . VAL A 1 17 ? -5.392  -1.846  12.528  1.00 38.68 ? 17  VAL A C   1 
ATOM   127  O O   . VAL A 1 17 ? -6.583  -1.697  12.227  1.00 37.47 ? 17  VAL A O   1 
ATOM   128  C CB  . VAL A 1 17 ? -5.152  -4.262  11.763  1.00 42.22 ? 17  VAL A CB  1 
ATOM   129  C CG1 . VAL A 1 17 ? -4.717  -3.794  10.382  1.00 40.09 ? 17  VAL A CG1 1 
ATOM   130  C CG2 . VAL A 1 17 ? -4.506  -5.602  12.075  1.00 42.46 ? 17  VAL A CG2 1 
ATOM   131  N N   . LYS A 1 18 ? -4.556  -0.816  12.620  1.00 39.72 ? 18  LYS A N   1 
ATOM   132  C CA  . LYS A 1 18 ? -5.019  0.569   12.425  1.00 36.68 ? 18  LYS A CA  1 
ATOM   133  C C   . LYS A 1 18 ? -5.073  0.943   10.943  1.00 41.68 ? 18  LYS A C   1 
ATOM   134  O O   . LYS A 1 18 ? -5.604  1.979   10.587  1.00 49.07 ? 18  LYS A O   1 
ATOM   135  C CB  . LYS A 1 18 ? -4.070  1.554   13.100  1.00 39.03 ? 18  LYS A CB  1 
ATOM   136  C CG  . LYS A 1 18 ? -3.752  1.295   14.546  1.00 47.28 ? 18  LYS A CG  1 
ATOM   137  C CD  . LYS A 1 18 ? -4.984  1.425   15.425  1.00 48.85 ? 18  LYS A CD  1 
ATOM   138  C CE  . LYS A 1 18 ? -4.529  1.452   16.882  1.00 52.91 ? 18  LYS A CE  1 
ATOM   139  N NZ  . LYS A 1 18 ? -3.929  2.775   17.257  1.00 57.79 ? 18  LYS A NZ  1 
ATOM   140  N N   . GLY A 1 19 ? -4.451  0.160   10.067  1.00 35.35 ? 19  GLY A N   1 
ATOM   141  C CA  . GLY A 1 19 ? -4.479  0.493   8.644   1.00 37.51 ? 19  GLY A CA  1 
ATOM   142  C C   . GLY A 1 19 ? -3.565  -0.420  7.847   1.00 35.09 ? 19  GLY A C   1 
ATOM   143  O O   . GLY A 1 19 ? -2.797  -1.267  8.420   1.00 32.05 ? 19  GLY A O   1 
ATOM   144  N N   . ILE A 1 20 ? -3.649  -0.309  6.521   1.00 36.10 ? 20  ILE A N   1 
ATOM   145  C CA  . ILE A 1 20 ? -2.680  -0.968  5.646   1.00 37.61 ? 20  ILE A CA  1 
ATOM   146  C C   . ILE A 1 20 ? -1.880  0.105   4.902   1.00 38.86 ? 20  ILE A C   1 
ATOM   147  O O   . ILE A 1 20 ? -2.479  0.937   4.190   1.00 35.86 ? 20  ILE A O   1 
ATOM   148  C CB  . ILE A 1 20 ? -3.330  -1.937  4.653   1.00 37.57 ? 20  ILE A CB  1 
ATOM   149  C CG1 . ILE A 1 20 ? -4.157  -3.052  5.359   1.00 42.55 ? 20  ILE A CG1 1 
ATOM   150  C CG2 . ILE A 1 20 ? -2.280  -2.604  3.784   1.00 38.40 ? 20  ILE A CG2 1 
ATOM   151  C CD1 . ILE A 1 20 ? -5.167  -3.696  4.435   1.00 48.91 ? 20  ILE A CD1 1 
ATOM   152  N N   . SER A 1 21 ? -0.555  0.084   5.097   1.00 37.18 ? 21  SER A N   1 
ATOM   153  C CA  . SER A 1 21 ? 0.370   1.016   4.490   1.00 36.78 ? 21  SER A CA  1 
ATOM   154  C C   . SER A 1 21 ? 0.798   0.584   3.057   1.00 29.49 ? 21  SER A C   1 
ATOM   155  O O   . SER A 1 21 ? 0.937   1.431   2.157   1.00 31.20 ? 21  SER A O   1 
ATOM   156  C CB  . SER A 1 21 ? 1.615   1.257   5.397   1.00 39.10 ? 21  SER A CB  1 
ATOM   157  O OG  . SER A 1 21 ? 2.361   0.087   5.729   1.00 43.59 ? 21  SER A OG  1 
ATOM   158  N N   . GLN A 1 22 ? 0.968   -0.727  2.873   1.00 30.03 ? 22  GLN A N   1 
ATOM   159  C CA  . GLN A 1 22 ? 1.480   -1.324  1.692   1.00 30.90 ? 22  GLN A CA  1 
ATOM   160  C C   . GLN A 1 22 ? 0.789   -2.652  1.398   1.00 32.11 ? 22  GLN A C   1 
ATOM   161  O O   . GLN A 1 22 ? 0.689   -3.485  2.273   1.00 31.24 ? 22  GLN A O   1 
ATOM   162  C CB  . GLN A 1 22 ? 2.997   -1.422  1.741   1.00 37.04 ? 22  GLN A CB  1 
ATOM   163  C CG  . GLN A 1 22 ? 3.646   -0.635  0.612   1.00 48.29 ? 22  GLN A CG  1 
ATOM   164  C CD  . GLN A 1 22 ? 5.168   -0.539  0.697   1.00 52.89 ? 22  GLN A CD  1 
ATOM   165  O OE1 . GLN A 1 22 ? 5.721   -0.095  1.709   1.00 67.40 ? 22  GLN A OE1 1 
ATOM   166  N NE2 . GLN A 1 22 ? 5.848   -0.957  -0.369  1.00 53.76 ? 22  GLN A NE2 1 
ATOM   167  N N   . LEU A 1 23 ? 0.219   -2.789  0.196   1.00 30.05 ? 23  LEU A N   1 
ATOM   168  C CA  . LEU A 1 23 ? -0.236  -4.097  -0.320  1.00 32.28 ? 23  LEU A CA  1 
ATOM   169  C C   . LEU A 1 23 ? 0.361   -4.412  -1.689  1.00 32.33 ? 23  LEU A C   1 
ATOM   170  O O   . LEU A 1 23 ? 0.258   -3.569  -2.601  1.00 38.66 ? 23  LEU A O   1 
ATOM   171  C CB  . LEU A 1 23 ? -1.753  -4.139  -0.393  1.00 35.72 ? 23  LEU A CB  1 
ATOM   172  C CG  . LEU A 1 23 ? -2.313  -5.478  -0.947  1.00 38.49 ? 23  LEU A CG  1 
ATOM   173  C CD1 . LEU A 1 23 ? -1.952  -6.657  -0.042  1.00 41.58 ? 23  LEU A CD1 1 
ATOM   174  C CD2 . LEU A 1 23 ? -3.796  -5.485  -1.229  1.00 38.17 ? 23  LEU A CD2 1 
ATOM   175  N N   . LYS A 1 24 ? 1.063   -5.554  -1.815  1.00 33.47 ? 24  LYS A N   1 
ATOM   176  C CA  . LYS A 1 24 ? 1.646   -6.069  -3.088  1.00 28.64 ? 24  LYS A CA  1 
ATOM   177  C C   . LYS A 1 24 ? 1.078   -7.485  -3.268  1.00 33.87 ? 24  LYS A C   1 
ATOM   178  O O   . LYS A 1 24 ? 1.108   -8.311  -2.334  1.00 27.86 ? 24  LYS A O   1 
ATOM   179  C CB  . LYS A 1 24 ? 3.167   -6.031  -3.003  1.00 35.09 ? 24  LYS A CB  1 
ATOM   180  C CG  . LYS A 1 24 ? 4.015   -6.479  -4.210  1.00 41.52 ? 24  LYS A CG  1 
ATOM   181  C CD  . LYS A 1 24 ? 5.467   -5.901  -4.225  1.00 44.76 ? 24  LYS A CD  1 
ATOM   182  C CE  . LYS A 1 24 ? 5.961   -5.381  -2.839  1.00 52.55 ? 24  LYS A CE  1 
ATOM   183  N NZ  . LYS A 1 24 ? 7.417   -5.116  -2.585  1.00 52.70 ? 24  LYS A NZ  1 
ATOM   184  N N   . THR A 1 25 ? 0.451   -7.729  -4.414  1.00 31.59 ? 25  THR A N   1 
ATOM   185  C CA  . THR A 1 25 ? -0.001  -9.066  -4.815  1.00 38.29 ? 25  THR A CA  1 
ATOM   186  C C   . THR A 1 25 ? 0.689   -9.400  -6.107  1.00 36.34 ? 25  THR A C   1 
ATOM   187  O O   . THR A 1 25 ? 0.803   -8.551  -6.989  1.00 34.59 ? 25  THR A O   1 
ATOM   188  C CB  . THR A 1 25 ? -1.535  -9.223  -4.957  1.00 39.46 ? 25  THR A CB  1 
ATOM   189  O OG1 . THR A 1 25 ? -2.072  -8.371  -6.002  1.00 40.91 ? 25  THR A OG1 1 
ATOM   190  C CG2 . THR A 1 25 ? -2.190  -8.949  -3.646  1.00 40.90 ? 25  THR A CG2 1 
ATOM   191  N N   . ARG A 1 26 ? 1.206   -10.622 -6.189  1.00 39.39 ? 26  ARG A N   1 
ATOM   192  C CA  . ARG A 1 26 ? 1.779   -11.124 -7.427  1.00 38.39 ? 26  ARG A CA  1 
ATOM   193  C C   . ARG A 1 26 ? 0.979   -12.394 -7.834  1.00 40.21 ? 26  ARG A C   1 
ATOM   194  O O   . ARG A 1 26 ? 0.711   -13.251 -6.982  1.00 32.49 ? 26  ARG A O   1 
ATOM   195  C CB  . ARG A 1 26 ? 3.255   -11.437 -7.224  1.00 40.24 ? 26  ARG A CB  1 
ATOM   196  C CG  . ARG A 1 26 ? 3.734   -12.522 -8.228  1.00 50.27 ? 26  ARG A CG  1 
ATOM   197  C CD  . ARG A 1 26 ? 5.248   -12.547 -8.488  1.00 50.42 ? 26  ARG A CD  1 
ATOM   198  N NE  . ARG A 1 26 ? 5.862   -11.206 -8.455  1.00 52.81 ? 26  ARG A NE  1 
ATOM   199  C CZ  . ARG A 1 26 ? 6.079   -10.405 -9.508  1.00 46.71 ? 26  ARG A CZ  1 
ATOM   200  N NH1 . ARG A 1 26 ? 5.684   -10.736 -10.748 1.00 48.36 ? 26  ARG A NH1 1 
ATOM   201  N NH2 . ARG A 1 26 ? 6.690   -9.247  -9.312  1.00 43.56 ? 26  ARG A NH2 1 
ATOM   202  N N   . HIS A 1 27 ? 0.606   -12.452 -9.123  1.00 35.67 ? 27  HIS A N   1 
ATOM   203  C CA  . HIS A 1 27 ? -0.183  -13.565 -9.721  1.00 46.14 ? 27  HIS A CA  1 
ATOM   204  C C   . HIS A 1 27 ? 0.833   -14.615 -10.247 1.00 44.52 ? 27  HIS A C   1 
ATOM   205  O O   . HIS A 1 27 ? 1.645   -14.295 -11.132 1.00 40.77 ? 27  HIS A O   1 
ATOM   206  C CB  . HIS A 1 27 ? -1.028  -13.089 -10.930 1.00 47.34 ? 27  HIS A CB  1 
ATOM   207  C CG  . HIS A 1 27 ? -2.221  -12.257 -10.579 1.00 52.79 ? 27  HIS A CG  1 
ATOM   208  N ND1 . HIS A 1 27 ? -3.515  -12.670 -10.835 1.00 54.95 ? 27  HIS A ND1 1 
ATOM   209  C CD2 . HIS A 1 27 ? -2.322  -11.044 -9.981  1.00 53.79 ? 27  HIS A CD2 1 
ATOM   210  C CE1 . HIS A 1 27 ? -4.358  -11.744 -10.411 1.00 55.78 ? 27  HIS A CE1 1 
ATOM   211  N NE2 . HIS A 1 27 ? -3.662  -10.746 -9.888  1.00 49.69 ? 27  HIS A NE2 1 
ATOM   212  N N   . ILE A 1 28 ? 0.769   -15.823 -9.680  1.00 53.90 ? 28  ILE A N   1 
ATOM   213  C CA  . ILE A 1 28 ? 1.646   -16.957 -10.029 1.00 56.97 ? 28  ILE A CA  1 
ATOM   214  C C   . ILE A 1 28 ? 0.738   -18.100 -10.442 1.00 53.09 ? 28  ILE A C   1 
ATOM   215  O O   . ILE A 1 28 ? 0.207   -18.827 -9.581  1.00 59.11 ? 28  ILE A O   1 
ATOM   216  C CB  . ILE A 1 28 ? 2.539   -17.402 -8.835  1.00 59.10 ? 28  ILE A CB  1 
ATOM   217  C CG1 . ILE A 1 28 ? 3.440   -16.241 -8.375  1.00 60.63 ? 28  ILE A CG1 1 
ATOM   218  C CG2 . ILE A 1 28 ? 3.356   -18.649 -9.194  1.00 59.72 ? 28  ILE A CG2 1 
ATOM   219  C CD1 . ILE A 1 28 ? 4.329   -15.641 -9.461  1.00 61.32 ? 28  ILE A CD1 1 
ATOM   220  N N   . GLY A 1 29 ? 0.543   -18.224 -11.760 1.00 56.07 ? 29  GLY A N   1 
ATOM   221  C CA  . GLY A 1 29 ? -0.509  -19.072 -12.332 1.00 58.65 ? 29  GLY A CA  1 
ATOM   222  C C   . GLY A 1 29 ? -1.846  -18.468 -11.963 1.00 57.27 ? 29  GLY A C   1 
ATOM   223  O O   . GLY A 1 29 ? -2.079  -17.269 -12.188 1.00 50.70 ? 29  GLY A O   1 
ATOM   224  N N   . GLN A 1 30 ? -2.714  -19.268 -11.353 1.00 57.96 ? 30  GLN A N   1 
ATOM   225  C CA  . GLN A 1 30 ? -3.961  -18.722 -10.801 1.00 63.48 ? 30  GLN A CA  1 
ATOM   226  C C   . GLN A 1 30 ? -3.955  -18.686 -9.255  1.00 61.00 ? 30  GLN A C   1 
ATOM   227  O O   . GLN A 1 30 ? -5.015  -18.570 -8.631  1.00 62.01 ? 30  GLN A O   1 
ATOM   228  C CB  . GLN A 1 30 ? -5.180  -19.443 -11.412 1.00 68.32 ? 30  GLN A CB  1 
ATOM   229  C CG  . GLN A 1 30 ? -5.449  -19.103 -12.896 1.00 70.62 ? 30  GLN A CG  1 
ATOM   230  C CD  . GLN A 1 30 ? -4.729  -20.013 -13.909 1.00 73.47 ? 30  GLN A CD  1 
ATOM   231  O OE1 . GLN A 1 30 ? -4.775  -21.244 -13.805 1.00 75.02 ? 30  GLN A OE1 1 
ATOM   232  N NE2 . GLN A 1 30 ? -4.092  -19.402 -14.915 1.00 67.80 ? 30  GLN A NE2 1 
ATOM   233  N N   . LYS A 1 31 ? -2.756  -18.769 -8.652  1.00 58.91 ? 31  LYS A N   1 
ATOM   234  C CA  . LYS A 1 31 ? -2.553  -18.454 -7.220  1.00 58.34 ? 31  LYS A CA  1 
ATOM   235  C C   . LYS A 1 31 ? -1.815  -17.111 -6.991  1.00 53.32 ? 31  LYS A C   1 
ATOM   236  O O   . LYS A 1 31 ? -1.212  -16.541 -7.895  1.00 49.12 ? 31  LYS A O   1 
ATOM   237  C CB  . LYS A 1 31 ? -1.858  -19.608 -6.470  1.00 63.51 ? 31  LYS A CB  1 
ATOM   238  C CG  . LYS A 1 31 ? -2.794  -20.799 -6.231  1.00 63.46 ? 31  LYS A CG  1 
ATOM   239  C CD  . LYS A 1 31 ? -2.546  -21.550 -4.926  1.00 67.27 ? 31  LYS A CD  1 
ATOM   240  C CE  . LYS A 1 31 ? -3.848  -21.765 -4.157  1.00 71.17 ? 31  LYS A CE  1 
ATOM   241  N NZ  . LYS A 1 31 ? -4.907  -22.446 -4.975  1.00 77.26 ? 31  LYS A NZ  1 
ATOM   242  N N   . ILE A 1 32 ? -1.914  -16.628 -5.759  1.00 54.16 ? 32  ILE A N   1 
ATOM   243  C CA  . ILE A 1 32 ? -1.549  -15.256 -5.369  1.00 46.11 ? 32  ILE A CA  1 
ATOM   244  C C   . ILE A 1 32 ? -0.508  -15.332 -4.270  1.00 44.10 ? 32  ILE A C   1 
ATOM   245  O O   . ILE A 1 32 ? -0.635  -16.126 -3.330  1.00 45.83 ? 32  ILE A O   1 
ATOM   246  C CB  . ILE A 1 32 ? -2.799  -14.476 -4.845  1.00 49.48 ? 32  ILE A CB  1 
ATOM   247  C CG1 . ILE A 1 32 ? -3.903  -14.361 -5.918  1.00 51.80 ? 32  ILE A CG1 1 
ATOM   248  C CG2 . ILE A 1 32 ? -2.439  -13.083 -4.297  1.00 43.18 ? 32  ILE A CG2 1 
ATOM   249  C CD1 . ILE A 1 32 ? -3.740  -13.203 -6.876  1.00 54.62 ? 32  ILE A CD1 1 
ATOM   250  N N   . TRP A 1 33 ? 0.555   -14.522 -4.417  1.00 44.23 ? 33  TRP A N   1 
ATOM   251  C CA  . TRP A 1 33 ? 1.519   -14.262 -3.358  1.00 38.26 ? 33  TRP A CA  1 
ATOM   252  C C   . TRP A 1 33 ? 1.365   -12.825 -2.956  1.00 35.44 ? 33  TRP A C   1 
ATOM   253  O O   . TRP A 1 33 ? 1.423   -11.965 -3.810  1.00 33.85 ? 33  TRP A O   1 
ATOM   254  C CB  . TRP A 1 33 ? 2.938   -14.411 -3.858  1.00 39.49 ? 33  TRP A CB  1 
ATOM   255  C CG  . TRP A 1 33 ? 3.329   -15.819 -4.200  1.00 36.81 ? 33  TRP A CG  1 
ATOM   256  C CD1 . TRP A 1 33 ? 2.595   -16.981 -4.033  1.00 37.25 ? 33  TRP A CD1 1 
ATOM   257  C CD2 . TRP A 1 33 ? 4.564   -16.189 -4.776  1.00 41.11 ? 33  TRP A CD2 1 
ATOM   258  N NE1 . TRP A 1 33 ? 3.347   -18.084 -4.481  1.00 37.28 ? 33  TRP A NE1 1 
ATOM   259  C CE2 . TRP A 1 33 ? 4.560   -17.609 -4.938  1.00 40.15 ? 33  TRP A CE2 1 
ATOM   260  C CE3 . TRP A 1 33 ? 5.696   -15.461 -5.171  1.00 40.57 ? 33  TRP A CE3 1 
ATOM   261  C CZ2 . TRP A 1 33 ? 5.661   -18.298 -5.472  1.00 40.55 ? 33  TRP A CZ2 1 
ATOM   262  C CZ3 . TRP A 1 33 ? 6.783   -16.157 -5.698  1.00 47.48 ? 33  TRP A CZ3 1 
ATOM   263  C CH2 . TRP A 1 33 ? 6.741   -17.563 -5.861  1.00 48.20 ? 33  TRP A CH2 1 
ATOM   264  N N   . ALA A 1 34 ? 1.234   -12.589 -1.662  1.00 37.43 ? 34  ALA A N   1 
ATOM   265  C CA  . ALA A 1 34 ? 0.834   -11.280 -1.144  1.00 37.26 ? 34  ALA A CA  1 
ATOM   266  C C   . ALA A 1 34 ? 1.813   -10.817 -0.056  1.00 32.40 ? 34  ALA A C   1 
ATOM   267  O O   . ALA A 1 34 ? 2.406   -11.617 0.728   1.00 30.61 ? 34  ALA A O   1 
ATOM   268  C CB  . ALA A 1 34 ? -0.602  -11.352 -0.603  1.00 37.94 ? 34  ALA A CB  1 
ATOM   269  N N   . GLU A 1 35 ? 2.009   -9.503  0.012   1.00 27.89 ? 35  GLU A N   1 
ATOM   270  C CA  . GLU A 1 35 ? 2.926   -8.936  0.971   1.00 28.69 ? 35  GLU A CA  1 
ATOM   271  C C   . GLU A 1 35 ? 2.327   -7.580  1.469   1.00 33.09 ? 35  GLU A C   1 
ATOM   272  O O   . GLU A 1 35 ? 1.964   -6.747  0.651   1.00 31.79 ? 35  GLU A O   1 
ATOM   273  C CB  . GLU A 1 35 ? 4.312   -8.811  0.339   1.00 30.80 ? 35  GLU A CB  1 
ATOM   274  C CG  . GLU A 1 35 ? 5.362   -8.404  1.368   1.00 31.67 ? 35  GLU A CG  1 
ATOM   275  C CD  . GLU A 1 35 ? 6.743   -8.131  0.778   1.00 46.32 ? 35  GLU A CD  1 
ATOM   276  O OE1 . GLU A 1 35 ? 6.882   -7.989  -0.491  1.00 44.44 ? 35  GLU A OE1 1 
ATOM   277  O OE2 . GLU A 1 35 ? 7.692   -8.085  1.625   1.00 54.81 ? 35  GLU A OE2 1 
ATOM   278  N N   . LEU A 1 36 ? 2.130   -7.477  2.783   1.00 30.85 ? 36  LEU A N   1 
ATOM   279  C CA  . LEU A 1 36 ? 1.434   -6.365  3.401   1.00 35.31 ? 36  LEU A CA  1 
ATOM   280  C C   . LEU A 1 36 ? 2.296   -5.778  4.473   1.00 32.43 ? 36  LEU A C   1 
ATOM   281  O O   . LEU A 1 36 ? 3.020   -6.500  5.153   1.00 32.98 ? 36  LEU A O   1 
ATOM   282  C CB  . LEU A 1 36 ? 0.205   -6.853  4.119   1.00 37.00 ? 36  LEU A CB  1 
ATOM   283  C CG  . LEU A 1 36 ? -1.006  -7.252  3.363   1.00 42.28 ? 36  LEU A CG  1 
ATOM   284  C CD1 . LEU A 1 36 ? -0.863  -8.729  2.933   1.00 44.02 ? 36  LEU A CD1 1 
ATOM   285  C CD2 . LEU A 1 36 ? -2.217  -6.992  4.295   1.00 42.51 ? 36  LEU A CD2 1 
ATOM   286  N N   . ASN A 1 37 ? 2.177   -4.468  4.664   1.00 30.85 ? 37  ASN A N   1 
ATOM   287  C CA  . ASN A 1 37 ? 2.775   -3.791  5.815   1.00 30.34 ? 37  ASN A CA  1 
ATOM   288  C C   . ASN A 1 37 ? 1.562   -3.213  6.493   1.00 28.94 ? 37  ASN A C   1 
ATOM   289  O O   . ASN A 1 37 ? 0.772   -2.499  5.870   1.00 25.93 ? 37  ASN A O   1 
ATOM   290  C CB  . ASN A 1 37 ? 3.764   -2.680  5.463   1.00 36.98 ? 37  ASN A CB  1 
ATOM   291  C CG  . ASN A 1 37 ? 5.080   -3.210  4.932   1.00 41.45 ? 37  ASN A CG  1 
ATOM   292  O OD1 . ASN A 1 37 ? 5.120   -4.156  4.146   1.00 49.96 ? 37  ASN A OD1 1 
ATOM   293  N ND2 . ASN A 1 37 ? 6.154   -2.607  5.351   1.00 48.66 ? 37  ASN A ND2 1 
ATOM   294  N N   . ILE A 1 38 ? 1.354   -3.564  7.759   1.00 30.12 ? 38  ILE A N   1 
ATOM   295  C CA  . ILE A 1 38 ? 0.107   -3.148  8.480   1.00 28.25 ? 38  ILE A CA  1 
ATOM   296  C C   . ILE A 1 38 ? 0.537   -2.086  9.492   1.00 32.43 ? 38  ILE A C   1 
ATOM   297  O O   . ILE A 1 38 ? 1.719   -2.068  9.962   1.00 34.53 ? 38  ILE A O   1 
ATOM   298  C CB  . ILE A 1 38 ? -0.577  -4.276  9.289   1.00 35.27 ? 38  ILE A CB  1 
ATOM   299  C CG1 . ILE A 1 38 ? 0.407   -5.062  10.215  1.00 34.52 ? 38  ILE A CG1 1 
ATOM   300  C CG2 . ILE A 1 38 ? -1.220  -5.291  8.367   1.00 34.80 ? 38  ILE A CG2 1 
ATOM   301  C CD1 . ILE A 1 38 ? -0.354  -5.786  11.337  1.00 33.06 ? 38  ILE A CD1 1 
ATOM   302  N N   . LEU A 1 39 ? -0.442  -1.285  9.885   1.00 35.89 ? 39  LEU A N   1 
ATOM   303  C CA  . LEU A 1 39 ? -0.261  -0.182  10.828  1.00 31.56 ? 39  LEU A CA  1 
ATOM   304  C C   . LEU A 1 39 ? -0.806  -0.572  12.181  1.00 32.50 ? 39  LEU A C   1 
ATOM   305  O O   . LEU A 1 39 ? -1.910  -1.067  12.261  1.00 29.36 ? 39  LEU A O   1 
ATOM   306  C CB  . LEU A 1 39 ? -0.943  1.075   10.255  1.00 39.43 ? 39  LEU A CB  1 
ATOM   307  C CG  . LEU A 1 39 ? -0.246  1.582   8.977   1.00 36.67 ? 39  LEU A CG  1 
ATOM   308  C CD1 . LEU A 1 39 ? -1.146  2.464   8.118   1.00 45.89 ? 39  LEU A CD1 1 
ATOM   309  C CD2 . LEU A 1 39 ? 1.011   2.332   9.337   1.00 44.24 ? 39  LEU A CD2 1 
ATOM   310  N N   . VAL A 1 40 ? 0.009   -0.404  13.229  1.00 30.11 ? 40  VAL A N   1 
ATOM   311  C CA  . VAL A 1 40 ? -0.319  -0.773  14.596  1.00 35.72 ? 40  VAL A CA  1 
ATOM   312  C C   . VAL A 1 40 ? 0.061   0.394   15.467  1.00 38.30 ? 40  VAL A C   1 
ATOM   313  O O   . VAL A 1 40 ? 0.929   1.197   15.091  1.00 33.15 ? 40  VAL A O   1 
ATOM   314  C CB  . VAL A 1 40 ? 0.496   -2.031  15.029  1.00 44.60 ? 40  VAL A CB  1 
ATOM   315  C CG1 . VAL A 1 40 ? 0.516   -2.245  16.558  1.00 49.81 ? 40  VAL A CG1 1 
ATOM   316  C CG2 . VAL A 1 40 ? -0.019  -3.265  14.304  1.00 46.05 ? 40  VAL A CG2 1 
ATOM   317  N N   . ASP A 1 41 ? -0.601  0.498   16.620  1.00 39.47 ? 41  ASP A N   1 
ATOM   318  C CA  . ASP A 1 41 ? -0.246  1.469   17.672  1.00 41.27 ? 41  ASP A CA  1 
ATOM   319  C C   . ASP A 1 41 ? 1.274   1.637   17.881  1.00 40.08 ? 41  ASP A C   1 
ATOM   320  O O   . ASP A 1 41 ? 1.953   0.661   18.211  1.00 40.73 ? 41  ASP A O   1 
ATOM   321  C CB  . ASP A 1 41 ? -0.893  1.037   19.032  1.00 44.93 ? 41  ASP A CB  1 
ATOM   322  C CG  . ASP A 1 41 ? -1.002  2.200   20.041  1.00 50.70 ? 41  ASP A CG  1 
ATOM   323  O OD1 . ASP A 1 41 ? 0.032   2.730   20.503  1.00 51.17 ? 41  ASP A OD1 1 
ATOM   324  O OD2 . ASP A 1 41 ? -2.140  2.583   20.411  1.00 52.28 ? 41  ASP A OD2 1 
ATOM   325  N N   . PRO A 1 42 ? 1.805   2.869   17.718  1.00 39.37 ? 42  PRO A N   1 
ATOM   326  C CA  . PRO A 1 42 ? 3.248   3.090   17.919  1.00 42.32 ? 42  PRO A CA  1 
ATOM   327  C C   . PRO A 1 42 ? 3.777   2.745   19.344  1.00 48.70 ? 42  PRO A C   1 
ATOM   328  O O   . PRO A 1 42 ? 4.929   2.312   19.523  1.00 39.73 ? 42  PRO A O   1 
ATOM   329  C CB  . PRO A 1 42 ? 3.397   4.589   17.616  1.00 42.91 ? 42  PRO A CB  1 
ATOM   330  C CG  . PRO A 1 42 ? 2.090   5.185   17.975  1.00 40.60 ? 42  PRO A CG  1 
ATOM   331  C CD  . PRO A 1 42 ? 1.088   4.155   17.525  1.00 39.33 ? 42  PRO A CD  1 
ATOM   332  N N   . ASP A 1 43 ? 2.919   2.856   20.345  1.00 40.95 ? 43  ASP A N   1 
ATOM   333  C CA  . ASP A 1 43 ? 3.321   2.514   21.734  1.00 49.48 ? 43  ASP A CA  1 
ATOM   334  C C   . ASP A 1 43 ? 3.199   1.064   22.194  1.00 47.30 ? 43  ASP A C   1 
ATOM   335  O O   . ASP A 1 43 ? 3.607   0.726   23.308  1.00 47.98 ? 43  ASP A O   1 
ATOM   336  C CB  . ASP A 1 43 ? 2.618   3.462   22.690  1.00 58.42 ? 43  ASP A CB  1 
ATOM   337  C CG  . ASP A 1 43 ? 3.194   4.833   22.598  1.00 63.44 ? 43  ASP A CG  1 
ATOM   338  O OD1 . ASP A 1 43 ? 4.314   5.008   23.132  1.00 65.99 ? 43  ASP A OD1 1 
ATOM   339  O OD2 . ASP A 1 43 ? 2.565   5.695   21.945  1.00 66.69 ? 43  ASP A OD2 1 
ATOM   340  N N   . SER A 1 44 ? 2.671   0.193   21.343  1.00 42.88 ? 44  SER A N   1 
ATOM   341  C CA  . SER A 1 44 ? 2.752   -1.250  21.612  1.00 39.45 ? 44  SER A CA  1 
ATOM   342  C C   . SER A 1 44 ? 4.209   -1.762  21.469  1.00 40.19 ? 44  SER A C   1 
ATOM   343  O O   . SER A 1 44 ? 5.069   -1.082  20.860  1.00 41.66 ? 44  SER A O   1 
ATOM   344  C CB  . SER A 1 44 ? 1.864   -2.042  20.639  1.00 45.60 ? 44  SER A CB  1 
ATOM   345  O OG  . SER A 1 44 ? 0.541   -1.530  20.576  1.00 49.50 ? 44  SER A OG  1 
ATOM   346  N N   . THR A 1 45 ? 4.475   -2.927  22.047  1.00 36.65 ? 45  THR A N   1 
ATOM   347  C CA  . THR A 1 45 ? 5.774   -3.558  21.924  1.00 39.90 ? 45  THR A CA  1 
ATOM   348  C C   . THR A 1 45 ? 5.810   -4.364  20.625  1.00 30.91 ? 45  THR A C   1 
ATOM   349  O O   . THR A 1 45 ? 4.774   -4.688  20.031  1.00 29.86 ? 45  THR A O   1 
ATOM   350  C CB  . THR A 1 45 ? 6.041   -4.541  23.033  1.00 39.09 ? 45  THR A CB  1 
ATOM   351  O OG1 . THR A 1 45 ? 5.165   -5.656  22.831  1.00 37.23 ? 45  THR A OG1 1 
ATOM   352  C CG2 . THR A 1 45 ? 5.797   -3.876  24.475  1.00 41.52 ? 45  THR A CG2 1 
ATOM   353  N N   . ILE A 1 46 ? 7.041   -4.651  20.213  1.00 38.41 ? 46  ILE A N   1 
ATOM   354  C CA  . ILE A 1 46 ? 7.361   -5.420  19.004  1.00 37.28 ? 46  ILE A CA  1 
ATOM   355  C C   . ILE A 1 46 ? 6.742   -6.773  19.010  1.00 37.77 ? 46  ILE A C   1 
ATOM   356  O O   . ILE A 1 46 ? 6.214   -7.257  17.972  1.00 30.77 ? 46  ILE A O   1 
ATOM   357  C CB  . ILE A 1 46 ? 8.907   -5.396  18.781  1.00 41.86 ? 46  ILE A CB  1 
ATOM   358  C CG1 . ILE A 1 46 ? 9.234   -4.070  18.126  1.00 39.52 ? 46  ILE A CG1 1 
ATOM   359  C CG2 . ILE A 1 46 ? 9.375   -6.508  17.846  1.00 47.52 ? 46  ILE A CG2 1 
ATOM   360  C CD1 . ILE A 1 46 ? 10.338  -3.298  18.699  1.00 40.05 ? 46  ILE A CD1 1 
ATOM   361  N N   . VAL A 1 47 ? 6.778   -7.427  20.170  1.00 34.55 ? 47  VAL A N   1 
ATOM   362  C CA  A VAL A 1 47 ? 6.169   -8.734  20.225  0.50 33.94 ? 47  VAL A CA  1 
ATOM   363  C CA  B VAL A 1 47 ? 6.126   -8.722  20.308  0.50 34.52 ? 47  VAL A CA  1 
ATOM   364  C C   . VAL A 1 47 ? 4.627   -8.592  20.100  1.00 36.67 ? 47  VAL A C   1 
ATOM   365  O O   . VAL A 1 47 ? 4.016   -9.428  19.490  1.00 33.31 ? 47  VAL A O   1 
ATOM   366  C CB  A VAL A 1 47 ? 6.733   -9.673  21.371  0.50 33.94 ? 47  VAL A CB  1 
ATOM   367  C CB  B VAL A 1 47 ? 6.400   -9.486  21.654  0.50 35.15 ? 47  VAL A CB  1 
ATOM   368  C CG1 A VAL A 1 47 ? 6.670   -9.012  22.729  0.50 32.88 ? 47  VAL A CG1 1 
ATOM   369  C CG1 B VAL A 1 47 ? 7.857   -9.419  22.027  0.50 30.67 ? 47  VAL A CG1 1 
ATOM   370  C CG2 A VAL A 1 47 ? 6.039   -11.050 21.378  0.50 29.83 ? 47  VAL A CG2 1 
ATOM   371  C CG2 B VAL A 1 47 ? 5.525   -9.016  22.805  0.50 36.31 ? 47  VAL A CG2 1 
ATOM   372  N N   . GLN A 1 48 ? 4.010   -7.523  20.621  1.00 35.84 ? 48  GLN A N   1 
ATOM   373  C CA  . GLN A 1 48 ? 2.564   -7.363  20.394  1.00 37.60 ? 48  GLN A CA  1 
ATOM   374  C C   . GLN A 1 48 ? 2.229   -7.129  18.890  1.00 35.79 ? 48  GLN A C   1 
ATOM   375  O O   . GLN A 1 48 ? 1.167   -7.543  18.384  1.00 36.36 ? 48  GLN A O   1 
ATOM   376  C CB  . GLN A 1 48 ? 2.040   -6.178  21.191  1.00 41.63 ? 48  GLN A CB  1 
ATOM   377  C CG  . GLN A 1 48 ? 1.879   -6.407  22.692  1.00 41.37 ? 48  GLN A CG  1 
ATOM   378  C CD  . GLN A 1 48 ? 1.496   -5.115  23.426  1.00 41.65 ? 48  GLN A CD  1 
ATOM   379  O OE1 . GLN A 1 48 ? 2.084   -4.042  23.206  1.00 40.92 ? 48  GLN A OE1 1 
ATOM   380  N NE2 . GLN A 1 48 ? 0.482   -5.216  24.310  1.00 46.04 ? 48  GLN A NE2 1 
ATOM   381  N N   . GLY A 1 49 ? 3.134   -6.416  18.197  1.00 33.12 ? 49  GLY A N   1 
ATOM   382  C CA  . GLY A 1 49 ? 3.013   -6.200  16.744  1.00 36.31 ? 49  GLY A CA  1 
ATOM   383  C C   . GLY A 1 49 ? 3.109   -7.482  15.992  1.00 28.13 ? 49  GLY A C   1 
ATOM   384  O O   . GLY A 1 49 ? 2.292   -7.746  15.092  1.00 33.48 ? 49  GLY A O   1 
ATOM   385  N N   . GLU A 1 50 ? 4.091   -8.321  16.356  1.00 31.92 ? 50  GLU A N   1 
ATOM   386  C CA  . GLU A 1 50 ? 4.268   -9.610  15.664  1.00 36.61 ? 50  GLU A CA  1 
ATOM   387  C C   . GLU A 1 50 ? 3.017   -10.510 15.879  1.00 37.90 ? 50  GLU A C   1 
ATOM   388  O O   . GLU A 1 50 ? 2.553   -11.179 14.957  1.00 40.80 ? 50  GLU A O   1 
ATOM   389  C CB  . GLU A 1 50 ? 5.608   -10.308 15.998  1.00 45.65 ? 50  GLU A CB  1 
ATOM   390  C CG  . GLU A 1 50 ? 5.929   -11.432 14.978  1.00 49.88 ? 50  GLU A CG  1 
ATOM   391  C CD  . GLU A 1 50 ? 7.208   -12.252 15.213  1.00 59.16 ? 50  GLU A CD  1 
ATOM   392  O OE1 . GLU A 1 50 ? 7.439   -12.691 16.378  1.00 49.67 ? 50  GLU A OE1 1 
ATOM   393  O OE2 . GLU A 1 50 ? 7.968   -12.509 14.204  1.00 56.45 ? 50  GLU A OE2 1 
ATOM   394  N N   . THR A 1 51 ? 2.440   -10.447 17.071  1.00 38.82 ? 51  THR A N   1 
ATOM   395  C CA  . THR A 1 51 ? 1.173   -11.130 17.400  1.00 39.64 ? 51  THR A CA  1 
ATOM   396  C C   . THR A 1 51 ? 0.054   -10.677 16.435  1.00 36.60 ? 51  THR A C   1 
ATOM   397  O O   . THR A 1 51 ? -0.656  -11.502 15.814  1.00 37.18 ? 51  THR A O   1 
ATOM   398  C CB  . THR A 1 51 ? 0.845   -10.883 18.912  1.00 38.38 ? 51  THR A CB  1 
ATOM   399  O OG1 . THR A 1 51 ? 1.875   -11.505 19.700  1.00 37.86 ? 51  THR A OG1 1 
ATOM   400  C CG2 . THR A 1 51 ? -0.597  -11.385 19.350  1.00 46.00 ? 51  THR A CG2 1 
ATOM   401  N N   . ILE A 1 52 ? -0.070  -9.377  16.264  1.00 39.14 ? 52  ILE A N   1 
ATOM   402  C CA  . ILE A 1 52 ? -1.095  -8.869  15.387  1.00 35.61 ? 52  ILE A CA  1 
ATOM   403  C C   . ILE A 1 52 ? -0.785  -9.289  13.947  1.00 37.12 ? 52  ILE A C   1 
ATOM   404  O O   . ILE A 1 52 ? -1.658  -9.864  13.254  1.00 35.21 ? 52  ILE A O   1 
ATOM   405  C CB  . ILE A 1 52 ? -1.306  -7.374  15.552  1.00 34.74 ? 52  ILE A CB  1 
ATOM   406  C CG1 . ILE A 1 52 ? -1.826  -7.037  16.958  1.00 37.77 ? 52  ILE A CG1 1 
ATOM   407  C CG2 . ILE A 1 52 ? -2.321  -6.880  14.567  1.00 34.74 ? 52  ILE A CG2 1 
ATOM   408  C CD1 . ILE A 1 52 ? -1.583  -5.581  17.342  1.00 35.86 ? 52  ILE A CD1 1 
ATOM   409  N N   . ALA A 1 53 ? 0.443   -9.055  13.496  1.00 33.45 ? 53  ALA A N   1 
ATOM   410  C CA  . ALA A 1 53 ? 0.785   -9.471  12.152  1.00 34.19 ? 53  ALA A CA  1 
ATOM   411  C C   . ALA A 1 53 ? 0.501   -10.977 11.915  1.00 35.90 ? 53  ALA A C   1 
ATOM   412  O O   . ALA A 1 53 ? -0.009  -11.325 10.862  1.00 34.38 ? 53  ALA A O   1 
ATOM   413  C CB  . ALA A 1 53 ? 2.201   -9.119  11.806  1.00 28.89 ? 53  ALA A CB  1 
ATOM   414  N N   . SER A 1 54 ? 0.770   -11.858 12.883  1.00 38.40 ? 54  SER A N   1 
ATOM   415  C CA  . SER A 1 54 ? 0.438   -13.288 12.653  1.00 40.86 ? 54  SER A CA  1 
ATOM   416  C C   . SER A 1 54 ? -1.081  -13.563 12.529  1.00 40.65 ? 54  SER A C   1 
ATOM   417  O O   . SER A 1 54 ? -1.506  -14.386 11.683  1.00 38.88 ? 54  SER A O   1 
ATOM   418  C CB  . SER A 1 54 ? 1.044   -14.236 13.701  1.00 42.12 ? 54  SER A CB  1 
ATOM   419  O OG  . SER A 1 54 ? 0.531   -15.567 13.464  1.00 45.78 ? 54  SER A OG  1 
ATOM   420  N N   . ARG A 1 55 ? -1.884  -12.918 13.370  1.00 40.35 ? 55  ARG A N   1 
ATOM   421  C CA  . ARG A 1 55 ? -3.334  -12.924 13.170  1.00 42.97 ? 55  ARG A CA  1 
ATOM   422  C C   . ARG A 1 55 ? -3.776  -12.557 11.788  1.00 41.45 ? 55  ARG A C   1 
ATOM   423  O O   . ARG A 1 55 ? -4.739  -13.152 11.272  1.00 34.46 ? 55  ARG A O   1 
ATOM   424  C CB  . ARG A 1 55 ? -4.060  -12.059 14.185  1.00 43.13 ? 55  ARG A CB  1 
ATOM   425  C CG  . ARG A 1 55 ? -4.253  -12.778 15.516  1.00 51.47 ? 55  ARG A CG  1 
ATOM   426  C CD  . ARG A 1 55 ? -4.777  -11.851 16.585  1.00 55.22 ? 55  ARG A CD  1 
ATOM   427  N NE  . ARG A 1 55 ? -4.449  -12.365 17.920  1.00 63.04 ? 55  ARG A NE  1 
ATOM   428  C CZ  . ARG A 1 55 ? -4.043  -11.642 18.972  1.00 65.04 ? 55  ARG A CZ  1 
ATOM   429  N NH1 . ARG A 1 55 ? -3.879  -10.301 18.911  1.00 61.77 ? 55  ARG A NH1 1 
ATOM   430  N NH2 . ARG A 1 55 ? -3.804  -12.280 20.121  1.00 62.81 ? 55  ARG A NH2 1 
ATOM   431  N N   . VAL A 1 56 ? -3.113  -11.559 11.189  1.00 36.51 ? 56  VAL A N   1 
ATOM   432  C CA  . VAL A 1 56 ? -3.418  -11.180 9.791   1.00 32.44 ? 56  VAL A CA  1 
ATOM   433  C C   . VAL A 1 56 ? -3.006  -12.200 8.777   1.00 26.12 ? 56  VAL A C   1 
ATOM   434  O O   . VAL A 1 56 ? -3.822  -12.579 7.914   1.00 33.56 ? 56  VAL A O   1 
ATOM   435  C CB  . VAL A 1 56 ? -2.807  -9.770  9.449   1.00 30.89 ? 56  VAL A CB  1 
ATOM   436  C CG1 . VAL A 1 56 ? -3.197  -9.363  8.032   1.00 33.94 ? 56  VAL A CG1 1 
ATOM   437  C CG2 . VAL A 1 56 ? -3.302  -8.786  10.491  1.00 28.36 ? 56  VAL A CG2 1 
ATOM   438  N N   . LYS A 1 57 ? -1.803  -12.739 8.892   1.00 31.54 ? 57  LYS A N   1 
ATOM   439  C CA  . LYS A 1 57 ? -1.290  -13.735 7.985   1.00 34.36 ? 57  LYS A CA  1 
ATOM   440  C C   . LYS A 1 57 ? -2.238  -14.987 7.971   1.00 38.73 ? 57  LYS A C   1 
ATOM   441  O O   . LYS A 1 57 ? -2.590  -15.512 6.883   1.00 35.92 ? 57  LYS A O   1 
ATOM   442  C CB  . LYS A 1 57 ? 0.149   -14.108 8.317   1.00 43.70 ? 57  LYS A CB  1 
ATOM   443  C CG  . LYS A 1 57 ? 0.532   -15.528 7.838   1.00 46.42 ? 57  LYS A CG  1 
ATOM   444  C CD  . LYS A 1 57 ? 2.038   -15.752 7.860   1.00 47.04 ? 57  LYS A CD  1 
ATOM   445  C CE  . LYS A 1 57 ? 2.449   -16.965 7.014   1.00 55.49 ? 57  LYS A CE  1 
ATOM   446  N NZ  . LYS A 1 57 ? 3.800   -16.752 6.451   1.00 57.76 ? 57  LYS A NZ  1 
ATOM   447  N N   . LYS A 1 58 ? -2.620  -15.468 9.153   1.00 40.22 ? 58  LYS A N   1 
ATOM   448  C CA  . LYS A 1 58 ? -3.648  -16.522 9.250   1.00 37.17 ? 58  LYS A CA  1 
ATOM   449  C C   . LYS A 1 58 ? -5.022  -16.199 8.711   1.00 37.33 ? 58  LYS A C   1 
ATOM   450  O O   . LYS A 1 58 ? -5.611  -16.997 7.986   1.00 41.83 ? 58  LYS A O   1 
ATOM   451  C CB  . LYS A 1 58 ? -3.818  -16.992 10.705  1.00 47.95 ? 58  LYS A CB  1 
ATOM   452  C CG  . LYS A 1 58 ? -2.664  -17.783 11.293  1.00 51.60 ? 58  LYS A CG  1 
ATOM   453  C CD  . LYS A 1 58 ? -1.970  -18.721 10.297  1.00 55.84 ? 58  LYS A CD  1 
ATOM   454  C CE  . LYS A 1 58 ? -2.885  -19.709 9.566   1.00 56.51 ? 58  LYS A CE  1 
ATOM   455  N NZ  . LYS A 1 58 ? -2.168  -20.519 8.536   1.00 49.50 ? 58  LYS A NZ  1 
ATOM   456  N N   . ALA A 1 59 ? -5.583  -15.049 9.089   1.00 37.13 ? 59  ALA A N   1 
ATOM   457  C CA  . ALA A 1 59 ? -6.909  -14.718 8.591   1.00 34.36 ? 59  ALA A CA  1 
ATOM   458  C C   . ALA A 1 59 ? -6.876  -14.745 7.060   1.00 37.74 ? 59  ALA A C   1 
ATOM   459  O O   . ALA A 1 59 ? -7.750  -15.307 6.406   1.00 36.38 ? 59  ALA A O   1 
ATOM   460  C CB  . ALA A 1 59 ? -7.355  -13.337 9.093   1.00 30.07 ? 59  ALA A CB  1 
ATOM   461  N N   . LEU A 1 60 ? -5.815  -14.181 6.452   1.00 35.13 ? 60  LEU A N   1 
ATOM   462  C CA  . LEU A 1 60 ? -5.771  -14.125 5.024   1.00 35.36 ? 60  LEU A CA  1 
ATOM   463  C C   . LEU A 1 60 ? -5.568  -15.436 4.300   1.00 35.28 ? 60  LEU A C   1 
ATOM   464  O O   . LEU A 1 60 ? -6.150  -15.629 3.199   1.00 42.92 ? 60  LEU A O   1 
ATOM   465  C CB  . LEU A 1 60 ? -4.707  -13.076 4.527   1.00 35.48 ? 60  LEU A CB  1 
ATOM   466  C CG  . LEU A 1 60 ? -5.030  -11.659 4.925   1.00 32.22 ? 60  LEU A CG  1 
ATOM   467  C CD1 . LEU A 1 60 ? -3.730  -10.853 4.764   1.00 41.35 ? 60  LEU A CD1 1 
ATOM   468  C CD2 . LEU A 1 60 ? -6.147  -11.080 4.080   1.00 35.95 ? 60  LEU A CD2 1 
ATOM   469  N N   . THR A 1 61 ? -4.723  -16.294 4.834   1.00 38.66 ? 61  THR A N   1 
ATOM   470  C CA  . THR A 1 61 ? -4.454  -17.583 4.191   1.00 49.25 ? 61  THR A CA  1 
ATOM   471  C C   . THR A 1 61 ? -5.740  -18.481 4.153   1.00 48.73 ? 61  THR A C   1 
ATOM   472  O O   . THR A 1 61 ? -5.931  -19.296 3.246   1.00 51.32 ? 61  THR A O   1 
ATOM   473  C CB  . THR A 1 61 ? -3.326  -18.368 4.916   1.00 49.26 ? 61  THR A CB  1 
ATOM   474  O OG1 . THR A 1 61 ? -2.188  -17.516 5.135   1.00 60.96 ? 61  THR A OG1 1 
ATOM   475  C CG2 . THR A 1 61 ? -2.877  -19.591 4.072   1.00 56.51 ? 61  THR A CG2 1 
ATOM   476  N N   . GLU A 1 62 ? -6.577  -18.299 5.167   1.00 53.88 ? 62  GLU A N   1 
ATOM   477  C CA  . GLU A 1 62 ? -7.765  -19.120 5.422   1.00 47.68 ? 62  GLU A CA  1 
ATOM   478  C C   . GLU A 1 62 ? -8.934  -18.610 4.649   1.00 52.75 ? 62  GLU A C   1 
ATOM   479  O O   . GLU A 1 62 ? -9.570  -19.384 3.920   1.00 54.79 ? 62  GLU A O   1 
ATOM   480  C CB  . GLU A 1 62 ? -8.033  -19.120 6.912   1.00 47.04 ? 62  GLU A CB  1 
ATOM   481  C CG  . GLU A 1 62 ? -6.928  -19.876 7.567   1.00 45.52 ? 62  GLU A CG  1 
ATOM   482  C CD  . GLU A 1 62 ? -6.860  -19.793 9.063   1.00 49.51 ? 62  GLU A CD  1 
ATOM   483  O OE1 . GLU A 1 62 ? -7.728  -19.162 9.730   1.00 41.83 ? 62  GLU A OE1 1 
ATOM   484  O OE2 . GLU A 1 62 ? -5.860  -20.357 9.560   1.00 46.25 ? 62  GLU A OE2 1 
ATOM   485  N N   . GLN A 1 63 ? -9.147  -17.294 4.706   1.00 44.07 ? 63  GLN A N   1 
ATOM   486  C CA  . GLN A 1 63 ? -10.342 -16.712 4.118   1.00 42.77 ? 63  GLN A CA  1 
ATOM   487  C C   . GLN A 1 63 ? -10.221 -16.511 2.603   1.00 50.30 ? 63  GLN A C   1 
ATOM   488  O O   . GLN A 1 63 ? -11.237 -16.415 1.903   1.00 47.92 ? 63  GLN A O   1 
ATOM   489  C CB  . GLN A 1 63 ? -10.705 -15.450 4.867   1.00 43.12 ? 63  GLN A CB  1 
ATOM   490  C CG  . GLN A 1 63 ? -10.915 -15.779 6.336   1.00 46.82 ? 63  GLN A CG  1 
ATOM   491  C CD  . GLN A 1 63 ? -11.292 -14.604 7.179   1.00 44.44 ? 63  GLN A CD  1 
ATOM   492  O OE1 . GLN A 1 63 ? -12.062 -13.718 6.760   1.00 39.96 ? 63  GLN A OE1 1 
ATOM   493  N NE2 . GLN A 1 63 ? -10.839 -14.626 8.417   1.00 44.79 ? 63  GLN A NE2 1 
ATOM   494  N N   . ILE A 1 64 ? -8.987  -16.464 2.088   1.00 44.25 ? 64  ILE A N   1 
ATOM   495  C CA  . ILE A 1 64 ? -8.739  -16.352 0.645   1.00 54.21 ? 64  ILE A CA  1 
ATOM   496  C C   . ILE A 1 64 ? -7.808  -17.517 0.308   1.00 59.20 ? 64  ILE A C   1 
ATOM   497  O O   . ILE A 1 64 ? -6.581  -17.365 0.395   1.00 68.81 ? 64  ILE A O   1 
ATOM   498  C CB  . ILE A 1 64 ? -8.056  -14.983 0.290   1.00 50.15 ? 64  ILE A CB  1 
ATOM   499  C CG1 . ILE A 1 64 ? -8.809  -13.807 0.929   1.00 53.37 ? 64  ILE A CG1 1 
ATOM   500  C CG2 . ILE A 1 64 ? -7.908  -14.793 -1.230  1.00 53.83 ? 64  ILE A CG2 1 
ATOM   501  C CD1 . ILE A 1 64 ? -8.154  -12.458 0.741   1.00 52.98 ? 64  ILE A CD1 1 
ATOM   502  N N   . ARG A 1 65 ? -8.376  -18.689 -0.012  1.00 58.51 ? 65  ARG A N   1 
ATOM   503  C CA  . ARG A 1 65 ? -7.552  -19.872 -0.355  1.00 60.33 ? 65  ARG A CA  1 
ATOM   504  C C   . ARG A 1 65 ? -6.766  -19.756 -1.708  1.00 53.07 ? 65  ARG A C   1 
ATOM   505  O O   . ARG A 1 65 ? -5.827  -20.524 -1.936  1.00 55.44 ? 65  ARG A O   1 
ATOM   506  C CB  . ARG A 1 65 ? -8.386  -21.161 -0.312  1.00 65.62 ? 65  ARG A CB  1 
ATOM   507  N N   . ASP A 1 66 ? -7.142  -18.805 -2.575  1.00 48.04 ? 66  ASP A N   1 
ATOM   508  C CA  . ASP A 1 66 ? -6.316  -18.392 -3.767  1.00 56.17 ? 66  ASP A CA  1 
ATOM   509  C C   . ASP A 1 66 ? -4.885  -17.957 -3.402  1.00 54.23 ? 66  ASP A C   1 
ATOM   510  O O   . ASP A 1 66 ? -3.923  -18.157 -4.169  1.00 48.86 ? 66  ASP A O   1 
ATOM   511  C CB  . ASP A 1 66 ? -6.986  -17.237 -4.486  1.00 58.26 ? 66  ASP A CB  1 
ATOM   512  N N   . ILE A 1 67 ? -4.769  -17.326 -2.236  1.00 55.05 ? 67  ILE A N   1 
ATOM   513  C CA  . ILE A 1 67 ? -3.473  -16.883 -1.704  1.00 54.46 ? 67  ILE A CA  1 
ATOM   514  C C   . ILE A 1 67 ? -2.633  -18.095 -1.250  1.00 48.36 ? 67  ILE A C   1 
ATOM   515  O O   . ILE A 1 67 ? -2.980  -18.785 -0.308  1.00 48.86 ? 67  ILE A O   1 
ATOM   516  C CB  . ILE A 1 67 ? -3.651  -15.807 -0.591  1.00 55.72 ? 67  ILE A CB  1 
ATOM   517  C CG1 . ILE A 1 67 ? -4.333  -14.567 -1.196  1.00 53.29 ? 67  ILE A CG1 1 
ATOM   518  C CG2 . ILE A 1 67 ? -2.295  -15.432 0.026   1.00 65.83 ? 67  ILE A CG2 1 
ATOM   519  C CD1 . ILE A 1 67 ? -4.387  -13.328 -0.320  1.00 54.68 ? 67  ILE A CD1 1 
ATOM   520  N N   . GLU A 1 68 ? -1.544  -18.365 -1.976  1.00 45.25 ? 68  GLU A N   1 
ATOM   521  C CA  . GLU A 1 68 ? -0.597  -19.405 -1.592  1.00 51.21 ? 68  GLU A CA  1 
ATOM   522  C C   . GLU A 1 68 ? 0.342   -18.993 -0.456  1.00 53.56 ? 68  GLU A C   1 
ATOM   523  O O   . GLU A 1 68 ? 0.665   -19.826 0.414   1.00 46.58 ? 68  GLU A O   1 
ATOM   524  C CB  . GLU A 1 68 ? 0.259   -19.772 -2.777  1.00 56.09 ? 68  GLU A CB  1 
ATOM   525  C CG  . GLU A 1 68 ? 0.833   -21.175 -2.702  1.00 60.74 ? 68  GLU A CG  1 
ATOM   526  C CD  . GLU A 1 68 ? 1.339   -21.633 -4.059  1.00 61.39 ? 68  GLU A CD  1 
ATOM   527  O OE1 . GLU A 1 68 ? 1.927   -20.800 -4.801  1.00 59.47 ? 68  GLU A OE1 1 
ATOM   528  O OE2 . GLU A 1 68 ? 1.132   -22.821 -4.384  1.00 56.74 ? 68  GLU A OE2 1 
ATOM   529  N N   . ARG A 1 69 ? 0.775   -17.718 -0.491  1.00 40.47 ? 69  ARG A N   1 
ATOM   530  C CA  . ARG A 1 69 ? 1.923   -17.242 0.278   1.00 41.86 ? 69  ARG A CA  1 
ATOM   531  C C   . ARG A 1 69 ? 1.565   -15.818 0.706   1.00 37.20 ? 69  ARG A C   1 
ATOM   532  O O   . ARG A 1 69 ? 1.079   -15.023 -0.129  1.00 40.15 ? 69  ARG A O   1 
ATOM   533  C CB  . ARG A 1 69 ? 3.166   -17.244 -0.595  1.00 47.39 ? 69  ARG A CB  1 
ATOM   534  C CG  . ARG A 1 69 ? 4.068   -18.463 -0.477  1.00 60.62 ? 69  ARG A CG  1 
ATOM   535  C CD  . ARG A 1 69 ? 5.470   -18.159 -1.001  1.00 63.54 ? 69  ARG A CD  1 
ATOM   536  N NE  . ARG A 1 69 ? 6.182   -17.188 -0.155  1.00 77.23 ? 69  ARG A NE  1 
ATOM   537  C CZ  . ARG A 1 69 ? 7.115   -16.314 -0.570  1.00 83.44 ? 69  ARG A CZ  1 
ATOM   538  N NH1 . ARG A 1 69 ? 7.505   -16.245 -1.850  1.00 81.20 ? 69  ARG A NH1 1 
ATOM   539  N NH2 . ARG A 1 69 ? 7.670   -15.482 0.314   1.00 79.47 ? 69  ARG A NH2 1 
ATOM   540  N N   . VAL A 1 70 ? 1.760   -15.536 1.984   1.00 37.67 ? 70  VAL A N   1 
ATOM   541  C CA  . VAL A 1 70 ? 1.532   -14.218 2.568   1.00 39.34 ? 70  VAL A CA  1 
ATOM   542  C C   . VAL A 1 70 ? 2.606   -13.844 3.611   1.00 43.31 ? 70  VAL A C   1 
ATOM   543  O O   . VAL A 1 70 ? 2.890   -14.599 4.548   1.00 39.39 ? 70  VAL A O   1 
ATOM   544  C CB  . VAL A 1 70 ? 0.080   -14.117 3.146   1.00 39.79 ? 70  VAL A CB  1 
ATOM   545  C CG1 . VAL A 1 70 ? -0.072  -14.960 4.369   1.00 46.12 ? 70  VAL A CG1 1 
ATOM   546  C CG2 . VAL A 1 70 ? -0.300  -12.692 3.454   1.00 42.67 ? 70  VAL A CG2 1 
ATOM   547  N N   . VAL A 1 71 ? 3.190   -12.652 3.440   1.00 34.58 ? 71  VAL A N   1 
ATOM   548  C CA  . VAL A 1 71 ? 4.069   -12.035 4.415   1.00 31.76 ? 71  VAL A CA  1 
ATOM   549  C C   . VAL A 1 71 ? 3.455   -10.743 4.891   1.00 30.60 ? 71  VAL A C   1 
ATOM   550  O O   . VAL A 1 71 ? 2.965   -9.924  4.090   1.00 27.68 ? 71  VAL A O   1 
ATOM   551  C CB  . VAL A 1 71 ? 5.443   -11.733 3.839   1.00 37.32 ? 71  VAL A CB  1 
ATOM   552  C CG1 . VAL A 1 71 ? 6.390   -11.250 4.953   1.00 41.76 ? 71  VAL A CG1 1 
ATOM   553  C CG2 . VAL A 1 71 ? 5.949   -12.950 3.088   1.00 41.66 ? 71  VAL A CG2 1 
ATOM   554  N N   . VAL A 1 72 ? 3.536   -10.553 6.206   1.00 27.98 ? 72  VAL A N   1 
ATOM   555  C CA  . VAL A 1 72 ? 2.961   -9.409  6.879   1.00 28.98 ? 72  VAL A CA  1 
ATOM   556  C C   . VAL A 1 72 ? 4.111   -8.833  7.695   1.00 29.00 ? 72  VAL A C   1 
ATOM   557  O O   . VAL A 1 72 ? 4.801   -9.562  8.437   1.00 31.91 ? 72  VAL A O   1 
ATOM   558  C CB  . VAL A 1 72 ? 1.783   -9.798  7.873   1.00 26.68 ? 72  VAL A CB  1 
ATOM   559  C CG1 . VAL A 1 72 ? 0.932   -8.611  8.205   1.00 28.56 ? 72  VAL A CG1 1 
ATOM   560  C CG2 . VAL A 1 72 ? 0.841   -10.858 7.312   1.00 35.69 ? 72  VAL A CG2 1 
ATOM   561  N N   . HIS A 1 73 ? 4.316   -7.520  7.527   1.00 27.76 ? 73  HIS A N   1 
ATOM   562  C CA  . HIS A 1 73 ? 5.279   -6.694  8.218   1.00 30.66 ? 73  HIS A CA  1 
ATOM   563  C C   . HIS A 1 73 ? 4.425   -5.689  8.890   1.00 29.26 ? 73  HIS A C   1 
ATOM   564  O O   . HIS A 1 73 ? 3.263   -5.470  8.518   1.00 33.28 ? 73  HIS A O   1 
ATOM   565  C CB  . HIS A 1 73 ? 6.194   -5.887  7.233   1.00 31.89 ? 73  HIS A CB  1 
ATOM   566  C CG  . HIS A 1 73 ? 7.043   -6.743  6.373   1.00 31.86 ? 73  HIS A CG  1 
ATOM   567  N ND1 . HIS A 1 73 ? 7.998   -7.586  6.875   1.00 32.18 ? 73  HIS A ND1 1 
ATOM   568  C CD2 . HIS A 1 73 ? 7.050   -6.916  5.032   1.00 31.39 ? 73  HIS A CD2 1 
ATOM   569  C CE1 . HIS A 1 73 ? 8.594   -8.208  5.873   1.00 35.67 ? 73  HIS A CE1 1 
ATOM   570  N NE2 . HIS A 1 73 ? 8.008   -7.847  4.749   1.00 32.60 ? 73  HIS A NE2 1 
ATOM   571  N N   . PHE A 1 74 ? 4.967   -5.085  9.912   1.00 31.61 ? 74  PHE A N   1 
ATOM   572  C CA  . PHE A 1 74 ? 4.222   -4.062  10.630  1.00 30.95 ? 74  PHE A CA  1 
ATOM   573  C C   . PHE A 1 74 ? 5.130   -2.888  10.920  1.00 38.46 ? 74  PHE A C   1 
ATOM   574  O O   . PHE A 1 74 ? 6.358   -3.004  10.899  1.00 43.88 ? 74  PHE A O   1 
ATOM   575  C CB  . PHE A 1 74 ? 3.693   -4.572  11.996  1.00 33.25 ? 74  PHE A CB  1 
ATOM   576  C CG  . PHE A 1 74 ? 4.739   -5.187  12.866  1.00 31.16 ? 74  PHE A CG  1 
ATOM   577  C CD1 . PHE A 1 74 ? 5.084   -6.512  12.735  1.00 30.81 ? 74  PHE A CD1 1 
ATOM   578  C CD2 . PHE A 1 74 ? 5.355   -4.410  13.860  1.00 33.49 ? 74  PHE A CD2 1 
ATOM   579  C CE1 . PHE A 1 74 ? 6.058   -7.056  13.550  1.00 34.22 ? 74  PHE A CE1 1 
ATOM   580  C CE2 . PHE A 1 74 ? 6.349   -4.938  14.648  1.00 35.98 ? 74  PHE A CE2 1 
ATOM   581  C CZ  . PHE A 1 74 ? 6.688   -6.266  14.499  1.00 33.03 ? 74  PHE A CZ  1 
ATOM   582  N N   . GLU A 1 75 ? 4.493   -1.760  11.205  1.00 37.03 ? 75  GLU A N   1 
ATOM   583  C CA  . GLU A 1 75 ? 5.168   -0.519  11.397  1.00 39.73 ? 75  GLU A CA  1 
ATOM   584  C C   . GLU A 1 75 ? 4.167   0.379   12.128  1.00 36.78 ? 75  GLU A C   1 
ATOM   585  O O   . GLU A 1 75 ? 2.971   0.079   12.126  1.00 34.42 ? 75  GLU A O   1 
ATOM   586  C CB  . GLU A 1 75 ? 5.601   0.088   10.062  1.00 37.15 ? 75  GLU A CB  1 
ATOM   587  C CG  . GLU A 1 75 ? 4.511   0.790   9.266   1.00 41.71 ? 75  GLU A CG  1 
ATOM   588  C CD  . GLU A 1 75 ? 4.743   0.761   7.756   1.00 52.46 ? 75  GLU A CD  1 
ATOM   589  O OE1 . GLU A 1 75 ? 5.665   0.039   7.294   1.00 66.09 ? 75  GLU A OE1 1 
ATOM   590  O OE2 . GLU A 1 75 ? 3.993   1.433   7.010   1.00 47.62 ? 75  GLU A OE2 1 
ATOM   591  N N   . PRO A 1 76 ? 4.655   1.481   12.690  1.00 37.92 ? 76  PRO A N   1 
ATOM   592  C CA  . PRO A 1 76 ? 3.807   2.310   13.510  1.00 43.42 ? 76  PRO A CA  1 
ATOM   593  C C   . PRO A 1 76 ? 2.950   3.284   12.693  1.00 44.81 ? 76  PRO A C   1 
ATOM   594  O O   . PRO A 1 76 ? 3.409   3.841   11.667  1.00 43.77 ? 76  PRO A O   1 
ATOM   595  C CB  . PRO A 1 76 ? 4.798   3.075   14.346  1.00 43.16 ? 76  PRO A CB  1 
ATOM   596  C CG  . PRO A 1 76 ? 5.970   3.260   13.441  1.00 43.80 ? 76  PRO A CG  1 
ATOM   597  C CD  . PRO A 1 76 ? 6.019   2.056   12.551  1.00 38.72 ? 76  PRO A CD  1 
ATOM   598  N N   . ALA A 1 77 ? 1.718   3.422   13.155  1.00 46.88 ? 77  ALA A N   1 
ATOM   599  C CA  . ALA A 1 77 ? 0.799   4.504   12.789  1.00 51.59 ? 77  ALA A CA  1 
ATOM   600  C C   . ALA A 1 77 ? 1.112   5.776   13.592  1.00 53.11 ? 77  ALA A C   1 
ATOM   601  O O   . ALA A 1 77 ? 2.122   5.844   14.308  1.00 49.59 ? 77  ALA A O   1 
ATOM   602  C CB  . ALA A 1 77 ? -0.641  4.054   13.067  1.00 55.57 ? 77  ALA A CB  1 
ATOM   603  N N   . ARG A 1 78 ? 0.233   6.781   13.457  1.00 70.36 ? 78  ARG A N   1 
ATOM   604  C CA  . ARG A 1 78 ? 0.226   8.007   14.288  1.00 66.29 ? 78  ARG A CA  1 
ATOM   605  C C   . ARG A 1 78 ? -0.849  7.967   15.399  1.00 69.51 ? 78  ARG A C   1 
ATOM   606  O O   . ARG A 1 78 ? -0.655  7.388   16.486  1.00 57.27 ? 78  ARG A O   1 
ATOM   607  C CB  . ARG A 1 78 ? 0.011   9.220   13.385  1.00 68.16 ? 78  ARG A CB  1 
ATOM   608  N N   . ASP B 1 1  ? 11.459  8.533   0.601   1.00 56.40 ? 1   ASP B N   1 
ATOM   609  C CA  . ASP B 1 1  ? 12.806  7.922   0.578   1.00 50.05 ? 1   ASP B CA  1 
ATOM   610  C C   . ASP B 1 1  ? 13.201  7.163   -0.778  1.00 42.89 ? 1   ASP B C   1 
ATOM   611  O O   . ASP B 1 1  ? 12.489  6.300   -1.264  1.00 46.63 ? 1   ASP B O   1 
ATOM   612  C CB  . ASP B 1 1  ? 12.870  7.052   1.852   1.00 55.86 ? 1   ASP B CB  1 
ATOM   613  C CG  . ASP B 1 1  ? 14.160  6.354   2.030   1.00 55.89 ? 1   ASP B CG  1 
ATOM   614  O OD1 . ASP B 1 1  ? 14.811  6.071   1.010   1.00 45.27 ? 1   ASP B OD1 1 
ATOM   615  O OD2 . ASP B 1 1  ? 14.461  6.017   3.203   1.00 58.14 ? 1   ASP B OD2 1 
ATOM   616  N N   . ILE B 1 2  ? 14.381  7.454   -1.345  1.00 36.59 ? 2   ILE B N   1 
ATOM   617  C CA  . ILE B 1 2  ? 14.802  6.863   -2.646  1.00 39.86 ? 2   ILE B CA  1 
ATOM   618  C C   . ILE B 1 2  ? 15.322  5.412   -2.600  1.00 40.88 ? 2   ILE B C   1 
ATOM   619  O O   . ILE B 1 2  ? 15.584  4.842   -3.630  1.00 44.14 ? 2   ILE B O   1 
ATOM   620  C CB  . ILE B 1 2  ? 15.770  7.765   -3.492  1.00 46.47 ? 2   ILE B CB  1 
ATOM   621  C CG1 . ILE B 1 2  ? 17.257  7.690   -3.044  1.00 52.11 ? 2   ILE B CG1 1 
ATOM   622  C CG2 . ILE B 1 2  ? 15.264  9.210   -3.562  1.00 54.97 ? 2   ILE B CG2 1 
ATOM   623  C CD1 . ILE B 1 2  ? 17.562  8.363   -1.717  1.00 50.49 ? 2   ILE B CD1 1 
ATOM   624  N N   . TYR B 1 3  ? 15.407  4.818   -1.406  1.00 41.34 ? 3   TYR B N   1 
ATOM   625  C CA  . TYR B 1 3  ? 16.011  3.476   -1.186  1.00 41.39 ? 3   TYR B CA  1 
ATOM   626  C C   . TYR B 1 3  ? 14.990  2.367   -1.004  1.00 41.99 ? 3   TYR B C   1 
ATOM   627  O O   . TYR B 1 3  ? 15.355  1.227   -0.758  1.00 36.05 ? 3   TYR B O   1 
ATOM   628  C CB  . TYR B 1 3  ? 16.896  3.602   0.044   1.00 42.63 ? 3   TYR B CB  1 
ATOM   629  C CG  . TYR B 1 3  ? 18.119  4.464   -0.269  1.00 49.40 ? 3   TYR B CG  1 
ATOM   630  C CD1 . TYR B 1 3  ? 19.035  4.047   -1.238  1.00 50.43 ? 3   TYR B CD1 1 
ATOM   631  C CD2 . TYR B 1 3  ? 18.361  5.691   0.384   1.00 48.81 ? 3   TYR B CD2 1 
ATOM   632  C CE1 . TYR B 1 3  ? 20.163  4.795   -1.551  1.00 55.29 ? 3   TYR B CE1 1 
ATOM   633  C CE2 . TYR B 1 3  ? 19.504  6.442   0.080   1.00 52.87 ? 3   TYR B CE2 1 
ATOM   634  C CZ  . TYR B 1 3  ? 20.391  5.995   -0.893  1.00 58.19 ? 3   TYR B CZ  1 
ATOM   635  O OH  . TYR B 1 3  ? 21.507  6.728   -1.233  1.00 59.90 ? 3   TYR B OH  1 
ATOM   636  N N   . GLY B 1 4  ? 13.704  2.719   -1.093  1.00 37.37 ? 4   GLY B N   1 
ATOM   637  C CA  . GLY B 1 4  ? 12.618  1.744   -1.069  1.00 50.66 ? 4   GLY B CA  1 
ATOM   638  C C   . GLY B 1 4  ? 12.208  1.392   -2.529  1.00 43.21 ? 4   GLY B C   1 
ATOM   639  O O   . GLY B 1 4  ? 13.049  1.384   -3.475  1.00 37.67 ? 4   GLY B O   1 
ATOM   640  N N   . ASP B 1 5  ? 10.919  1.131   -2.729  1.00 37.01 ? 5   ASP B N   1 
ATOM   641  C CA  . ASP B 1 5  ? 10.435  0.570   -3.989  1.00 40.98 ? 5   ASP B CA  1 
ATOM   642  C C   . ASP B 1 5  ? 10.508  1.679   -4.968  1.00 36.71 ? 5   ASP B C   1 
ATOM   643  O O   . ASP B 1 5  ? 10.679  2.821   -4.562  1.00 35.33 ? 5   ASP B O   1 
ATOM   644  C CB  . ASP B 1 5  ? 8.990   0.075   -3.832  1.00 44.39 ? 5   ASP B CB  1 
ATOM   645  C CG  . ASP B 1 5  ? 8.054   1.186   -3.369  1.00 43.24 ? 5   ASP B CG  1 
ATOM   646  O OD1 . ASP B 1 5  ? 8.000   1.417   -2.158  1.00 51.39 ? 5   ASP B OD1 1 
ATOM   647  O OD2 . ASP B 1 5  ? 7.430   1.865   -4.211  1.00 49.51 ? 5   ASP B OD2 1 
ATOM   648  N N   . GLU B 1 6  ? 10.455  1.341   -6.259  1.00 37.85 ? 6   GLU B N   1 
ATOM   649  C CA  . GLU B 1 6  ? 10.639  2.335   -7.354  1.00 45.22 ? 6   GLU B CA  1 
ATOM   650  C C   . GLU B 1 6  ? 9.592   3.451   -7.296  1.00 38.83 ? 6   GLU B C   1 
ATOM   651  O O   . GLU B 1 6  ? 9.917   4.617   -7.524  1.00 43.78 ? 6   GLU B O   1 
ATOM   652  C CB  . GLU B 1 6  ? 10.618  1.661   -8.760  1.00 45.08 ? 6   GLU B CB  1 
ATOM   653  C CG  . GLU B 1 6  ? 11.951  1.531   -9.503  1.00 53.42 ? 6   GLU B CG  1 
ATOM   654  C CD  . GLU B 1 6  ? 11.703  1.089   -10.947 1.00 59.46 ? 6   GLU B CD  1 
ATOM   655  O OE1 . GLU B 1 6  ? 12.293  1.699   -11.879 1.00 70.00 ? 6   GLU B OE1 1 
ATOM   656  O OE2 . GLU B 1 6  ? 10.851  0.165   -11.148 1.00 58.56 ? 6   GLU B OE2 1 
ATOM   657  N N   . ILE B 1 7  ? 8.329   3.108   -7.011  1.00 36.36 ? 7   ILE B N   1 
ATOM   658  C CA  . ILE B 1 7  ? 7.235   4.117   -6.965  1.00 36.00 ? 7   ILE B CA  1 
ATOM   659  C C   . ILE B 1 7  ? 7.459   5.161   -5.888  1.00 31.46 ? 7   ILE B C   1 
ATOM   660  O O   . ILE B 1 7  ? 7.418   6.371   -6.148  1.00 33.29 ? 7   ILE B O   1 
ATOM   661  C CB  . ILE B 1 7  ? 5.830   3.470   -6.796  1.00 32.71 ? 7   ILE B CB  1 
ATOM   662  C CG1 . ILE B 1 7  ? 5.503   2.714   -8.053  1.00 36.01 ? 7   ILE B CG1 1 
ATOM   663  C CG2 . ILE B 1 7  ? 4.758   4.508   -6.363  1.00 30.90 ? 7   ILE B CG2 1 
ATOM   664  C CD1 . ILE B 1 7  ? 4.164   1.999   -8.025  1.00 39.31 ? 7   ILE B CD1 1 
ATOM   665  N N   . THR B 1 8  ? 7.666   4.711   -4.681  1.00 30.94 ? 8   THR B N   1 
ATOM   666  C CA  . THR B 1 8  ? 8.003   5.596   -3.559  1.00 32.88 ? 8   THR B CA  1 
ATOM   667  C C   . THR B 1 8  ? 9.202   6.468   -3.862  1.00 31.46 ? 8   THR B C   1 
ATOM   668  O O   . THR B 1 8  ? 9.126   7.691   -3.578  1.00 27.62 ? 8   THR B O   1 
ATOM   669  C CB  . THR B 1 8  ? 8.200   4.749   -2.303  1.00 35.85 ? 8   THR B CB  1 
ATOM   670  O OG1 . THR B 1 8  ? 6.942   4.154   -2.013  1.00 36.57 ? 8   THR B OG1 1 
ATOM   671  C CG2 . THR B 1 8  ? 8.711   5.481   -1.082  1.00 35.21 ? 8   THR B CG2 1 
ATOM   672  N N   . ALA B 1 9  ? 10.216  5.898   -4.547  1.00 30.82 ? 9   ALA B N   1 
ATOM   673  C CA  . ALA B 1 9  ? 11.405  6.665   -5.037  1.00 35.04 ? 9   ALA B CA  1 
ATOM   674  C C   . ALA B 1 9  ? 10.971  7.877   -5.890  1.00 39.01 ? 9   ALA B C   1 
ATOM   675  O O   . ALA B 1 9  ? 11.317  9.067   -5.580  1.00 40.63 ? 9   ALA B O   1 
ATOM   676  C CB  . ALA B 1 9  ? 12.413  5.750   -5.796  1.00 35.95 ? 9   ALA B CB  1 
ATOM   677  N N   . VAL B 1 10 ? 10.126  7.602   -6.886  1.00 38.04 ? 10  VAL B N   1 
ATOM   678  C CA  . VAL B 1 10 ? 9.628   8.651   -7.788  1.00 35.43 ? 10  VAL B CA  1 
ATOM   679  C C   . VAL B 1 10 ? 8.905   9.733   -7.027  1.00 34.58 ? 10  VAL B C   1 
ATOM   680  O O   . VAL B 1 10 ? 9.143   10.924  -7.194  1.00 37.87 ? 10  VAL B O   1 
ATOM   681  C CB  . VAL B 1 10 ? 8.728   8.081   -8.917  1.00 34.24 ? 10  VAL B CB  1 
ATOM   682  C CG1 . VAL B 1 10 ? 8.022   9.231   -9.628  1.00 34.06 ? 10  VAL B CG1 1 
ATOM   683  C CG2 . VAL B 1 10 ? 9.558   7.318   -9.910  1.00 33.26 ? 10  VAL B CG2 1 
ATOM   684  N N   . VAL B 1 11 ? 8.071   9.321   -6.100  1.00 31.74 ? 11  VAL B N   1 
ATOM   685  C CA  . VAL B 1 11 ? 7.226   10.218  -5.395  1.00 30.20 ? 11  VAL B CA  1 
ATOM   686  C C   . VAL B 1 11 ? 8.049   11.021  -4.366  1.00 40.32 ? 11  VAL B C   1 
ATOM   687  O O   . VAL B 1 11 ? 7.770   12.210  -4.254  1.00 33.76 ? 11  VAL B O   1 
ATOM   688  C CB  . VAL B 1 11 ? 6.100   9.457   -4.697  1.00 37.29 ? 11  VAL B CB  1 
ATOM   689  C CG1 . VAL B 1 11 ? 5.308   10.418  -3.870  1.00 33.20 ? 11  VAL B CG1 1 
ATOM   690  C CG2 . VAL B 1 11 ? 5.170   8.741   -5.700  1.00 31.09 ? 11  VAL B CG2 1 
ATOM   691  N N   . SER B 1 12 ? 9.111   10.450  -3.744  1.00 38.31 ? 12  SER B N   1 
ATOM   692  C CA  . SER B 1 12 ? 9.936   11.220  -2.694  1.00 40.77 ? 12  SER B CA  1 
ATOM   693  C C   . SER B 1 12 ? 10.544  12.526  -3.231  1.00 42.73 ? 12  SER B C   1 
ATOM   694  O O   . SER B 1 12 ? 10.817  13.501  -2.449  1.00 43.04 ? 12  SER B O   1 
ATOM   695  C CB  . SER B 1 12 ? 11.064  10.343  -2.131  1.00 39.60 ? 12  SER B CB  1 
ATOM   696  O OG  . SER B 1 12 ? 12.087  10.183  -3.119  1.00 34.47 ? 12  SER B OG  1 
ATOM   697  N N   . LYS B 1 13 ? 10.734  12.566  -4.553  1.00 41.37 ? 13  LYS B N   1 
ATOM   698  C CA  . LYS B 1 13 ? 11.289  13.731  -5.242  1.00 46.94 ? 13  LYS B CA  1 
ATOM   699  C C   . LYS B 1 13 ? 10.275  14.822  -5.647  1.00 44.53 ? 13  LYS B C   1 
ATOM   700  O O   . LYS B 1 13 ? 10.668  15.870  -6.191  1.00 45.44 ? 13  LYS B O   1 
ATOM   701  C CB  . LYS B 1 13 ? 12.070  13.267  -6.458  1.00 56.60 ? 13  LYS B CB  1 
ATOM   702  C CG  . LYS B 1 13 ? 13.215  12.322  -6.117  1.00 59.53 ? 13  LYS B CG  1 
ATOM   703  C CD  . LYS B 1 13 ? 13.844  11.761  -7.387  1.00 63.60 ? 13  LYS B CD  1 
ATOM   704  C CE  . LYS B 1 13 ? 13.127  10.535  -7.926  1.00 64.21 ? 13  LYS B CE  1 
ATOM   705  N NZ  . LYS B 1 13 ? 13.887  9.295   -7.628  1.00 62.99 ? 13  LYS B NZ  1 
ATOM   706  N N   . ILE B 1 14 ? 8.993   14.590  -5.395  1.00 37.43 ? 14  ILE B N   1 
ATOM   707  C CA  . ILE B 1 14 ? 7.939   15.564  -5.700  1.00 39.75 ? 14  ILE B CA  1 
ATOM   708  C C   . ILE B 1 14 ? 7.701   16.413  -4.452  1.00 38.51 ? 14  ILE B C   1 
ATOM   709  O O   . ILE B 1 14 ? 7.037   15.985  -3.506  1.00 42.09 ? 14  ILE B O   1 
ATOM   710  C CB  . ILE B 1 14 ? 6.658   14.863  -6.189  1.00 41.56 ? 14  ILE B CB  1 
ATOM   711  C CG1 . ILE B 1 14 ? 6.977   14.107  -7.493  1.00 42.70 ? 14  ILE B CG1 1 
ATOM   712  C CG2 . ILE B 1 14 ? 5.560   15.892  -6.410  1.00 37.28 ? 14  ILE B CG2 1 
ATOM   713  C CD1 . ILE B 1 14 ? 5.980   13.053  -7.813  1.00 43.58 ? 14  ILE B CD1 1 
ATOM   714  N N   . GLU B 1 15 ? 8.231   17.640  -4.459  1.00 45.25 ? 15  GLU B N   1 
ATOM   715  C CA  . GLU B 1 15 ? 8.339   18.446  -3.225  1.00 45.18 ? 15  GLU B CA  1 
ATOM   716  C C   . GLU B 1 15 ? 7.021   18.564  -2.493  1.00 47.39 ? 15  GLU B C   1 
ATOM   717  O O   . GLU B 1 15 ? 6.981   18.413  -1.258  1.00 41.08 ? 15  GLU B O   1 
ATOM   718  C CB  . GLU B 1 15 ? 8.925   19.851  -3.498  1.00 50.46 ? 15  GLU B CB  1 
ATOM   719  N N   . ASN B 1 16 ? 5.938   18.814  -3.245  1.00 45.11 ? 16  ASN B N   1 
ATOM   720  C CA  . ASN B 1 16 ? 4.624   19.079  -2.621  1.00 44.31 ? 16  ASN B CA  1 
ATOM   721  C C   . ASN B 1 16 ? 3.930   17.818  -2.051  1.00 42.97 ? 16  ASN B C   1 
ATOM   722  O O   . ASN B 1 16 ? 2.952   17.926  -1.331  1.00 38.93 ? 16  ASN B O   1 
ATOM   723  C CB  . ASN B 1 16 ? 3.688   19.837  -3.588  1.00 45.60 ? 16  ASN B CB  1 
ATOM   724  C CG  . ASN B 1 16 ? 3.828   21.364  -3.484  1.00 55.52 ? 16  ASN B CG  1 
ATOM   725  O OD1 . ASN B 1 16 ? 2.915   22.132  -3.882  1.00 58.95 ? 16  ASN B OD1 1 
ATOM   726  N ND2 . ASN B 1 16 ? 4.954   21.816  -2.957  1.00 53.93 ? 16  ASN B ND2 1 
ATOM   727  N N   . VAL B 1 17 ? 4.462   16.632  -2.334  1.00 39.44 ? 17  VAL B N   1 
ATOM   728  C CA  . VAL B 1 17 ? 3.996   15.427  -1.647  1.00 32.12 ? 17  VAL B CA  1 
ATOM   729  C C   . VAL B 1 17 ? 4.711   15.350  -0.295  1.00 40.65 ? 17  VAL B C   1 
ATOM   730  O O   . VAL B 1 17 ? 5.960   15.312  -0.242  1.00 40.43 ? 17  VAL B O   1 
ATOM   731  C CB  . VAL B 1 17 ? 4.310   14.195  -2.466  1.00 31.78 ? 17  VAL B CB  1 
ATOM   732  C CG1 . VAL B 1 17 ? 3.946   12.942  -1.718  1.00 33.91 ? 17  VAL B CG1 1 
ATOM   733  C CG2 . VAL B 1 17 ? 3.530   14.227  -3.798  1.00 35.15 ? 17  VAL B CG2 1 
ATOM   734  N N   . LYS B 1 18 ? 3.944   15.299  0.796   1.00 39.08 ? 18  LYS B N   1 
ATOM   735  C CA  . LYS B 1 18 ? 4.529   15.046  2.122   1.00 44.11 ? 18  LYS B CA  1 
ATOM   736  C C   . LYS B 1 18 ? 4.626   13.551  2.584   1.00 46.01 ? 18  LYS B C   1 
ATOM   737  O O   . LYS B 1 18 ? 5.412   13.210  3.506   1.00 45.51 ? 18  LYS B O   1 
ATOM   738  C CB  . LYS B 1 18 ? 3.807   15.926  3.167   1.00 51.93 ? 18  LYS B CB  1 
ATOM   739  C CG  . LYS B 1 18 ? 4.431   17.339  3.253   1.00 60.56 ? 18  LYS B CG  1 
ATOM   740  C CD  . LYS B 1 18 ? 3.461   18.461  3.619   1.00 69.28 ? 18  LYS B CD  1 
ATOM   741  C CE  . LYS B 1 18 ? 3.969   19.863  3.224   1.00 72.14 ? 18  LYS B CE  1 
ATOM   742  N NZ  . LYS B 1 18 ? 5.165   20.362  3.983   1.00 67.13 ? 18  LYS B NZ  1 
ATOM   743  N N   . GLY B 1 19 ? 3.857   12.662  1.959   1.00 36.34 ? 19  GLY B N   1 
ATOM   744  C CA  . GLY B 1 19 ? 3.885   11.199  2.319   1.00 34.57 ? 19  GLY B CA  1 
ATOM   745  C C   . GLY B 1 19 ? 2.958   10.384  1.468   1.00 34.70 ? 19  GLY B C   1 
ATOM   746  O O   . GLY B 1 19 ? 2.187   10.942  0.674   1.00 31.77 ? 19  GLY B O   1 
ATOM   747  N N   . ILE B 1 20 ? 3.084   9.046   1.544   1.00 33.66 ? 20  ILE B N   1 
ATOM   748  C CA  . ILE B 1 20 ? 2.183   8.145   0.887   1.00 40.35 ? 20  ILE B CA  1 
ATOM   749  C C   . ILE B 1 20 ? 1.577   7.386   2.063   1.00 39.11 ? 20  ILE B C   1 
ATOM   750  O O   . ILE B 1 20 ? 2.296   6.685   2.799   1.00 41.12 ? 20  ILE B O   1 
ATOM   751  C CB  . ILE B 1 20 ? 2.903   7.182   -0.055  1.00 39.43 ? 20  ILE B CB  1 
ATOM   752  C CG1 . ILE B 1 20 ? 3.641   7.908   -1.198  1.00 41.14 ? 20  ILE B CG1 1 
ATOM   753  C CG2 . ILE B 1 20 ? 1.930   6.135   -0.601  1.00 36.24 ? 20  ILE B CG2 1 
ATOM   754  C CD1 . ILE B 1 20 ? 4.700   7.073   -1.934  1.00 41.84 ? 20  ILE B CD1 1 
ATOM   755  N N   . SER B 1 21 ? 0.294   7.558   2.296   1.00 35.09 ? 21  SER B N   1 
ATOM   756  C CA  . SER B 1 21 ? -0.400  6.774   3.343   1.00 38.98 ? 21  SER B CA  1 
ATOM   757  C C   . SER B 1 21 ? -0.677  5.299   2.963   1.00 40.74 ? 21  SER B C   1 
ATOM   758  O O   . SER B 1 21 ? -0.807  4.426   3.848   1.00 40.53 ? 21  SER B O   1 
ATOM   759  C CB  . SER B 1 21 ? -1.734  7.453   3.705   1.00 39.90 ? 21  SER B CB  1 
ATOM   760  O OG  . SER B 1 21 ? -2.605  7.441   2.621   1.00 34.19 ? 21  SER B OG  1 
ATOM   761  N N   . GLN B 1 22 ? -0.781  5.040   1.656   1.00 36.85 ? 22  GLN B N   1 
ATOM   762  C CA  . GLN B 1 22 ? -1.154  3.725   1.151   1.00 41.01 ? 22  GLN B CA  1 
ATOM   763  C C   . GLN B 1 22 ? -0.636  3.533   -0.306  1.00 33.11 ? 22  GLN B C   1 
ATOM   764  O O   . GLN B 1 22 ? -0.744  4.405   -1.197  1.00 33.67 ? 22  GLN B O   1 
ATOM   765  C CB  . GLN B 1 22 ? -2.671  3.399   1.333   1.00 35.91 ? 22  GLN B CB  1 
ATOM   766  C CG  . GLN B 1 22 ? -3.122  2.101   0.688   1.00 46.87 ? 22  GLN B CG  1 
ATOM   767  C CD  . GLN B 1 22 ? -3.424  0.900   1.562   1.00 57.00 ? 22  GLN B CD  1 
ATOM   768  O OE1 . GLN B 1 22 ? -4.515  0.849   2.197   1.00 52.38 ? 22  GLN B OE1 1 
ATOM   769  N NE2 . GLN B 1 22 ? -2.520  -0.152  1.515   1.00 45.70 ? 22  GLN B NE2 1 
ATOM   770  N N   . LEU B 1 23 ? 0.032   2.418   -0.490  1.00 29.80 ? 23  LEU B N   1 
ATOM   771  C CA  . LEU B 1 23 ? 0.537   1.999   -1.785  1.00 32.02 ? 23  LEU B CA  1 
ATOM   772  C C   . LEU B 1 23 ? 0.030   0.587   -2.006  1.00 34.53 ? 23  LEU B C   1 
ATOM   773  O O   . LEU B 1 23 ? 0.346   -0.311  -1.174  1.00 34.76 ? 23  LEU B O   1 
ATOM   774  C CB  . LEU B 1 23 ? 2.063   2.088   -1.851  1.00 30.52 ? 23  LEU B CB  1 
ATOM   775  C CG  . LEU B 1 23 ? 2.769   1.509   -3.120  1.00 32.40 ? 23  LEU B CG  1 
ATOM   776  C CD1 . LEU B 1 23 ? 2.013   2.013   -4.350  1.00 37.48 ? 23  LEU B CD1 1 
ATOM   777  C CD2 . LEU B 1 23 ? 4.238   1.834   -3.215  1.00 38.94 ? 23  LEU B CD2 1 
ATOM   778  N N   . LYS B 1 24 ? -0.730  0.394   -3.099  1.00 30.01 ? 24  LYS B N   1 
ATOM   779  C CA  . LYS B 1 24 ? -1.250  -0.919  -3.487  1.00 27.47 ? 24  LYS B CA  1 
ATOM   780  C C   . LYS B 1 24 ? -0.744  -1.248  -4.862  1.00 28.48 ? 24  LYS B C   1 
ATOM   781  O O   . LYS B 1 24 ? -0.957  -0.464  -5.822  1.00 24.71 ? 24  LYS B O   1 
ATOM   782  C CB  . LYS B 1 24 ? -2.747  -0.972  -3.498  1.00 29.13 ? 24  LYS B CB  1 
ATOM   783  C CG  . LYS B 1 24 ? -3.310  -0.817  -2.066  1.00 33.33 ? 24  LYS B CG  1 
ATOM   784  C CD  . LYS B 1 24 ? -4.843  -0.626  -2.048  1.00 45.74 ? 24  LYS B CD  1 
ATOM   785  C CE  . LYS B 1 24 ? -5.606  -1.697  -2.853  1.00 52.46 ? 24  LYS B CE  1 
ATOM   786  N NZ  . LYS B 1 24 ? -7.069  -1.380  -2.988  1.00 57.97 ? 24  LYS B NZ  1 
ATOM   787  N N   . THR B 1 25 ? -0.016  -2.356  -4.985  1.00 29.72 ? 25  THR B N   1 
ATOM   788  C CA  . THR B 1 25 ? 0.459   -2.780  -6.367  1.00 30.44 ? 25  THR B CA  1 
ATOM   789  C C   . THR B 1 25 ? 0.070   -4.158  -6.655  1.00 30.78 ? 25  THR B C   1 
ATOM   790  O O   . THR B 1 25 ? -0.026  -4.993  -5.728  1.00 32.59 ? 25  THR B O   1 
ATOM   791  C CB  . THR B 1 25 ? 1.954   -2.605  -6.548  1.00 31.99 ? 25  THR B CB  1 
ATOM   792  O OG1 . THR B 1 25 ? 2.716   -3.362  -5.599  1.00 39.33 ? 25  THR B OG1 1 
ATOM   793  C CG2 . THR B 1 25 ? 2.322   -1.196  -6.336  1.00 31.59 ? 25  THR B CG2 1 
ATOM   794  N N   . ARG B 1 26 ? -0.168  -4.413  -7.945  1.00 32.55 ? 26  ARG B N   1 
ATOM   795  C CA  . ARG B 1 26 ? -0.600  -5.714  -8.432  1.00 34.71 ? 26  ARG B CA  1 
ATOM   796  C C   . ARG B 1 26 ? 0.431   -6.073  -9.525  1.00 34.86 ? 26  ARG B C   1 
ATOM   797  O O   . ARG B 1 26 ? 0.866   -5.216  -10.271 1.00 35.52 ? 26  ARG B O   1 
ATOM   798  C CB  . ARG B 1 26 ? -2.059  -5.623  -8.913  1.00 34.44 ? 26  ARG B CB  1 
ATOM   799  C CG  . ARG B 1 26 ? -2.461  -6.438  -10.136 1.00 41.61 ? 26  ARG B CG  1 
ATOM   800  C CD  . ARG B 1 26 ? -3.758  -7.181  -9.974  1.00 46.76 ? 26  ARG B CD  1 
ATOM   801  N NE  . ARG B 1 26 ? -3.606  -7.999  -8.781  1.00 53.90 ? 26  ARG B NE  1 
ATOM   802  C CZ  . ARG B 1 26 ? -4.612  -8.519  -8.086  1.00 57.67 ? 26  ARG B CZ  1 
ATOM   803  N NH1 . ARG B 1 26 ? -5.893  -8.349  -8.442  1.00 70.38 ? 26  ARG B NH1 1 
ATOM   804  N NH2 . ARG B 1 26 ? -4.337  -9.188  -7.007  1.00 43.66 ? 26  ARG B NH2 1 
ATOM   805  N N   . HIS B 1 27 ? 0.915   -7.296  -9.492  1.00 33.21 ? 27  HIS B N   1 
ATOM   806  C CA  . HIS B 1 27 ? 1.941   -7.742  -10.429 1.00 41.50 ? 27  HIS B CA  1 
ATOM   807  C C   . HIS B 1 27 ? 1.545   -9.042  -11.112 1.00 43.41 ? 27  HIS B C   1 
ATOM   808  O O   . HIS B 1 27 ? 1.351   -10.060 -10.454 1.00 41.19 ? 27  HIS B O   1 
ATOM   809  C CB  . HIS B 1 27 ? 3.309   -7.893  -9.774  1.00 45.10 ? 27  HIS B CB  1 
ATOM   810  C CG  . HIS B 1 27 ? 3.769   -6.679  -9.038  1.00 41.27 ? 27  HIS B CG  1 
ATOM   811  N ND1 . HIS B 1 27 ? 3.242   -6.327  -7.809  1.00 39.86 ? 27  HIS B ND1 1 
ATOM   812  C CD2 . HIS B 1 27 ? 4.740   -5.768  -9.310  1.00 37.46 ? 27  HIS B CD2 1 
ATOM   813  C CE1 . HIS B 1 27 ? 3.855   -5.249  -7.372  1.00 40.51 ? 27  HIS B CE1 1 
ATOM   814  N NE2 . HIS B 1 27 ? 4.764   -4.884  -8.262  1.00 42.20 ? 27  HIS B NE2 1 
ATOM   815  N N   . ILE B 1 28 ? 1.494   -8.967  -12.451 1.00 47.11 ? 28  ILE B N   1 
ATOM   816  C CA  . ILE B 1 28 ? 1.361   -10.112 -13.343 1.00 53.84 ? 28  ILE B CA  1 
ATOM   817  C C   . ILE B 1 28 ? 2.600   -10.044 -14.240 1.00 56.12 ? 28  ILE B C   1 
ATOM   818  O O   . ILE B 1 28 ? 2.699   -9.162  -15.109 1.00 58.78 ? 28  ILE B O   1 
ATOM   819  C CB  . ILE B 1 28 ? 0.072   -10.029 -14.155 1.00 54.88 ? 28  ILE B CB  1 
ATOM   820  N N   . GLY B 1 29 ? 3.551   -10.952 -13.967 1.00 54.40 ? 29  GLY B N   1 
ATOM   821  C CA  . GLY B 1 29 ? 4.940   -10.841 -14.410 1.00 51.43 ? 29  GLY B CA  1 
ATOM   822  C C   . GLY B 1 29 ? 5.572   -9.423  -14.185 1.00 46.25 ? 29  GLY B C   1 
ATOM   823  O O   . GLY B 1 29 ? 5.579   -8.945  -13.070 1.00 50.28 ? 29  GLY B O   1 
ATOM   824  N N   . GLN B 1 30 ? 6.066   -8.765  -15.235 1.00 47.06 ? 30  GLN B N   1 
ATOM   825  C CA  . GLN B 1 30 ? 6.594   -7.373  -15.172 1.00 46.86 ? 30  GLN B CA  1 
ATOM   826  C C   . GLN B 1 30 ? 5.535   -6.233  -15.132 1.00 47.41 ? 30  GLN B C   1 
ATOM   827  O O   . GLN B 1 30 ? 5.882   -5.085  -14.746 1.00 48.19 ? 30  GLN B O   1 
ATOM   828  C CB  . GLN B 1 30 ? 7.531   -7.141  -16.345 1.00 45.36 ? 30  GLN B CB  1 
ATOM   829  N N   . LYS B 1 31 ? 4.297   -6.535  -15.547 1.00 40.28 ? 31  LYS B N   1 
ATOM   830  C CA  . LYS B 1 31 ? 3.227   -5.544  -15.657 1.00 40.61 ? 31  LYS B CA  1 
ATOM   831  C C   . LYS B 1 31 ? 2.673   -5.136  -14.263 1.00 39.76 ? 31  LYS B C   1 
ATOM   832  O O   . LYS B 1 31 ? 2.407   -6.015  -13.410 1.00 43.73 ? 31  LYS B O   1 
ATOM   833  C CB  . LYS B 1 31 ? 2.099   -6.039  -16.547 1.00 41.74 ? 31  LYS B CB  1 
ATOM   834  N N   . ILE B 1 32 ? 2.546   -3.808  -14.080 1.00 36.75 ? 32  ILE B N   1 
ATOM   835  C CA  . ILE B 1 32 ? 2.156   -3.180  -12.816 1.00 36.54 ? 32  ILE B CA  1 
ATOM   836  C C   . ILE B 1 32 ? 0.825   -2.398  -12.937 1.00 32.56 ? 32  ILE B C   1 
ATOM   837  O O   . ILE B 1 32 ? 0.647   -1.563  -13.826 1.00 35.32 ? 32  ILE B O   1 
ATOM   838  C CB  . ILE B 1 32 ? 3.271   -2.229  -12.270 1.00 33.45 ? 32  ILE B CB  1 
ATOM   839  C CG1 . ILE B 1 32 ? 4.629   -2.906  -12.171 1.00 35.95 ? 32  ILE B CG1 1 
ATOM   840  C CG2 . ILE B 1 32 ? 2.916   -1.773  -10.853 1.00 29.41 ? 32  ILE B CG2 1 
ATOM   841  C CD1 . ILE B 1 32 ? 5.703   -1.975  -11.589 1.00 38.40 ? 32  ILE B CD1 1 
ATOM   842  N N   . TRP B 1 33 ? -0.106  -2.703  -12.021 1.00 36.86 ? 33  TRP B N   1 
ATOM   843  C CA  . TRP B 1 33 ? -1.310  -1.922  -11.780 1.00 38.04 ? 33  TRP B CA  1 
ATOM   844  C C   . TRP B 1 33 ? -1.085  -1.400  -10.371 1.00 37.20 ? 33  TRP B C   1 
ATOM   845  O O   . TRP B 1 33 ? -0.942  -2.228  -9.456  1.00 38.32 ? 33  TRP B O   1 
ATOM   846  C CB  . TRP B 1 33 ? -2.580  -2.831  -11.817 1.00 42.40 ? 33  TRP B CB  1 
ATOM   847  C CG  . TRP B 1 33 ? -2.809  -3.585  -13.143 1.00 52.43 ? 33  TRP B CG  1 
ATOM   848  C CD1 . TRP B 1 33 ? -3.683  -3.247  -14.103 1.00 60.00 ? 33  TRP B CD1 1 
ATOM   849  C CD2 . TRP B 1 33 ? -2.163  -4.796  -13.619 1.00 58.09 ? 33  TRP B CD2 1 
ATOM   850  N NE1 . TRP B 1 33 ? -3.640  -4.125  -15.162 1.00 54.27 ? 33  TRP B NE1 1 
ATOM   851  C CE2 . TRP B 1 33 ? -2.716  -5.092  -14.889 1.00 60.64 ? 33  TRP B CE2 1 
ATOM   852  C CE3 . TRP B 1 33 ? -1.182  -5.653  -13.101 1.00 60.08 ? 33  TRP B CE3 1 
ATOM   853  C CZ2 . TRP B 1 33 ? -2.310  -6.214  -15.657 1.00 64.20 ? 33  TRP B CZ2 1 
ATOM   854  C CZ3 . TRP B 1 33 ? -0.772  -6.753  -13.868 1.00 59.69 ? 33  TRP B CZ3 1 
ATOM   855  C CH2 . TRP B 1 33 ? -1.339  -7.021  -15.128 1.00 60.55 ? 33  TRP B CH2 1 
ATOM   856  N N   . ALA B 1 34 ? -1.085  -0.054  -10.215 1.00 32.13 ? 34  ALA B N   1 
ATOM   857  C CA  . ALA B 1 34 ? -0.849  0.655   -8.962  1.00 32.24 ? 34  ALA B CA  1 
ATOM   858  C C   . ALA B 1 34 ? -2.031  1.549   -8.513  1.00 30.33 ? 34  ALA B C   1 
ATOM   859  O O   . ALA B 1 34 ? -2.704  2.162   -9.324  1.00 31.91 ? 34  ALA B O   1 
ATOM   860  C CB  . ALA B 1 34 ? 0.386   1.549   -9.073  1.00 28.09 ? 34  ALA B CB  1 
ATOM   861  N N   . GLU B 1 35 ? -2.217  1.656   -7.208  1.00 30.79 ? 35  GLU B N   1 
ATOM   862  C CA  . GLU B 1 35 ? -3.154  2.634   -6.627  1.00 28.82 ? 35  GLU B CA  1 
ATOM   863  C C   . GLU B 1 35 ? -2.472  3.282   -5.426  1.00 28.41 ? 35  GLU B C   1 
ATOM   864  O O   . GLU B 1 35 ? -1.943  2.569   -4.554  1.00 32.68 ? 35  GLU B O   1 
ATOM   865  C CB  . GLU B 1 35 ? -4.486  1.985   -6.270  1.00 35.72 ? 35  GLU B CB  1 
ATOM   866  C CG  . GLU B 1 35 ? -5.539  3.012   -5.802  1.00 42.07 ? 35  GLU B CG  1 
ATOM   867  C CD  . GLU B 1 35 ? -6.954  2.425   -5.724  1.00 49.44 ? 35  GLU B CD  1 
ATOM   868  O OE1 . GLU B 1 35 ? -7.114  1.183   -5.887  1.00 46.56 ? 35  GLU B OE1 1 
ATOM   869  O OE2 . GLU B 1 35 ? -7.904  3.221   -5.511  1.00 52.06 ? 35  GLU B OE2 1 
ATOM   870  N N   . LEU B 1 36 ? -2.366  4.640   -5.407  1.00 26.57 ? 36  LEU B N   1 
ATOM   871  C CA  . LEU B 1 36 ? -1.685  5.311   -4.304  1.00 28.78 ? 36  LEU B CA  1 
ATOM   872  C C   . LEU B 1 36 ? -2.609  6.326   -3.672  1.00 29.78 ? 36  LEU B C   1 
ATOM   873  O O   . LEU B 1 36 ? -3.532  6.817   -4.301  1.00 27.55 ? 36  LEU B O   1 
ATOM   874  C CB  . LEU B 1 36 ? -0.406  6.078   -4.700  1.00 35.53 ? 36  LEU B CB  1 
ATOM   875  C CG  . LEU B 1 36 ? 0.643   5.641   -5.709  1.00 39.98 ? 36  LEU B CG  1 
ATOM   876  C CD1 . LEU B 1 36 ? 0.110   4.980   -6.970  1.00 38.35 ? 36  LEU B CD1 1 
ATOM   877  C CD2 . LEU B 1 36 ? 1.491   6.882   -6.022  1.00 48.96 ? 36  LEU B CD2 1 
ATOM   878  N N   . ASN B 1 37 ? -2.309  6.617   -2.425  1.00 28.00 ? 37  ASN B N   1 
ATOM   879  C CA  . ASN B 1 37 ? -2.909  7.672   -1.704  1.00 36.22 ? 37  ASN B CA  1 
ATOM   880  C C   . ASN B 1 37 ? -1.755  8.504   -1.146  1.00 36.45 ? 37  ASN B C   1 
ATOM   881  O O   . ASN B 1 37 ? -1.023  8.058   -0.278  1.00 31.89 ? 37  ASN B O   1 
ATOM   882  C CB  . ASN B 1 37 ? -3.800  7.112   -0.584  1.00 42.28 ? 37  ASN B CB  1 
ATOM   883  C CG  . ASN B 1 37 ? -5.035  7.966   -0.374  1.00 52.38 ? 37  ASN B CG  1 
ATOM   884  O OD1 . ASN B 1 37 ? -4.938  9.188   -0.356  1.00 42.27 ? 37  ASN B OD1 1 
ATOM   885  N ND2 . ASN B 1 37 ? -6.213  7.326   -0.271  1.00 62.50 ? 37  ASN B ND2 1 
ATOM   886  N N   . ILE B 1 38 ? -1.612  9.707   -1.673  1.00 30.11 ? 38  ILE B N   1 
ATOM   887  C CA  . ILE B 1 38 ? -0.597  10.656  -1.208  1.00 34.29 ? 38  ILE B CA  1 
ATOM   888  C C   . ILE B 1 38 ? -1.139  11.625  -0.191  1.00 35.24 ? 38  ILE B C   1 
ATOM   889  O O   . ILE B 1 38 ? -2.349  11.977  -0.216  1.00 39.86 ? 38  ILE B O   1 
ATOM   890  C CB  . ILE B 1 38 ? 0.000   11.495  -2.398  1.00 31.78 ? 38  ILE B CB  1 
ATOM   891  C CG1 . ILE B 1 38 ? -1.115  12.340  -3.086  1.00 37.56 ? 38  ILE B CG1 1 
ATOM   892  C CG2 . ILE B 1 38 ? 0.728   10.589  -3.417  1.00 41.30 ? 38  ILE B CG2 1 
ATOM   893  C CD1 . ILE B 1 38 ? -0.609  13.359  -4.031  1.00 34.67 ? 38  ILE B CD1 1 
ATOM   894  N N   . LEU B 1 39 ? -0.229  12.162  0.631   1.00 37.15 ? 39  LEU B N   1 
ATOM   895  C CA  . LEU B 1 39 ? -0.592  13.163  1.616   1.00 33.70 ? 39  LEU B CA  1 
ATOM   896  C C   . LEU B 1 39 ? -0.103  14.480  1.113   1.00 34.69 ? 39  LEU B C   1 
ATOM   897  O O   . LEU B 1 39 ? 1.043   14.614  0.733   1.00 38.79 ? 39  LEU B O   1 
ATOM   898  C CB  . LEU B 1 39 ? 0.081   12.917  2.982   1.00 38.00 ? 39  LEU B CB  1 
ATOM   899  C CG  . LEU B 1 39 ? -0.152  11.550  3.589   1.00 35.88 ? 39  LEU B CG  1 
ATOM   900  C CD1 . LEU B 1 39 ? 0.595   11.465  4.907   1.00 42.05 ? 39  LEU B CD1 1 
ATOM   901  C CD2 . LEU B 1 39 ? -1.650  11.341  3.747   1.00 38.98 ? 39  LEU B CD2 1 
ATOM   902  N N   . VAL B 1 40 ? -0.956  15.478  1.139   1.00 41.32 ? 40  VAL B N   1 
ATOM   903  C CA  . VAL B 1 40 ? -0.558  16.806  0.700   1.00 38.03 ? 40  VAL B CA  1 
ATOM   904  C C   . VAL B 1 40 ? -0.938  17.802  1.850   1.00 40.55 ? 40  VAL B C   1 
ATOM   905  O O   . VAL B 1 40 ? -1.651  17.415  2.725   1.00 35.78 ? 40  VAL B O   1 
ATOM   906  C CB  . VAL B 1 40 ? -1.227  17.063  -0.673  1.00 39.57 ? 40  VAL B CB  1 
ATOM   907  C CG1 . VAL B 1 40 ? -0.649  16.121  -1.747  1.00 39.95 ? 40  VAL B CG1 1 
ATOM   908  C CG2 . VAL B 1 40 ? -2.741  16.911  -0.628  1.00 39.76 ? 40  VAL B CG2 1 
ATOM   909  N N   . ASP B 1 41 ? -0.451  19.050  1.852   1.00 46.88 ? 41  ASP B N   1 
ATOM   910  C CA  . ASP B 1 41 ? -0.811  20.030  2.920   1.00 49.31 ? 41  ASP B CA  1 
ATOM   911  C C   . ASP B 1 41 ? -2.347  20.089  3.055   1.00 47.60 ? 41  ASP B C   1 
ATOM   912  O O   . ASP B 1 41 ? -3.033  20.311  2.045   1.00 43.60 ? 41  ASP B O   1 
ATOM   913  C CB  . ASP B 1 41 ? -0.194  21.418  2.615   1.00 53.77 ? 41  ASP B CB  1 
ATOM   914  C CG  . ASP B 1 41 ? -0.754  22.564  3.499   1.00 61.42 ? 41  ASP B CG  1 
ATOM   915  O OD1 . ASP B 1 41 ? -1.213  22.326  4.636   1.00 57.30 ? 41  ASP B OD1 1 
ATOM   916  O OD2 . ASP B 1 41 ? -0.711  23.736  3.035   1.00 68.88 ? 41  ASP B OD2 1 
ATOM   917  N N   . PRO B 1 42 ? -2.892  19.879  4.271   1.00 45.39 ? 42  PRO B N   1 
ATOM   918  C CA  . PRO B 1 42 ? -4.342  19.756  4.425   1.00 43.51 ? 42  PRO B CA  1 
ATOM   919  C C   . PRO B 1 42 ? -5.145  21.031  4.192   1.00 46.24 ? 42  PRO B C   1 
ATOM   920  O O   . PRO B 1 42 ? -6.356  20.969  3.957   1.00 40.49 ? 42  PRO B O   1 
ATOM   921  C CB  . PRO B 1 42 ? -4.495  19.275  5.851   1.00 51.63 ? 42  PRO B CB  1 
ATOM   922  C CG  . PRO B 1 42 ? -3.142  18.812  6.283   1.00 50.71 ? 42  PRO B CG  1 
ATOM   923  C CD  . PRO B 1 42 ? -2.218  19.717  5.574   1.00 49.81 ? 42  PRO B CD  1 
ATOM   924  N N   . ASP B 1 43 ? -4.468  22.179  4.236   1.00 44.43 ? 43  ASP B N   1 
ATOM   925  C CA  . ASP B 1 43 ? -5.055  23.425  3.843   1.00 49.86 ? 43  ASP B CA  1 
ATOM   926  C C   . ASP B 1 43 ? -4.806  23.727  2.353   1.00 44.28 ? 43  ASP B C   1 
ATOM   927  O O   . ASP B 1 43 ? -5.091  24.833  1.893   1.00 45.43 ? 43  ASP B O   1 
ATOM   928  C CB  . ASP B 1 43 ? -4.557  24.558  4.773   1.00 62.10 ? 43  ASP B CB  1 
ATOM   929  C CG  . ASP B 1 43 ? -4.976  24.330  6.242   1.00 65.85 ? 43  ASP B CG  1 
ATOM   930  O OD1 . ASP B 1 43 ? -4.360  23.466  6.903   1.00 63.61 ? 43  ASP B OD1 1 
ATOM   931  O OD2 . ASP B 1 43 ? -5.938  24.993  6.711   1.00 68.30 ? 43  ASP B OD2 1 
ATOM   932  N N   . SER B 1 44 ? -4.291  22.766  1.584   1.00 46.57 ? 44  SER B N   1 
ATOM   933  C CA  . SER B 1 44 ? -4.303  22.888  0.118   1.00 40.54 ? 44  SER B CA  1 
ATOM   934  C C   . SER B 1 44 ? -5.766  22.938  -0.306  1.00 36.01 ? 44  SER B C   1 
ATOM   935  O O   . SER B 1 44 ? -6.587  22.311  0.361   1.00 42.29 ? 44  SER B O   1 
ATOM   936  C CB  . SER B 1 44 ? -3.683  21.642  -0.571  1.00 44.29 ? 44  SER B CB  1 
ATOM   937  O OG  . SER B 1 44 ? -2.302  21.413  -0.320  1.00 52.36 ? 44  SER B OG  1 
ATOM   938  N N   . THR B 1 45 ? -6.076  23.579  -1.454  1.00 39.01 ? 45  THR B N   1 
ATOM   939  C CA  . THR B 1 45 ? -7.409  23.433  -2.080  1.00 40.14 ? 45  THR B CA  1 
ATOM   940  C C   . THR B 1 45 ? -7.528  22.008  -2.705  1.00 39.91 ? 45  THR B C   1 
ATOM   941  O O   . THR B 1 45 ? -6.521  21.317  -2.915  1.00 32.05 ? 45  THR B O   1 
ATOM   942  C CB  . THR B 1 45 ? -7.728  24.537  -3.132  1.00 38.90 ? 45  THR B CB  1 
ATOM   943  O OG1 . THR B 1 45 ? -6.959  24.386  -4.301  1.00 36.62 ? 45  THR B OG1 1 
ATOM   944  C CG2 . THR B 1 45 ? -7.394  25.956  -2.617  1.00 44.68 ? 45  THR B CG2 1 
ATOM   945  N N   . ILE B 1 46 ? -8.745  21.608  -3.036  1.00 35.43 ? 46  ILE B N   1 
ATOM   946  C CA  . ILE B 1 46 ? -8.985  20.362  -3.696  1.00 37.12 ? 46  ILE B CA  1 
ATOM   947  C C   . ILE B 1 46 ? -8.385  20.378  -5.089  1.00 38.36 ? 46  ILE B C   1 
ATOM   948  O O   . ILE B 1 46 ? -7.735  19.415  -5.481  1.00 31.48 ? 46  ILE B O   1 
ATOM   949  C CB  . ILE B 1 46 ? -10.486 19.975  -3.704  1.00 37.88 ? 46  ILE B CB  1 
ATOM   950  C CG1 . ILE B 1 46 ? -10.957 19.775  -2.251  1.00 40.50 ? 46  ILE B CG1 1 
ATOM   951  C CG2 . ILE B 1 46 ? -10.671 18.678  -4.476  1.00 36.42 ? 46  ILE B CG2 1 
ATOM   952  C CD1 . ILE B 1 46 ? -12.446 19.790  -2.086  1.00 44.24 ? 46  ILE B CD1 1 
ATOM   953  N N   . VAL B 1 47 ? -8.544  21.482  -5.818  1.00 36.92 ? 47  VAL B N   1 
ATOM   954  C CA  . VAL B 1 47 ? -7.844  21.640  -7.098  1.00 39.36 ? 47  VAL B CA  1 
ATOM   955  C C   . VAL B 1 47 ? -6.270  21.595  -6.951  1.00 28.66 ? 47  VAL B C   1 
ATOM   956  O O   . VAL B 1 47 ? -5.641  21.016  -7.784  1.00 30.71 ? 47  VAL B O   1 
ATOM   957  C CB  . VAL B 1 47 ? -8.277  22.909  -7.888  1.00 40.98 ? 47  VAL B CB  1 
ATOM   958  C CG1 . VAL B 1 47 ? -8.089  24.211  -7.090  1.00 44.52 ? 47  VAL B CG1 1 
ATOM   959  C CG2 . VAL B 1 47 ? -7.444  23.056  -9.147  1.00 42.00 ? 47  VAL B CG2 1 
ATOM   960  N N   . GLN B 1 48 ? -5.689  22.251  -5.961  1.00 30.23 ? 48  GLN B N   1 
ATOM   961  C CA  . GLN B 1 48 ? -4.269  22.062  -5.625  1.00 30.82 ? 48  GLN B CA  1 
ATOM   962  C C   . GLN B 1 48 ? -3.816  20.605  -5.415  1.00 33.29 ? 48  GLN B C   1 
ATOM   963  O O   . GLN B 1 48 ? -2.752  20.199  -5.904  1.00 28.63 ? 48  GLN B O   1 
ATOM   964  C CB  . GLN B 1 48 ? -3.897  22.828  -4.386  1.00 33.89 ? 48  GLN B CB  1 
ATOM   965  C CG  . GLN B 1 48 ? -3.673  24.274  -4.726  1.00 37.42 ? 48  GLN B CG  1 
ATOM   966  C CD  . GLN B 1 48 ? -3.533  25.234  -3.552  1.00 43.60 ? 48  GLN B CD  1 
ATOM   967  O OE1 . GLN B 1 48 ? -3.991  25.006  -2.408  1.00 42.68 ? 48  GLN B OE1 1 
ATOM   968  N NE2 . GLN B 1 48 ? -2.856  26.350  -3.841  1.00 43.19 ? 48  GLN B NE2 1 
ATOM   969  N N   . GLY B 1 49 ? -4.594  19.872  -4.624  1.00 30.36 ? 49  GLY B N   1 
ATOM   970  C CA  . GLY B 1 49 ? -4.402  18.434  -4.463  1.00 32.69 ? 49  GLY B CA  1 
ATOM   971  C C   . GLY B 1 49 ? -4.444  17.681  -5.770  1.00 27.88 ? 49  GLY B C   1 
ATOM   972  O O   . GLY B 1 49 ? -3.537  16.844  -6.013  1.00 30.90 ? 49  GLY B O   1 
ATOM   973  N N   . GLU B 1 50 ? -5.467  17.933  -6.581  1.00 27.06 ? 50  GLU B N   1 
ATOM   974  C CA  . GLU B 1 50 ? -5.579  17.330  -7.925  1.00 35.18 ? 50  GLU B CA  1 
ATOM   975  C C   . GLU B 1 50 ? -4.373  17.596  -8.808  1.00 29.93 ? 50  GLU B C   1 
ATOM   976  O O   . GLU B 1 50 ? -3.830  16.703  -9.467  1.00 28.75 ? 50  GLU B O   1 
ATOM   977  C CB  . GLU B 1 50 ? -6.805  17.837  -8.671  1.00 38.13 ? 50  GLU B CB  1 
ATOM   978  C CG  . GLU B 1 50 ? -7.225  16.941  -9.830  1.00 42.99 ? 50  GLU B CG  1 
ATOM   979  C CD  . GLU B 1 50 ? -8.378  17.517  -10.666 1.00 49.48 ? 50  GLU B CD  1 
ATOM   980  O OE1 . GLU B 1 50 ? -8.258  18.665  -11.143 1.00 59.10 ? 50  GLU B OE1 1 
ATOM   981  O OE2 . GLU B 1 50 ? -9.406  16.833  -10.871 1.00 50.74 ? 50  GLU B OE2 1 
ATOM   982  N N   . THR B 1 51 ? -3.954  18.839  -8.809  1.00 28.35 ? 51  THR B N   1 
ATOM   983  C CA  . THR B 1 51 ? -2.768  19.189  -9.517  1.00 28.22 ? 51  THR B CA  1 
ATOM   984  C C   . THR B 1 51 ? -1.549  18.364  -9.105  1.00 24.32 ? 51  THR B C   1 
ATOM   985  O O   . THR B 1 51 ? -0.831  17.839  -9.964  1.00 25.00 ? 51  THR B O   1 
ATOM   986  C CB  . THR B 1 51 ? -2.522  20.681  -9.291  1.00 30.41 ? 51  THR B CB  1 
ATOM   987  O OG1 . THR B 1 51 ? -3.604  21.362  -9.957  1.00 32.02 ? 51  THR B OG1 1 
ATOM   988  C CG2 . THR B 1 51 ? -1.195  21.100  -9.726  1.00 33.71 ? 51  THR B CG2 1 
ATOM   989  N N   . ILE B 1 52 ? -1.350  18.227  -7.816  1.00 28.03 ? 52  ILE B N   1 
ATOM   990  C CA  . ILE B 1 52 ? -0.264  17.398  -7.313  1.00 27.93 ? 52  ILE B CA  1 
ATOM   991  C C   . ILE B 1 52 ? -0.430  15.950  -7.664  1.00 27.73 ? 52  ILE B C   1 
ATOM   992  O O   . ILE B 1 52 ? 0.532   15.298  -8.137  1.00 30.83 ? 52  ILE B O   1 
ATOM   993  C CB  . ILE B 1 52 ? -0.093  17.544  -5.843  1.00 29.83 ? 52  ILE B CB  1 
ATOM   994  C CG1 . ILE B 1 52 ? 0.354   18.967  -5.516  1.00 35.75 ? 52  ILE B CG1 1 
ATOM   995  C CG2 . ILE B 1 52 ? 0.860   16.489  -5.307  1.00 32.95 ? 52  ILE B CG2 1 
ATOM   996  C CD1 . ILE B 1 52 ? -0.034  19.350  -4.092  1.00 42.09 ? 52  ILE B CD1 1 
ATOM   997  N N   . ALA B 1 53 ? -1.643  15.442  -7.440  1.00 24.08 ? 53  ALA B N   1 
ATOM   998  C CA  . ALA B 1 53 ? -1.966  14.076  -7.942  1.00 26.29 ? 53  ALA B CA  1 
ATOM   999  C C   . ALA B 1 53 ? -1.681  13.852  -9.404  1.00 26.28 ? 53  ALA B C   1 
ATOM   1000 O O   . ALA B 1 53 ? -1.046  12.806  -9.759  1.00 27.37 ? 53  ALA B O   1 
ATOM   1001 C CB  . ALA B 1 53 ? -3.403  13.685  -7.593  1.00 25.14 ? 53  ALA B CB  1 
ATOM   1002 N N   . SER B 1 54 ? -2.086  14.783  -10.282 1.00 27.11 ? 54  SER B N   1 
ATOM   1003 C CA  . SER B 1 54 ? -1.668  14.698  -11.701 1.00 30.65 ? 54  SER B CA  1 
ATOM   1004 C C   . SER B 1 54 ? -0.159  14.722  -12.000 1.00 26.77 ? 54  SER B C   1 
ATOM   1005 O O   . SER B 1 54 ? 0.283   14.026  -12.908 1.00 26.89 ? 54  SER B O   1 
ATOM   1006 C CB  . SER B 1 54 ? -2.385  15.763  -12.522 1.00 36.60 ? 54  SER B CB  1 
ATOM   1007 O OG  . SER B 1 54 ? -3.643  15.891  -11.934 1.00 37.01 ? 54  SER B OG  1 
ATOM   1008 N N   . ARG B 1 55 ? 0.567   15.560  -11.267 1.00 28.16 ? 55  ARG B N   1 
ATOM   1009 C CA  . ARG B 1 55 ? 1.984   15.655  -11.280 1.00 33.43 ? 55  ARG B CA  1 
ATOM   1010 C C   . ARG B 1 55 ? 2.604   14.272  -10.970 1.00 31.63 ? 55  ARG B C   1 
ATOM   1011 O O   . ARG B 1 55 ? 3.456   13.799  -11.700 1.00 28.37 ? 55  ARG B O   1 
ATOM   1012 C CB  . ARG B 1 55 ? 2.479   16.706  -10.265 1.00 34.53 ? 55  ARG B CB  1 
ATOM   1013 C CG  . ARG B 1 55 ? 4.025   16.764  -10.150 1.00 41.83 ? 55  ARG B CG  1 
ATOM   1014 C CD  . ARG B 1 55 ? 4.603   18.108  -9.710  1.00 41.36 ? 55  ARG B CD  1 
ATOM   1015 N NE  . ARG B 1 55 ? 3.753   19.187  -10.222 1.00 37.89 ? 55  ARG B NE  1 
ATOM   1016 C CZ  . ARG B 1 55 ? 3.186   20.144  -9.502  1.00 39.33 ? 55  ARG B CZ  1 
ATOM   1017 N NH1 . ARG B 1 55 ? 3.372   20.252  -8.184  1.00 46.87 ? 55  ARG B NH1 1 
ATOM   1018 N NH2 . ARG B 1 55 ? 2.430   21.022  -10.110 1.00 42.99 ? 55  ARG B NH2 1 
ATOM   1019 N N   . VAL B 1 56 ? 2.095   13.610  -9.931  1.00 29.19 ? 56  VAL B N   1 
ATOM   1020 C CA  . VAL B 1 56 ? 2.629   12.350  -9.488  1.00 28.77 ? 56  VAL B CA  1 
ATOM   1021 C C   . VAL B 1 56 ? 2.338   11.304  -10.516 1.00 29.44 ? 56  VAL B C   1 
ATOM   1022 O O   . VAL B 1 56 ? 3.195   10.503  -10.854 1.00 30.90 ? 56  VAL B O   1 
ATOM   1023 C CB  . VAL B 1 56 ? 1.959   11.894  -8.177  1.00 32.98 ? 56  VAL B CB  1 
ATOM   1024 C CG1 . VAL B 1 56 ? 2.312   10.427  -7.834  1.00 36.26 ? 56  VAL B CG1 1 
ATOM   1025 C CG2 . VAL B 1 56 ? 2.335   12.775  -7.004  1.00 30.45 ? 56  VAL B CG2 1 
ATOM   1026 N N   . LYS B 1 57 ? 1.105   11.282  -10.993 1.00 30.54 ? 57  LYS B N   1 
ATOM   1027 C CA  . LYS B 1 57 ? 0.755   10.369  -12.065 1.00 34.35 ? 57  LYS B CA  1 
ATOM   1028 C C   . LYS B 1 57 ? 1.690   10.435  -13.277 1.00 35.08 ? 57  LYS B C   1 
ATOM   1029 O O   . LYS B 1 57 ? 2.157   9.389   -13.788 1.00 33.19 ? 57  LYS B O   1 
ATOM   1030 C CB  . LYS B 1 57 ? -0.676  10.640  -12.539 1.00 31.82 ? 57  LYS B CB  1 
ATOM   1031 C CG  . LYS B 1 57 ? -1.268  9.509   -13.380 1.00 39.78 ? 57  LYS B CG  1 
ATOM   1032 C CD  . LYS B 1 57 ? -2.811  9.645   -13.545 1.00 40.88 ? 57  LYS B CD  1 
ATOM   1033 C CE  . LYS B 1 57 ? -3.402  8.458   -14.313 1.00 43.28 ? 57  LYS B CE  1 
ATOM   1034 N NZ  . LYS B 1 57 ? -4.890  8.210   -14.221 1.00 44.85 ? 57  LYS B NZ  1 
ATOM   1035 N N   . LYS B 1 58 ? 1.876   11.657  -13.763 1.00 33.84 ? 58  LYS B N   1 
ATOM   1036 C CA  . LYS B 1 58 ? 2.764   11.957  -14.886 1.00 35.50 ? 58  LYS B CA  1 
ATOM   1037 C C   . LYS B 1 58 ? 4.171   11.443  -14.639 1.00 29.69 ? 58  LYS B C   1 
ATOM   1038 O O   . LYS B 1 58 ? 4.694   10.670  -15.448 1.00 36.97 ? 58  LYS B O   1 
ATOM   1039 C CB  . LYS B 1 58 ? 2.709   13.455  -15.170 1.00 42.50 ? 58  LYS B CB  1 
ATOM   1040 C CG  . LYS B 1 58 ? 3.722   14.023  -16.152 1.00 43.07 ? 58  LYS B CG  1 
ATOM   1041 C CD  . LYS B 1 58 ? 3.218   15.341  -16.755 1.00 47.08 ? 58  LYS B CD  1 
ATOM   1042 C CE  . LYS B 1 58 ? 3.665   16.659  -16.074 1.00 47.57 ? 58  LYS B CE  1 
ATOM   1043 N NZ  . LYS B 1 58 ? 3.492   16.997  -14.609 1.00 41.46 ? 58  LYS B NZ  1 
ATOM   1044 N N   . ALA B 1 59 ? 4.749   11.804  -13.502 1.00 34.27 ? 59  ALA B N   1 
ATOM   1045 C CA  . ALA B 1 59 ? 6.062   11.322  -13.100 1.00 32.99 ? 59  ALA B CA  1 
ATOM   1046 C C   . ALA B 1 59 ? 6.173   9.806   -13.109 1.00 33.56 ? 59  ALA B C   1 
ATOM   1047 O O   . ALA B 1 59 ? 7.173   9.283   -13.618 1.00 33.45 ? 59  ALA B O   1 
ATOM   1048 C CB  . ALA B 1 59 ? 6.425   11.843  -11.730 1.00 35.41 ? 59  ALA B CB  1 
ATOM   1049 N N   . LEU B 1 60 ? 5.143   9.115   -12.612 1.00 35.40 ? 60  LEU B N   1 
ATOM   1050 C CA  . LEU B 1 60 ? 5.182   7.664   -12.478 1.00 31.21 ? 60  LEU B CA  1 
ATOM   1051 C C   . LEU B 1 60 ? 5.107   7.034   -13.794 1.00 30.61 ? 60  LEU B C   1 
ATOM   1052 O O   . LEU B 1 60 ? 5.946   6.161   -14.107 1.00 31.23 ? 60  LEU B O   1 
ATOM   1053 C CB  . LEU B 1 60 ? 4.041   7.094   -11.550 1.00 32.95 ? 60  LEU B CB  1 
ATOM   1054 C CG  . LEU B 1 60 ? 4.269   7.287   -10.031 1.00 30.43 ? 60  LEU B CG  1 
ATOM   1055 C CD1 . LEU B 1 60 ? 2.971   7.008   -9.277  1.00 34.88 ? 60  LEU B CD1 1 
ATOM   1056 C CD2 . LEU B 1 60 ? 5.398   6.484   -9.416  1.00 30.56 ? 60  LEU B CD2 1 
ATOM   1057 N N   . THR B 1 61 ? 4.194   7.512   -14.636 1.00 33.70 ? 61  THR B N   1 
ATOM   1058 C CA  . THR B 1 61 ? 4.017   6.823   -15.923 1.00 36.28 ? 61  THR B CA  1 
ATOM   1059 C C   . THR B 1 61 ? 5.239   7.005   -16.897 1.00 44.67 ? 61  THR B C   1 
ATOM   1060 O O   . THR B 1 61 ? 5.567   6.133   -17.678 1.00 43.23 ? 61  THR B O   1 
ATOM   1061 C CB  . THR B 1 61 ? 2.791   7.351   -16.635 1.00 34.13 ? 61  THR B CB  1 
ATOM   1062 O OG1 . THR B 1 61 ? 2.959   8.726   -16.887 1.00 31.51 ? 61  THR B OG1 1 
ATOM   1063 C CG2 . THR B 1 61 ? 1.498   7.177   -15.789 1.00 38.76 ? 61  THR B CG2 1 
ATOM   1064 N N   . GLU B 1 62 ? 5.906   8.152   -16.847 1.00 47.22 ? 62  GLU B N   1 
ATOM   1065 C CA  . GLU B 1 62 ? 7.171   8.260   -17.623 1.00 49.93 ? 62  GLU B CA  1 
ATOM   1066 C C   . GLU B 1 62 ? 8.440   7.667   -16.979 1.00 48.26 ? 62  GLU B C   1 
ATOM   1067 O O   . GLU B 1 62 ? 9.312   7.199   -17.700 1.00 58.42 ? 62  GLU B O   1 
ATOM   1068 C CB  . GLU B 1 62 ? 7.387   9.665   -18.183 1.00 49.71 ? 62  GLU B CB  1 
ATOM   1069 C CG  . GLU B 1 62 ? 7.378   10.843  -17.242 1.00 51.66 ? 62  GLU B CG  1 
ATOM   1070 C CD  . GLU B 1 62 ? 6.816   12.090  -17.895 1.00 56.03 ? 62  GLU B CD  1 
ATOM   1071 O OE1 . GLU B 1 62 ? 5.964   11.950  -18.795 1.00 60.53 ? 62  GLU B OE1 1 
ATOM   1072 O OE2 . GLU B 1 62 ? 7.193   13.230  -17.515 1.00 57.61 ? 62  GLU B OE2 1 
ATOM   1073 N N   . GLN B 1 63 ? 8.553   7.647   -15.659 1.00 44.33 ? 63  GLN B N   1 
ATOM   1074 C CA  . GLN B 1 63 ? 9.760   7.164   -15.000 1.00 42.61 ? 63  GLN B CA  1 
ATOM   1075 C C   . GLN B 1 63 ? 9.737   5.671   -14.751 1.00 47.89 ? 63  GLN B C   1 
ATOM   1076 O O   . GLN B 1 63 ? 10.785  5.085   -14.482 1.00 45.87 ? 63  GLN B O   1 
ATOM   1077 C CB  . GLN B 1 63 ? 10.041  7.891   -13.689 1.00 43.97 ? 63  GLN B CB  1 
ATOM   1078 C CG  . GLN B 1 63 ? 10.379  9.347   -13.915 1.00 39.41 ? 63  GLN B CG  1 
ATOM   1079 C CD  . GLN B 1 63 ? 10.755  10.080  -12.637 1.00 37.16 ? 63  GLN B CD  1 
ATOM   1080 O OE1 . GLN B 1 63 ? 11.581  9.625   -11.827 1.00 40.17 ? 63  GLN B OE1 1 
ATOM   1081 N NE2 . GLN B 1 63 ? 10.174  11.229  -12.462 1.00 36.66 ? 63  GLN B NE2 1 
ATOM   1082 N N   . ILE B 1 64 ? 8.581   5.034   -14.874 1.00 43.46 ? 64  ILE B N   1 
ATOM   1083 C CA  . ILE B 1 64 ? 8.468   3.608   -14.508 1.00 42.36 ? 64  ILE B CA  1 
ATOM   1084 C C   . ILE B 1 64 ? 7.813   2.865   -15.618 1.00 42.73 ? 64  ILE B C   1 
ATOM   1085 O O   . ILE B 1 64 ? 6.716   3.224   -16.068 1.00 43.26 ? 64  ILE B O   1 
ATOM   1086 C CB  . ILE B 1 64 ? 7.718   3.372   -13.204 1.00 44.17 ? 64  ILE B CB  1 
ATOM   1087 C CG1 . ILE B 1 64 ? 8.551   3.940   -12.031 1.00 46.82 ? 64  ILE B CG1 1 
ATOM   1088 C CG2 . ILE B 1 64 ? 7.463   1.881   -12.996 1.00 42.14 ? 64  ILE B CG2 1 
ATOM   1089 C CD1 . ILE B 1 64 ? 7.779   4.148   -10.766 1.00 45.55 ? 64  ILE B CD1 1 
ATOM   1090 N N   . ARG B 1 65 ? 8.479   1.749   -15.945 1.00 49.94 ? 65  ARG B N   1 
ATOM   1091 C CA  . ARG B 1 65 ? 8.224   0.962   -17.131 1.00 52.69 ? 65  ARG B CA  1 
ATOM   1092 C C   . ARG B 1 65 ? 7.260   -0.206  -16.797 1.00 43.22 ? 65  ARG B C   1 
ATOM   1093 O O   . ARG B 1 65 ? 7.303   -0.792  -15.721 1.00 41.24 ? 65  ARG B O   1 
ATOM   1094 C CB  . ARG B 1 65 ? 9.579   0.475   -17.715 1.00 58.77 ? 65  ARG B CB  1 
ATOM   1095 C CG  . ARG B 1 65 ? 10.594  1.600   -18.050 1.00 59.40 ? 65  ARG B CG  1 
ATOM   1096 C CD  . ARG B 1 65 ? 11.362  2.099   -16.806 1.00 60.76 ? 65  ARG B CD  1 
ATOM   1097 N NE  . ARG B 1 65 ? 12.520  2.995   -16.989 1.00 62.10 ? 65  ARG B NE  1 
ATOM   1098 C CZ  . ARG B 1 65 ? 12.484  4.328   -17.158 1.00 66.18 ? 65  ARG B CZ  1 
ATOM   1099 N NH1 . ARG B 1 65 ? 11.329  5.002   -17.254 1.00 70.50 ? 65  ARG B NH1 1 
ATOM   1100 N NH2 . ARG B 1 65 ? 13.627  5.003   -17.261 1.00 62.93 ? 65  ARG B NH2 1 
ATOM   1101 N N   . ASP B 1 66 ? 6.357   -0.494  -17.723 1.00 44.16 ? 66  ASP B N   1 
ATOM   1102 C CA  . ASP B 1 66 ? 5.393   -1.571  -17.603 1.00 45.21 ? 66  ASP B CA  1 
ATOM   1103 C C   . ASP B 1 66 ? 4.267   -1.198  -16.619 1.00 43.68 ? 66  ASP B C   1 
ATOM   1104 O O   . ASP B 1 66 ? 3.693   -2.081  -16.032 1.00 41.76 ? 66  ASP B O   1 
ATOM   1105 C CB  . ASP B 1 66 ? 6.073   -2.903  -17.202 1.00 55.82 ? 66  ASP B CB  1 
ATOM   1106 C CG  . ASP B 1 66 ? 7.402   -3.100  -17.912 1.00 56.27 ? 66  ASP B CG  1 
ATOM   1107 O OD1 . ASP B 1 66 ? 7.342   -3.104  -19.147 1.00 53.41 ? 66  ASP B OD1 1 
ATOM   1108 O OD2 . ASP B 1 66 ? 8.473   -3.154  -17.239 1.00 50.83 ? 66  ASP B OD2 1 
ATOM   1109 N N   . ILE B 1 67 ? 3.979   0.102   -16.474 1.00 43.87 ? 67  ILE B N   1 
ATOM   1110 C CA  . ILE B 1 67 ? 2.723   0.595   -15.860 1.00 47.63 ? 67  ILE B CA  1 
ATOM   1111 C C   . ILE B 1 67 ? 1.553   0.499   -16.830 1.00 48.89 ? 67  ILE B C   1 
ATOM   1112 O O   . ILE B 1 67 ? 1.430   1.268   -17.817 1.00 52.77 ? 67  ILE B O   1 
ATOM   1113 C CB  . ILE B 1 67 ? 2.731   2.068   -15.401 1.00 46.98 ? 67  ILE B CB  1 
ATOM   1114 C CG1 . ILE B 1 67 ? 3.870   2.351   -14.409 1.00 48.81 ? 67  ILE B CG1 1 
ATOM   1115 C CG2 . ILE B 1 67 ? 1.357   2.424   -14.782 1.00 42.56 ? 67  ILE B CG2 1 
ATOM   1116 C CD1 . ILE B 1 67 ? 3.700   1.762   -13.034 1.00 47.56 ? 67  ILE B CD1 1 
ATOM   1117 N N   . GLU B 1 68 ? 0.682   -0.427  -16.462 1.00 41.62 ? 68  GLU B N   1 
ATOM   1118 C CA  . GLU B 1 68 ? -0.597  -0.623  -17.091 1.00 46.13 ? 68  GLU B CA  1 
ATOM   1119 C C   . GLU B 1 68 ? -1.539  0.435   -16.572 1.00 43.68 ? 68  GLU B C   1 
ATOM   1120 O O   . GLU B 1 68 ? -2.133  1.191   -17.377 1.00 38.55 ? 68  GLU B O   1 
ATOM   1121 C CB  . GLU B 1 68 ? -1.074  -2.046  -16.789 1.00 51.40 ? 68  GLU B CB  1 
ATOM   1122 C CG  . GLU B 1 68 ? -0.105  -3.091  -17.324 1.00 58.67 ? 68  GLU B CG  1 
ATOM   1123 C CD  . GLU B 1 68 ? 0.282   -2.810  -18.770 1.00 69.06 ? 68  GLU B CD  1 
ATOM   1124 O OE1 . GLU B 1 68 ? -0.642  -2.767  -19.619 1.00 79.72 ? 68  GLU B OE1 1 
ATOM   1125 O OE2 . GLU B 1 68 ? 1.485   -2.587  -19.062 1.00 73.31 ? 68  GLU B OE2 1 
ATOM   1126 N N   . ARG B 1 69 ? -1.633  0.541   -15.226 1.00 42.67 ? 69  ARG B N   1 
ATOM   1127 C CA  . ARG B 1 69 ? -2.611  1.420   -14.541 1.00 39.93 ? 69  ARG B CA  1 
ATOM   1128 C C   . ARG B 1 69 ? -2.029  2.102   -13.296 1.00 36.73 ? 69  ARG B C   1 
ATOM   1129 O O   . ARG B 1 69 ? -1.317  1.483   -12.483 1.00 31.73 ? 69  ARG B O   1 
ATOM   1130 C CB  . ARG B 1 69 ? -3.813  0.572   -14.150 1.00 45.35 ? 69  ARG B CB  1 
ATOM   1131 C CG  . ARG B 1 69 ? -4.298  -0.307  -15.319 1.00 43.35 ? 69  ARG B CG  1 
ATOM   1132 C CD  . ARG B 1 69 ? -5.748  -0.744  -15.264 1.00 55.72 ? 69  ARG B CD  1 
ATOM   1133 N NE  . ARG B 1 69 ? -6.558  0.208   -14.482 1.00 61.03 ? 69  ARG B NE  1 
ATOM   1134 C CZ  . ARG B 1 69 ? -7.340  -0.066  -13.423 1.00 70.05 ? 69  ARG B CZ  1 
ATOM   1135 N NH1 . ARG B 1 69 ? -7.535  -1.315  -12.956 1.00 67.30 ? 69  ARG B NH1 1 
ATOM   1136 N NH2 . ARG B 1 69 ? -7.983  0.953   -12.842 1.00 76.07 ? 69  ARG B NH2 1 
ATOM   1137 N N   . VAL B 1 70 ? -2.346  3.385   -13.137 1.00 29.61 ? 70  VAL B N   1 
ATOM   1138 C CA  . VAL B 1 70 ? -2.016  4.130   -11.935 1.00 30.08 ? 70  VAL B CA  1 
ATOM   1139 C C   . VAL B 1 70 ? -3.120  5.152   -11.581 1.00 30.07 ? 70  VAL B C   1 
ATOM   1140 O O   . VAL B 1 70 ? -3.541  6.052   -12.403 1.00 30.04 ? 70  VAL B O   1 
ATOM   1141 C CB  . VAL B 1 70 ? -0.619  4.811   -12.019 1.00 33.48 ? 70  VAL B CB  1 
ATOM   1142 C CG1 . VAL B 1 70 ? -0.410  5.542   -13.289 1.00 33.63 ? 70  VAL B CG1 1 
ATOM   1143 C CG2 . VAL B 1 70 ? -0.328  5.746   -10.812 1.00 37.19 ? 70  VAL B CG2 1 
ATOM   1144 N N   . VAL B 1 71 ? -3.642  4.998   -10.369 1.00 25.33 ? 71  VAL B N   1 
ATOM   1145 C CA  . VAL B 1 71 ? -4.595  5.980   -9.825  1.00 22.66 ? 71  VAL B CA  1 
ATOM   1146 C C   . VAL B 1 71 ? -3.984  6.575   -8.598  1.00 23.10 ? 71  VAL B C   1 
ATOM   1147 O O   . VAL B 1 71 ? -3.382  5.838   -7.750  1.00 30.45 ? 71  VAL B O   1 
ATOM   1148 C CB  . VAL B 1 71 ? -5.912  5.195   -9.495  1.00 31.65 ? 71  VAL B CB  1 
ATOM   1149 C CG1 . VAL B 1 71 ? -6.797  6.019   -8.651  1.00 29.70 ? 71  VAL B CG1 1 
ATOM   1150 C CG2 . VAL B 1 71 ? -6.616  4.700   -10.763 1.00 36.58 ? 71  VAL B CG2 1 
ATOM   1151 N N   . VAL B 1 72 ? -4.129  7.897   -8.455  1.00 22.43 ? 72  VAL B N   1 
ATOM   1152 C CA  . VAL B 1 72 ? -3.574  8.629   -7.347  1.00 26.67 ? 72  VAL B CA  1 
ATOM   1153 C C   . VAL B 1 72 ? -4.696  9.388   -6.702  1.00 30.29 ? 72  VAL B C   1 
ATOM   1154 O O   . VAL B 1 72 ? -5.344  10.186  -7.378  1.00 31.99 ? 72  VAL B O   1 
ATOM   1155 C CB  . VAL B 1 72 ? -2.523  9.650   -7.745  1.00 27.12 ? 72  VAL B CB  1 
ATOM   1156 C CG1 . VAL B 1 72 ? -2.047  10.394  -6.545  1.00 28.35 ? 72  VAL B CG1 1 
ATOM   1157 C CG2 . VAL B 1 72 ? -1.358  9.011   -8.478  1.00 30.75 ? 72  VAL B CG2 1 
ATOM   1158 N N   . HIS B 1 73 ? -4.881  9.137   -5.415  1.00 26.50 ? 73  HIS B N   1 
ATOM   1159 C CA  . HIS B 1 73 ? -5.869  9.805   -4.606  1.00 26.93 ? 73  HIS B CA  1 
ATOM   1160 C C   . HIS B 1 73 ? -5.130  10.657  -3.676  1.00 26.18 ? 73  HIS B C   1 
ATOM   1161 O O   . HIS B 1 73 ? -3.957  10.487  -3.470  1.00 31.14 ? 73  HIS B O   1 
ATOM   1162 C CB  . HIS B 1 73 ? -6.784  8.743   -3.909  1.00 24.77 ? 73  HIS B CB  1 
ATOM   1163 C CG  . HIS B 1 73 ? -7.635  7.997   -4.873  1.00 28.41 ? 73  HIS B CG  1 
ATOM   1164 N ND1 . HIS B 1 73 ? -8.468  8.648   -5.750  1.00 32.21 ? 73  HIS B ND1 1 
ATOM   1165 C CD2 . HIS B 1 73 ? -7.774  6.669   -5.133  1.00 34.19 ? 73  HIS B CD2 1 
ATOM   1166 C CE1 . HIS B 1 73 ? -9.097  7.774   -6.505  1.00 30.95 ? 73  HIS B CE1 1 
ATOM   1167 N NE2 . HIS B 1 73 ? -8.722  6.568   -6.126  1.00 30.05 ? 73  HIS B NE2 1 
ATOM   1168 N N   . PHE B 1 74 ? -5.744  11.716  -3.203  1.00 26.58 ? 74  PHE B N   1 
ATOM   1169 C CA  . PHE B 1 74 ? -5.032  12.562  -2.288  1.00 32.61 ? 74  PHE B CA  1 
ATOM   1170 C C   . PHE B 1 74 ? -5.869  12.673  -1.049  1.00 32.93 ? 74  PHE B C   1 
ATOM   1171 O O   . PHE B 1 74 ? -7.026  12.343  -1.042  1.00 47.70 ? 74  PHE B O   1 
ATOM   1172 C CB  . PHE B 1 74 ? -4.645  13.903  -2.947  1.00 35.93 ? 74  PHE B CB  1 
ATOM   1173 C CG  . PHE B 1 74 ? -5.793  14.601  -3.579  1.00 31.66 ? 74  PHE B CG  1 
ATOM   1174 C CD1 . PHE B 1 74 ? -6.180  14.316  -4.919  1.00 28.83 ? 74  PHE B CD1 1 
ATOM   1175 C CD2 . PHE B 1 74 ? -6.488  15.529  -2.864  1.00 31.58 ? 74  PHE B CD2 1 
ATOM   1176 C CE1 . PHE B 1 74 ? -7.236  14.977  -5.467  1.00 29.87 ? 74  PHE B CE1 1 
ATOM   1177 C CE2 . PHE B 1 74 ? -7.567  16.190  -3.414  1.00 30.93 ? 74  PHE B CE2 1 
ATOM   1178 C CZ  . PHE B 1 74 ? -7.951  15.929  -4.701  1.00 27.93 ? 74  PHE B CZ  1 
ATOM   1179 N N   . GLU B 1 75 ? -5.223  13.070  0.007   1.00 40.22 ? 75  GLU B N   1 
ATOM   1180 C CA  . GLU B 1 75 ? -5.789  13.037  1.323   1.00 48.56 ? 75  GLU B CA  1 
ATOM   1181 C C   . GLU B 1 75 ? -5.001  14.031  2.089   1.00 50.01 ? 75  GLU B C   1 
ATOM   1182 O O   . GLU B 1 75 ? -3.833  14.317  1.673   1.00 34.75 ? 75  GLU B O   1 
ATOM   1183 C CB  . GLU B 1 75 ? -5.666  11.652  1.978   1.00 47.72 ? 75  GLU B CB  1 
ATOM   1184 C CG  . GLU B 1 75 ? -6.730  10.677  1.501   1.00 57.70 ? 75  GLU B CG  1 
ATOM   1185 C CD  . GLU B 1 75 ? -8.170  11.208  1.492   1.00 70.22 ? 75  GLU B CD  1 
ATOM   1186 O OE1 . GLU B 1 75 ? -8.560  12.066  2.330   1.00 76.42 ? 75  GLU B OE1 1 
ATOM   1187 O OE2 . GLU B 1 75 ? -8.936  10.723  0.628   1.00 76.55 ? 75  GLU B OE2 1 
ATOM   1188 N N   . PRO B 1 76 ? -5.625  14.580  3.175   1.00 55.67 ? 76  PRO B N   1 
ATOM   1189 C CA  . PRO B 1 76 ? -4.959  15.554  4.045   1.00 56.40 ? 76  PRO B CA  1 
ATOM   1190 C C   . PRO B 1 76 ? -3.751  14.936  4.755   1.00 63.88 ? 76  PRO B C   1 
ATOM   1191 O O   . PRO B 1 76 ? -3.799  13.753  5.115   1.00 71.17 ? 76  PRO B O   1 
ATOM   1192 C CB  . PRO B 1 76 ? -6.064  15.935  5.073   1.00 59.64 ? 76  PRO B CB  1 
ATOM   1193 C CG  . PRO B 1 76 ? -7.218  15.004  4.879   1.00 53.18 ? 76  PRO B CG  1 
ATOM   1194 C CD  . PRO B 1 76 ? -6.956  14.152  3.697   1.00 55.50 ? 76  PRO B CD  1 
ATOM   1195 N N   . ALA B 1 77 ? -2.681  15.718  4.919   1.00 68.46 ? 77  ALA B N   1 
ATOM   1196 C CA  . ALA B 1 77 ? -1.623  15.416  5.908   1.00 68.73 ? 77  ALA B CA  1 
ATOM   1197 C C   . ALA B 1 77 ? -2.156  15.431  7.354   1.00 71.06 ? 77  ALA B C   1 
ATOM   1198 O O   . ALA B 1 77 ? -1.450  15.056  8.311   1.00 64.22 ? 77  ALA B O   1 
ATOM   1199 C CB  . ALA B 1 77 ? -0.456  16.391  5.770   1.00 70.98 ? 77  ALA B CB  1 
HETATM 1200 O O   . HOH C 2 .  ? -2.859  -1.692  17.235  1.00 48.51 ? 101 HOH A O   1 
HETATM 1201 O O   . HOH C 2 .  ? 9.596   -9.542  2.602   1.00 46.23 ? 102 HOH A O   1 
HETATM 1202 O O   . HOH C 2 .  ? -13.170 -11.440 7.441   1.00 45.35 ? 103 HOH A O   1 
HETATM 1203 O O   . HOH C 2 .  ? 3.672   -4.736  0.375   1.00 36.86 ? 104 HOH A O   1 
HETATM 1204 O O   . HOH C 2 .  ? -10.366 -19.844 1.412   1.00 55.94 ? 105 HOH A O   1 
HETATM 1205 O O   . HOH C 2 .  ? -2.487  -5.535  -4.639  1.00 41.18 ? 106 HOH A O   1 
HETATM 1206 O O   . HOH C 2 .  ? -6.508  -14.839 12.590  1.00 43.65 ? 107 HOH A O   1 
HETATM 1207 O O   . HOH C 2 .  ? 4.015   -13.078 -11.939 1.00 49.95 ? 108 HOH A O   1 
HETATM 1208 O O   . HOH C 2 .  ? -11.157 -10.807 9.407   1.00 45.97 ? 109 HOH A O   1 
HETATM 1209 O O   . HOH C 2 .  ? -7.966  -2.310  9.847   1.00 58.88 ? 110 HOH A O   1 
HETATM 1210 O O   . HOH C 2 .  ? -5.484  1.697   5.664   1.00 46.26 ? 111 HOH A O   1 
HETATM 1211 O O   . HOH C 2 .  ? -0.205  -18.607 7.671   1.00 50.73 ? 112 HOH A O   1 
HETATM 1212 O O   . HOH C 2 .  ? 3.842   -10.336 -3.795  1.00 38.97 ? 113 HOH A O   1 
HETATM 1213 O O   . HOH C 2 .  ? -8.557  -17.829 -6.629  1.00 53.83 ? 114 HOH A O   1 
HETATM 1214 O O   . HOH C 2 .  ? 3.065   3.437   1.982   1.00 34.67 ? 115 HOH A O   1 
HETATM 1215 O O   . HOH C 2 .  ? -1.099  -7.951  20.249  1.00 45.85 ? 116 HOH A O   1 
HETATM 1216 O O   . HOH C 2 .  ? 2.854   -2.117  -2.493  1.00 39.86 ? 117 HOH A O   1 
HETATM 1217 O O   . HOH C 2 .  ? -6.680  3.386   8.066   1.00 45.59 ? 118 HOH A O   1 
HETATM 1218 O O   . HOH C 2 .  ? -8.336  0.040   9.081   1.00 54.22 ? 119 HOH A O   1 
HETATM 1219 O O   . HOH C 2 .  ? 8.897   -7.280  -11.498 1.00 46.90 ? 120 HOH A O   1 
HETATM 1220 O O   . HOH C 2 .  ? 3.631   -20.904 2.507   1.00 49.08 ? 121 HOH A O   1 
HETATM 1221 O O   . HOH C 2 .  ? -8.649  -12.185 -10.738 1.00 54.79 ? 122 HOH A O   1 
HETATM 1222 O O   . HOH D 2 .  ? -6.930  -9.571  -10.045 1.00 54.59 ? 101 HOH B O   1 
HETATM 1223 O O   . HOH D 2 .  ? 8.492   0.361   -7.473  1.00 51.57 ? 102 HOH B O   1 
HETATM 1224 O O   . HOH D 2 .  ? -2.694  1.622   -19.788 1.00 47.04 ? 103 HOH B O   1 
HETATM 1225 O O   . HOH D 2 .  ? -4.781  0.961   -10.394 1.00 52.13 ? 104 HOH B O   1 
HETATM 1226 O O   . HOH D 2 .  ? -0.177  18.547  -12.412 1.00 32.07 ? 105 HOH B O   1 
HETATM 1227 O O   . HOH D 2 .  ? 11.080  0.955   -14.098 1.00 54.88 ? 106 HOH B O   1 
HETATM 1228 O O   . HOH D 2 .  ? -6.032  21.486  7.660   1.00 53.19 ? 107 HOH B O   1 
HETATM 1229 O O   . HOH D 2 .  ? 1.177   19.741  -0.224  1.00 38.96 ? 108 HOH B O   1 
HETATM 1230 O O   . HOH D 2 .  ? 5.681   3.979   0.434   1.00 41.15 ? 109 HOH B O   1 
HETATM 1231 O O   . HOH D 2 .  ? 13.919  12.124  -2.249  1.00 50.37 ? 110 HOH B O   1 
HETATM 1232 O O   . HOH D 2 .  ? -0.755  22.172  -6.220  1.00 29.42 ? 111 HOH B O   1 
HETATM 1233 O O   . HOH D 2 .  ? -5.868  20.176  -11.290 1.00 44.52 ? 112 HOH B O   1 
HETATM 1234 O O   . HOH D 2 .  ? -5.426  9.154   -10.651 1.00 36.77 ? 113 HOH B O   1 
HETATM 1235 O O   . HOH D 2 .  ? 11.901  16.161  -2.088  1.00 42.49 ? 114 HOH B O   1 
HETATM 1236 O O   . HOH D 2 .  ? 10.110  -1.511  -6.945  1.00 40.92 ? 115 HOH B O   1 
HETATM 1237 O O   . HOH D 2 .  ? 5.792   19.521  -6.606  1.00 38.02 ? 116 HOH B O   1 
HETATM 1238 O O   . HOH D 2 .  ? 8.981   12.759  -14.744 1.00 49.16 ? 117 HOH B O   1 
HETATM 1239 O O   . HOH D 2 .  ? 6.200   -6.244  -11.847 1.00 52.92 ? 118 HOH B O   1 
HETATM 1240 O O   . HOH D 2 .  ? 6.779   -0.155  -6.389  1.00 44.56 ? 119 HOH B O   1 
HETATM 1241 O O   . HOH D 2 .  ? -3.474  -2.069  -7.685  1.00 38.88 ? 120 HOH B O   1 
HETATM 1242 O O   . HOH D 2 .  ? -3.926  24.127  -8.551  1.00 49.23 ? 121 HOH B O   1 
HETATM 1243 O O   . HOH D 2 .  ? 8.362   -10.524 -13.857 1.00 56.89 ? 122 HOH B O   1 
HETATM 1244 O O   . HOH D 2 .  ? -3.787  2.804   -1.943  1.00 42.45 ? 123 HOH B O   1 
HETATM 1245 O O   . HOH D 2 .  ? 7.748   19.090  -7.861  1.00 52.37 ? 124 HOH B O   1 
HETATM 1246 O O   . HOH D 2 .  ? 8.066   -3.240  -9.355  1.00 44.29 ? 125 HOH B O   1 
HETATM 1247 O O   . HOH D 2 .  ? 6.662   10.431  -0.112  1.00 27.40 ? 126 HOH B O   1 
# 
